data_2XK1
#
_entry.id   2XK1
#
_cell.length_a   154.898
_cell.length_b   92.348
_cell.length_c   143.829
_cell.angle_alpha   90.00
_cell.angle_beta   92.25
_cell.angle_gamma   90.00
#
_symmetry.space_group_name_H-M   'C 1 2 1'
#
loop_
_entity.id
_entity.type
_entity.pdbx_description
1 polymer 'D-ALANYL-D-ALANINE CARBOXYPEPTIDASE'
2 non-polymer [(1S)-1-{[(2-benzylphenyl)carbonyl]amino}ethyl](trihydroxy)borate(1-)
3 non-polymer 'SULFATE ION'
4 non-polymer 'COBALT (II) ION'
5 water water
#
_entity_poly.entity_id   1
_entity_poly.type   'polypeptide(L)'
_entity_poly.pdbx_seq_one_letter_code
;RLTELREDIDAILEDPALEGAVSGVVVVDTATGEELYSRDGGEQLLPASNMKLFTAAAALEVLGADHSFGTEVAAESAPG
RRGEVQDLYLVGRGDPTLSAEDLDAMAAEVAASGVRTVRGDLYADDTWFDSERLVDDWWPEDEPYAYSAQISALTVAHGE
RFDTGVTEVSVTPAAEGEPADVDLGAAEGYAELDNRAVTGAAGSANTLVIDRPVGTNTIAVTGSLPADAAPVTALRTVDE
PAALAGHLFEEALESNGVTVKGDVGLGGVPADWQDAEVLADHTSAELSEILVPFMKFSNNGHAEMLVKSIGQETAGAGTW
DAGLVGVEEALSGLGVDTAGLVLNDGSGLSRGNLVTADTVVDLLGQAGSAPWAQTWSASLPVAGESDPFVGGTLANRMRG
TAAEGVVEAKTGTMSGVSALSGYVPGPEGELAFSIVNNGHSGPAPLAVQDAIAVRLAEYAGHQAPE
;
_entity_poly.pdbx_strand_id   A,B,C,D
#
loop_
_chem_comp.id
_chem_comp.type
_chem_comp.name
_chem_comp.formula
CO non-polymer 'COBALT (II) ION' 'Co 2'
EWB non-polymer [(1S)-1-{[(2-benzylphenyl)carbonyl]amino}ethyl](trihydroxy)borate(1-) 'C16 H19 B N O4 -1'
SO4 non-polymer 'SULFATE ION' 'O4 S -2'
#
# COMPACT_ATOMS: atom_id res chain seq x y z
N ARG A 1 -25.66 -26.31 -33.17
CA ARG A 1 -24.39 -25.56 -32.95
C ARG A 1 -23.18 -26.50 -32.99
N LEU A 2 -23.04 -27.29 -31.93
CA LEU A 2 -21.90 -28.17 -31.67
C LEU A 2 -20.51 -27.50 -31.70
N THR A 3 -19.90 -27.41 -32.87
CA THR A 3 -18.61 -26.72 -33.05
C THR A 3 -18.78 -25.20 -32.86
N GLU A 4 -19.99 -24.74 -33.12
CA GLU A 4 -20.43 -23.37 -32.85
C GLU A 4 -20.56 -23.13 -31.34
N LEU A 5 -21.15 -24.10 -30.66
CA LEU A 5 -21.23 -24.12 -29.19
C LEU A 5 -19.83 -24.26 -28.60
N ARG A 6 -19.02 -25.11 -29.22
CA ARG A 6 -17.63 -25.27 -28.85
C ARG A 6 -16.94 -23.92 -28.89
N GLU A 7 -17.10 -23.21 -30.01
CA GLU A 7 -16.53 -21.87 -30.16
C GLU A 7 -16.99 -20.92 -29.06
N ASP A 8 -18.27 -20.99 -28.70
CA ASP A 8 -18.84 -20.17 -27.64
C ASP A 8 -18.19 -20.43 -26.27
N ILE A 9 -17.95 -21.70 -25.96
CA ILE A 9 -17.29 -22.06 -24.71
C ILE A 9 -15.76 -21.80 -24.76
N ASP A 10 -15.17 -21.98 -25.94
CA ASP A 10 -13.77 -21.59 -26.20
C ASP A 10 -13.55 -20.10 -25.92
N ALA A 11 -14.53 -19.29 -26.31
CA ALA A 11 -14.51 -17.85 -26.07
C ALA A 11 -14.55 -17.55 -24.57
N ILE A 12 -15.55 -18.10 -23.88
CA ILE A 12 -15.73 -17.92 -22.44
C ILE A 12 -14.47 -18.30 -21.66
N LEU A 13 -13.84 -19.41 -22.05
CA LEU A 13 -12.77 -20.02 -21.24
C LEU A 13 -11.41 -19.31 -21.23
N GLU A 14 -11.29 -18.22 -21.97
CA GLU A 14 -10.05 -17.45 -21.96
C GLU A 14 -10.04 -16.34 -20.90
N ASP A 15 -11.24 -15.98 -20.44
CA ASP A 15 -11.48 -14.91 -19.46
C ASP A 15 -10.31 -14.63 -18.49
N PRO A 16 -9.91 -13.35 -18.37
CA PRO A 16 -8.77 -12.96 -17.52
C PRO A 16 -8.87 -13.37 -16.06
N ALA A 17 -10.02 -13.88 -15.64
CA ALA A 17 -10.17 -14.43 -14.29
C ALA A 17 -9.50 -15.81 -14.16
N LEU A 18 -9.59 -16.62 -15.21
CA LEU A 18 -9.06 -17.99 -15.23
C LEU A 18 -7.56 -18.05 -15.51
N GLU A 19 -6.93 -16.88 -15.49
CA GLU A 19 -5.50 -16.72 -15.68
C GLU A 19 -4.72 -17.57 -14.68
N GLY A 20 -3.82 -18.39 -15.20
CA GLY A 20 -2.99 -19.28 -14.39
C GLY A 20 -3.68 -20.49 -13.78
N ALA A 21 -4.81 -20.92 -14.36
CA ALA A 21 -5.64 -21.98 -13.76
C ALA A 21 -5.98 -23.13 -14.70
N VAL A 22 -6.19 -24.31 -14.11
CA VAL A 22 -6.61 -25.51 -14.85
C VAL A 22 -8.12 -25.69 -14.74
N SER A 23 -8.76 -26.13 -15.82
CA SER A 23 -10.21 -26.24 -15.84
C SER A 23 -10.71 -27.46 -16.61
N GLY A 24 -11.25 -28.43 -15.87
CA GLY A 24 -11.95 -29.55 -16.48
C GLY A 24 -13.36 -29.13 -16.82
N VAL A 25 -13.62 -29.01 -18.12
CA VAL A 25 -14.93 -28.63 -18.66
C VAL A 25 -15.38 -29.73 -19.63
N VAL A 26 -16.48 -30.40 -19.28
CA VAL A 26 -16.96 -31.56 -20.04
C VAL A 26 -18.49 -31.53 -20.20
N VAL A 27 -18.97 -31.69 -21.43
CA VAL A 27 -20.41 -31.67 -21.72
C VAL A 27 -20.84 -32.92 -22.50
N VAL A 28 -21.94 -33.53 -22.08
CA VAL A 28 -22.44 -34.77 -22.68
C VAL A 28 -23.95 -34.79 -22.73
N ASP A 29 -24.49 -35.23 -23.87
CA ASP A 29 -25.92 -35.46 -23.99
C ASP A 29 -26.26 -36.79 -23.31
N THR A 30 -27.15 -36.73 -22.32
CA THR A 30 -27.61 -37.91 -21.58
C THR A 30 -28.17 -38.97 -22.52
N ALA A 31 -28.99 -38.52 -23.48
CA ALA A 31 -29.63 -39.41 -24.45
C ALA A 31 -28.65 -40.01 -25.47
N THR A 32 -28.00 -39.15 -26.26
CA THR A 32 -27.11 -39.58 -27.37
C THR A 32 -25.80 -40.22 -26.87
N GLY A 33 -25.48 -40.02 -25.59
CA GLY A 33 -24.22 -40.50 -25.02
C GLY A 33 -22.99 -39.74 -25.52
N GLU A 34 -23.17 -39.02 -26.63
CA GLU A 34 -22.09 -38.30 -27.28
C GLU A 34 -21.47 -37.22 -26.39
N GLU A 35 -20.18 -36.98 -26.59
CA GLU A 35 -19.46 -35.91 -25.92
C GLU A 35 -19.61 -34.63 -26.72
N LEU A 36 -20.01 -33.55 -26.05
CA LEU A 36 -20.35 -32.30 -26.72
C LEU A 36 -19.33 -31.18 -26.49
N TYR A 37 -18.44 -31.38 -25.50
CA TYR A 37 -17.30 -30.51 -25.25
C TYR A 37 -16.40 -31.21 -24.27
N SER A 38 -15.09 -31.11 -24.50
CA SER A 38 -14.10 -31.62 -23.54
C SER A 38 -12.82 -30.78 -23.55
N ARG A 39 -12.23 -30.64 -22.38
CA ARG A 39 -10.95 -29.96 -22.22
C ARG A 39 -10.42 -30.28 -20.83
N ASP A 40 -9.21 -30.84 -20.78
CA ASP A 40 -8.56 -31.33 -19.55
C ASP A 40 -9.52 -32.17 -18.68
N GLY A 41 -10.47 -32.81 -19.34
CA GLY A 41 -11.49 -33.64 -18.69
C GLY A 41 -10.91 -34.75 -17.84
N GLY A 42 -9.67 -35.12 -18.13
CA GLY A 42 -8.93 -36.09 -17.35
C GLY A 42 -7.83 -35.52 -16.46
N GLU A 43 -7.96 -34.27 -16.04
CA GLU A 43 -6.97 -33.65 -15.15
C GLU A 43 -7.42 -33.75 -13.68
N GLN A 44 -6.48 -34.08 -12.80
CA GLN A 44 -6.77 -34.24 -11.37
C GLN A 44 -6.78 -32.91 -10.63
N LEU A 45 -7.90 -32.61 -9.96
CA LEU A 45 -8.15 -31.32 -9.31
C LEU A 45 -8.98 -31.47 -8.05
N LEU A 46 -8.84 -30.56 -7.09
CA LEU A 46 -9.68 -30.59 -5.88
C LEU A 46 -11.10 -30.14 -6.23
N PRO A 47 -12.12 -30.93 -5.85
CA PRO A 47 -13.51 -30.60 -6.13
C PRO A 47 -14.21 -29.65 -5.16
N ALA A 48 -13.56 -29.33 -4.03
CA ALA A 48 -14.30 -28.81 -2.89
C ALA A 48 -15.65 -29.57 -2.86
N SER A 49 -16.75 -28.85 -2.67
CA SER A 49 -18.04 -29.49 -2.41
C SER A 49 -18.62 -30.37 -3.52
N ASN A 50 -18.05 -30.32 -4.72
CA ASN A 50 -18.49 -31.25 -5.78
C ASN A 50 -18.26 -32.70 -5.35
N MET A 51 -17.31 -32.90 -4.45
CA MET A 51 -17.11 -34.19 -3.81
C MET A 51 -18.46 -34.73 -3.35
N LYS A 52 -19.26 -33.84 -2.75
CA LYS A 52 -20.62 -34.19 -2.33
C LYS A 52 -21.42 -35.03 -3.33
N LEU A 53 -21.28 -34.78 -4.63
CA LEU A 53 -21.97 -35.60 -5.64
C LEU A 53 -21.64 -37.10 -5.50
N PHE A 54 -20.34 -37.39 -5.43
CA PHE A 54 -19.84 -38.73 -5.17
C PHE A 54 -20.41 -39.33 -3.87
N THR A 55 -20.42 -38.54 -2.78
CA THR A 55 -20.93 -38.99 -1.48
C THR A 55 -22.44 -39.28 -1.53
N ALA A 56 -23.20 -38.31 -2.06
CA ALA A 56 -24.65 -38.43 -2.27
C ALA A 56 -25.09 -39.68 -3.04
N ALA A 57 -24.35 -40.03 -4.09
CA ALA A 57 -24.72 -41.17 -4.93
C ALA A 57 -24.43 -42.48 -4.23
N ALA A 58 -23.26 -42.52 -3.60
CA ALA A 58 -22.82 -43.65 -2.80
C ALA A 58 -23.85 -43.95 -1.73
N ALA A 59 -24.27 -42.89 -1.03
CA ALA A 59 -25.18 -43.04 0.10
C ALA A 59 -26.50 -43.58 -0.39
N LEU A 60 -27.01 -42.99 -1.47
CA LEU A 60 -28.20 -43.50 -2.16
C LEU A 60 -28.06 -44.97 -2.52
N GLU A 61 -26.94 -45.37 -3.12
CA GLU A 61 -26.63 -46.78 -3.36
C GLU A 61 -26.64 -47.64 -2.08
N VAL A 62 -25.83 -47.26 -1.11
CA VAL A 62 -25.51 -48.12 0.01
C VAL A 62 -26.60 -48.14 1.07
N LEU A 63 -27.35 -47.05 1.18
CA LEU A 63 -28.42 -46.96 2.20
C LEU A 63 -29.83 -46.97 1.61
N GLY A 64 -29.97 -46.62 0.33
CA GLY A 64 -31.27 -46.60 -0.30
C GLY A 64 -31.99 -45.30 0.01
N ALA A 65 -32.73 -44.81 -0.98
CA ALA A 65 -33.41 -43.52 -0.90
C ALA A 65 -34.45 -43.44 0.24
N ASP A 66 -34.81 -44.57 0.83
CA ASP A 66 -35.79 -44.59 1.92
C ASP A 66 -35.21 -44.98 3.30
N HIS A 67 -33.89 -44.90 3.45
CA HIS A 67 -33.22 -45.22 4.73
C HIS A 67 -33.50 -44.15 5.78
N SER A 68 -33.82 -44.57 7.00
CA SER A 68 -34.09 -43.63 8.09
C SER A 68 -33.15 -43.81 9.33
N PHE A 69 -32.82 -42.71 9.97
CA PHE A 69 -31.87 -42.76 11.08
C PHE A 69 -32.57 -42.77 12.43
N GLY A 70 -31.98 -43.43 13.41
CA GLY A 70 -32.59 -43.57 14.72
C GLY A 70 -31.88 -42.91 15.89
N THR A 71 -32.66 -42.38 16.81
CA THR A 71 -32.16 -42.05 18.14
C THR A 71 -33.05 -42.79 19.13
N GLU A 72 -32.49 -43.18 20.28
CA GLU A 72 -33.30 -43.82 21.30
C GLU A 72 -32.80 -43.54 22.72
N VAL A 73 -33.63 -43.86 23.70
CA VAL A 73 -33.29 -43.70 25.10
C VAL A 73 -33.47 -45.05 25.80
N ALA A 74 -32.48 -45.45 26.59
CA ALA A 74 -32.53 -46.76 27.21
C ALA A 74 -32.09 -46.80 28.68
N ALA A 75 -32.76 -47.65 29.46
CA ALA A 75 -32.29 -48.02 30.79
C ALA A 75 -32.27 -49.54 30.92
N GLU A 76 -31.54 -50.04 31.92
CA GLU A 76 -31.33 -51.48 32.11
C GLU A 76 -32.64 -52.24 32.35
N SER A 77 -33.58 -51.62 33.05
CA SER A 77 -34.90 -52.18 33.29
C SER A 77 -35.97 -51.11 33.23
N ALA A 78 -37.23 -51.53 33.24
CA ALA A 78 -38.35 -50.60 33.32
C ALA A 78 -38.29 -49.84 34.65
N PRO A 79 -38.83 -48.60 34.70
CA PRO A 79 -38.84 -47.82 35.94
C PRO A 79 -39.52 -48.56 37.11
N GLY A 80 -39.04 -48.31 38.32
CA GLY A 80 -39.53 -49.00 39.51
C GLY A 80 -40.53 -48.19 40.30
N ARG A 81 -41.61 -48.86 40.71
CA ARG A 81 -42.80 -48.31 41.40
C ARG A 81 -42.90 -46.78 41.66
N ARG A 82 -41.91 -46.19 42.33
CA ARG A 82 -41.89 -44.74 42.55
C ARG A 82 -41.36 -44.00 41.31
N GLY A 83 -41.16 -44.76 40.22
CA GLY A 83 -40.75 -44.22 38.93
C GLY A 83 -39.26 -43.95 38.78
N GLU A 84 -38.42 -44.83 39.35
CA GLU A 84 -36.97 -44.58 39.39
C GLU A 84 -36.15 -45.50 38.49
N VAL A 85 -35.01 -44.97 38.04
CA VAL A 85 -33.98 -45.71 37.31
C VAL A 85 -32.59 -45.28 37.80
N GLN A 86 -31.55 -46.04 37.46
CA GLN A 86 -30.18 -45.61 37.79
C GLN A 86 -29.55 -44.76 36.67
N ASP A 87 -28.79 -45.41 35.78
CA ASP A 87 -28.22 -44.73 34.63
C ASP A 87 -29.19 -44.75 33.46
N LEU A 88 -28.95 -43.86 32.50
CA LEU A 88 -29.87 -43.60 31.39
C LEU A 88 -29.06 -43.19 30.16
N TYR A 89 -29.46 -43.65 28.98
CA TYR A 89 -28.64 -43.43 27.78
C TYR A 89 -29.41 -42.80 26.63
N LEU A 90 -28.89 -41.67 26.16
CA LEU A 90 -29.35 -41.08 24.90
C LEU A 90 -28.41 -41.59 23.83
N VAL A 91 -28.95 -42.31 22.86
CA VAL A 91 -28.13 -43.05 21.89
C VAL A 91 -28.37 -42.58 20.45
N GLY A 92 -27.34 -41.99 19.86
CA GLY A 92 -27.39 -41.57 18.47
C GLY A 92 -27.00 -42.72 17.57
N ARG A 93 -27.71 -42.88 16.46
CA ARG A 93 -27.23 -43.71 15.36
C ARG A 93 -27.18 -42.95 14.04
N GLY A 94 -26.65 -41.73 14.08
CA GLY A 94 -26.24 -41.02 12.86
C GLY A 94 -27.26 -40.14 12.18
N ASP A 95 -28.24 -39.66 12.94
CA ASP A 95 -29.33 -38.83 12.43
C ASP A 95 -28.77 -37.46 12.22
N PRO A 96 -28.63 -37.04 10.95
CA PRO A 96 -28.07 -35.74 10.64
C PRO A 96 -29.04 -34.58 10.78
N THR A 97 -30.20 -34.82 11.39
CA THR A 97 -31.24 -33.78 11.57
C THR A 97 -31.85 -33.76 12.98
N LEU A 98 -31.25 -34.46 13.93
CA LEU A 98 -31.85 -34.57 15.27
C LEU A 98 -31.91 -33.19 15.97
N SER A 99 -33.12 -32.73 16.28
CA SER A 99 -33.34 -31.34 16.69
C SER A 99 -33.70 -31.20 18.17
N ALA A 100 -33.59 -29.98 18.70
CA ALA A 100 -33.91 -29.72 20.10
C ALA A 100 -35.35 -30.08 20.44
N GLU A 101 -36.22 -29.96 19.44
CA GLU A 101 -37.63 -30.29 19.65
C GLU A 101 -37.80 -31.80 19.62
N ASP A 102 -36.98 -32.48 18.82
CA ASP A 102 -37.05 -33.94 18.74
C ASP A 102 -36.66 -34.52 20.08
N LEU A 103 -35.68 -33.87 20.71
CA LEU A 103 -35.21 -34.25 22.03
C LEU A 103 -36.36 -34.14 23.03
N ASP A 104 -37.02 -33.00 23.00
CA ASP A 104 -38.20 -32.74 23.80
C ASP A 104 -39.23 -33.87 23.78
N ALA A 105 -39.70 -34.22 22.58
CA ALA A 105 -40.66 -35.31 22.39
C ALA A 105 -40.17 -36.66 22.94
N MET A 106 -38.88 -36.92 22.79
CA MET A 106 -38.27 -38.11 23.39
C MET A 106 -38.25 -38.04 24.90
N ALA A 107 -37.96 -36.85 25.44
CA ALA A 107 -38.06 -36.66 26.86
C ALA A 107 -39.50 -36.97 27.31
N ALA A 108 -40.47 -36.34 26.66
CA ALA A 108 -41.88 -36.52 26.99
C ALA A 108 -42.26 -38.00 27.05
N GLU A 109 -41.65 -38.83 26.20
CA GLU A 109 -41.88 -40.26 26.21
C GLU A 109 -41.31 -40.91 27.45
N VAL A 110 -40.07 -40.58 27.79
CA VAL A 110 -39.44 -41.14 28.99
C VAL A 110 -40.32 -40.90 30.22
N ALA A 111 -40.91 -39.71 30.30
CA ALA A 111 -41.90 -39.38 31.33
C ALA A 111 -43.13 -40.29 31.20
N ALA A 112 -43.70 -40.32 29.99
CA ALA A 112 -44.92 -41.07 29.69
C ALA A 112 -44.82 -42.56 30.00
N SER A 113 -43.61 -43.11 29.84
CA SER A 113 -43.39 -44.53 30.14
C SER A 113 -42.97 -44.78 31.60
N GLY A 114 -43.24 -43.81 32.46
CA GLY A 114 -43.22 -44.04 33.91
C GLY A 114 -42.12 -43.42 34.74
N VAL A 115 -41.11 -42.85 34.08
CA VAL A 115 -39.93 -42.36 34.78
C VAL A 115 -40.13 -40.99 35.43
N ARG A 116 -39.98 -40.94 36.75
CA ARG A 116 -40.03 -39.68 37.51
C ARG A 116 -38.60 -39.24 37.82
N THR A 117 -37.68 -40.20 37.81
CA THR A 117 -36.31 -39.99 38.30
C THR A 117 -35.24 -40.80 37.55
N VAL A 118 -34.10 -40.14 37.28
CA VAL A 118 -32.85 -40.78 36.88
C VAL A 118 -31.92 -40.61 38.07
N ARG A 119 -31.94 -41.59 38.95
CA ARG A 119 -31.25 -41.50 40.24
C ARG A 119 -29.71 -41.65 40.12
N GLY A 120 -29.25 -41.96 38.91
CA GLY A 120 -27.81 -42.02 38.64
C GLY A 120 -27.41 -41.03 37.55
N ASP A 121 -26.56 -41.47 36.63
CA ASP A 121 -25.98 -40.59 35.62
C ASP A 121 -26.63 -40.76 34.24
N LEU A 122 -26.60 -39.71 33.46
CA LEU A 122 -27.07 -39.74 32.06
C LEU A 122 -25.87 -39.72 31.11
N TYR A 123 -25.79 -40.70 30.23
CA TYR A 123 -24.73 -40.70 29.23
C TYR A 123 -25.26 -40.32 27.84
N ALA A 124 -24.44 -39.58 27.10
CA ALA A 124 -24.65 -39.39 25.68
C ALA A 124 -23.86 -40.46 24.89
N ASP A 125 -24.57 -41.41 24.32
CA ASP A 125 -23.89 -42.53 23.62
C ASP A 125 -23.81 -42.27 22.12
N ASP A 126 -22.61 -41.98 21.62
CA ASP A 126 -22.39 -41.73 20.17
C ASP A 126 -21.44 -42.73 19.49
N THR A 127 -21.29 -43.89 20.12
CA THR A 127 -20.35 -44.91 19.69
C THR A 127 -20.73 -45.65 18.38
N TRP A 128 -21.80 -45.22 17.73
CA TRP A 128 -22.24 -45.88 16.50
C TRP A 128 -21.22 -45.54 15.44
N PHE A 129 -20.62 -44.37 15.60
CA PHE A 129 -19.48 -43.92 14.82
C PHE A 129 -18.29 -43.94 15.77
N ASP A 130 -17.08 -44.03 15.19
CA ASP A 130 -15.85 -43.85 15.96
C ASP A 130 -15.86 -42.43 16.48
N SER A 131 -14.82 -41.99 17.17
CA SER A 131 -14.82 -40.62 17.69
C SER A 131 -13.73 -39.75 17.06
N GLU A 132 -13.19 -40.16 15.92
CA GLU A 132 -12.33 -39.23 15.20
C GLU A 132 -13.25 -38.09 14.72
N ARG A 133 -13.10 -36.94 15.37
CA ARG A 133 -14.01 -35.79 15.21
C ARG A 133 -13.69 -34.86 14.05
N LEU A 134 -12.49 -34.98 13.46
CA LEU A 134 -12.11 -34.10 12.34
C LEU A 134 -11.11 -34.76 11.40
N VAL A 135 -11.15 -34.40 10.13
CA VAL A 135 -10.26 -35.01 9.14
C VAL A 135 -8.80 -34.56 9.25
N ASP A 136 -7.90 -35.53 9.30
CA ASP A 136 -6.47 -35.30 9.24
C ASP A 136 -6.11 -33.88 8.79
N ASP A 137 -6.44 -33.54 7.55
CA ASP A 137 -5.97 -32.32 6.90
C ASP A 137 -6.97 -31.20 6.80
N TRP A 138 -7.91 -31.16 7.75
CA TRP A 138 -8.82 -30.03 7.87
C TRP A 138 -7.99 -28.97 8.50
N TRP A 139 -8.28 -27.70 8.23
CA TRP A 139 -7.49 -26.63 8.89
C TRP A 139 -7.97 -26.27 10.29
N PRO A 140 -7.05 -26.34 11.28
CA PRO A 140 -7.34 -25.90 12.67
C PRO A 140 -8.13 -24.59 12.76
N GLU A 141 -7.66 -23.56 12.09
CA GLU A 141 -8.30 -22.24 12.18
C GLU A 141 -9.76 -22.16 11.68
N ASP A 142 -10.23 -23.18 10.97
CA ASP A 142 -11.62 -23.24 10.51
C ASP A 142 -12.56 -23.74 11.60
N GLU A 143 -12.02 -24.51 12.54
CA GLU A 143 -12.83 -25.27 13.51
C GLU A 143 -14.01 -24.52 14.16
N PRO A 144 -13.83 -23.26 14.58
CA PRO A 144 -14.98 -22.62 15.22
C PRO A 144 -16.25 -22.48 14.36
N TYR A 145 -16.09 -22.51 13.04
CA TYR A 145 -17.23 -22.23 12.15
C TYR A 145 -18.09 -23.47 11.86
N ALA A 146 -19.28 -23.24 11.31
CA ALA A 146 -20.25 -24.32 11.19
C ALA A 146 -19.76 -25.43 10.29
N TYR A 147 -19.23 -25.05 9.12
CA TYR A 147 -18.83 -26.03 8.13
C TYR A 147 -17.69 -26.95 8.61
N SER A 148 -17.07 -26.57 9.73
CA SER A 148 -16.00 -27.39 10.30
C SER A 148 -16.52 -28.21 11.45
N ALA A 149 -17.86 -28.30 11.51
CA ALA A 149 -18.51 -28.89 12.67
C ALA A 149 -17.88 -30.21 13.02
N GLN A 150 -17.77 -30.45 14.32
CA GLN A 150 -17.20 -31.71 14.76
C GLN A 150 -18.11 -32.84 14.25
N ILE A 151 -17.57 -34.04 14.09
CA ILE A 151 -18.39 -35.15 13.58
C ILE A 151 -18.63 -36.18 14.66
N SER A 152 -19.90 -36.48 14.89
CA SER A 152 -20.35 -37.33 15.98
C SER A 152 -21.66 -38.00 15.67
N ALA A 153 -21.82 -39.24 16.11
CA ALA A 153 -23.09 -39.95 15.91
C ALA A 153 -24.27 -39.23 16.54
N LEU A 154 -24.06 -38.68 17.74
CA LEU A 154 -25.12 -37.99 18.43
C LEU A 154 -24.79 -36.53 18.26
N THR A 155 -25.69 -35.77 17.65
CA THR A 155 -25.39 -34.38 17.25
C THR A 155 -26.73 -33.68 17.01
N VAL A 156 -26.84 -32.46 17.51
CA VAL A 156 -28.09 -31.76 17.46
C VAL A 156 -28.04 -30.79 16.30
N ALA A 157 -29.13 -30.72 15.56
CA ALA A 157 -29.14 -29.92 14.35
C ALA A 157 -29.99 -28.72 14.60
N HIS A 158 -29.43 -27.58 14.24
CA HIS A 158 -30.04 -26.30 14.52
C HIS A 158 -30.78 -25.77 13.29
N GLY A 159 -32.00 -25.30 13.53
CA GLY A 159 -32.83 -24.67 12.50
C GLY A 159 -33.23 -25.57 11.33
N GLU A 160 -34.09 -25.03 10.47
CA GLU A 160 -34.68 -25.80 9.35
C GLU A 160 -33.64 -26.37 8.37
N ARG A 161 -32.48 -25.71 8.23
CA ARG A 161 -31.40 -26.17 7.35
C ARG A 161 -30.54 -27.28 7.94
N PHE A 162 -30.86 -27.70 9.16
CA PHE A 162 -30.24 -28.84 9.80
C PHE A 162 -28.72 -28.79 9.73
N ASP A 163 -28.17 -27.69 10.24
CA ASP A 163 -26.72 -27.53 10.42
C ASP A 163 -26.35 -28.19 11.74
N THR A 164 -25.42 -29.14 11.72
CA THR A 164 -25.11 -29.93 12.92
C THR A 164 -23.95 -29.39 13.75
N GLY A 165 -23.93 -29.81 15.01
CA GLY A 165 -22.79 -29.58 15.90
C GLY A 165 -22.51 -28.15 16.26
N VAL A 166 -23.51 -27.29 16.13
CA VAL A 166 -23.34 -25.88 16.44
C VAL A 166 -24.27 -25.37 17.52
N THR A 167 -24.16 -24.07 17.75
CA THR A 167 -25.08 -23.34 18.56
C THR A 167 -25.16 -21.99 17.89
N GLU A 168 -26.29 -21.30 18.06
CA GLU A 168 -26.40 -19.93 17.59
C GLU A 168 -25.97 -18.98 18.70
N VAL A 169 -25.00 -18.11 18.41
CA VAL A 169 -24.53 -17.09 19.36
C VAL A 169 -25.13 -15.74 19.01
N SER A 170 -25.91 -15.23 19.96
CA SER A 170 -26.65 -13.99 19.82
C SER A 170 -25.80 -12.91 20.43
N VAL A 171 -25.57 -11.84 19.69
CA VAL A 171 -24.87 -10.68 20.23
C VAL A 171 -25.73 -9.44 19.99
N THR A 172 -26.10 -8.77 21.07
CA THR A 172 -27.06 -7.67 21.02
C THR A 172 -26.47 -6.45 21.74
N PRO A 173 -26.44 -5.29 21.06
CA PRO A 173 -25.76 -4.16 21.65
C PRO A 173 -26.52 -3.54 22.81
N ALA A 174 -25.78 -2.96 23.74
CA ALA A 174 -26.34 -2.05 24.71
C ALA A 174 -26.11 -0.64 24.15
N ALA A 175 -25.53 0.25 24.95
CA ALA A 175 -25.27 1.60 24.47
C ALA A 175 -23.77 1.90 24.44
N GLU A 176 -23.41 3.03 23.82
CA GLU A 176 -22.02 3.41 23.68
C GLU A 176 -21.32 3.29 25.04
N GLY A 177 -20.20 2.56 25.07
CA GLY A 177 -19.40 2.42 26.29
C GLY A 177 -19.77 1.15 27.02
N GLU A 178 -21.07 0.91 27.10
CA GLU A 178 -21.59 -0.29 27.75
C GLU A 178 -21.24 -1.54 26.95
N PRO A 179 -20.95 -2.66 27.66
CA PRO A 179 -20.66 -3.93 27.00
C PRO A 179 -21.89 -4.48 26.25
N ALA A 180 -21.72 -5.58 25.53
CA ALA A 180 -22.79 -6.17 24.75
C ALA A 180 -23.26 -7.48 25.37
N ASP A 181 -24.55 -7.78 25.20
CA ASP A 181 -25.08 -9.03 25.71
C ASP A 181 -24.83 -10.14 24.70
N VAL A 182 -24.25 -11.24 25.18
CA VAL A 182 -23.95 -12.38 24.33
C VAL A 182 -24.70 -13.62 24.85
N ASP A 183 -25.47 -14.25 23.97
CA ASP A 183 -26.08 -15.54 24.23
C ASP A 183 -25.39 -16.67 23.48
N LEU A 184 -25.19 -17.79 24.16
CA LEU A 184 -24.65 -18.96 23.50
C LEU A 184 -25.76 -19.88 22.95
N GLY A 185 -27.02 -19.51 23.11
CA GLY A 185 -28.11 -20.34 22.63
C GLY A 185 -28.07 -21.74 23.20
N ALA A 186 -28.31 -22.74 22.37
CA ALA A 186 -28.37 -24.13 22.80
C ALA A 186 -27.19 -24.55 23.65
N ALA A 187 -26.03 -23.92 23.43
CA ALA A 187 -24.83 -24.27 24.19
C ALA A 187 -24.71 -23.63 25.56
N GLU A 188 -25.74 -22.89 26.00
CA GLU A 188 -25.71 -22.26 27.34
C GLU A 188 -25.60 -23.29 28.48
N GLY A 189 -24.64 -23.05 29.38
CA GLY A 189 -24.40 -23.98 30.49
C GLY A 189 -23.78 -25.28 30.02
N TYR A 190 -23.33 -25.27 28.75
CA TYR A 190 -22.48 -26.32 28.22
C TYR A 190 -21.08 -25.79 27.90
N ALA A 191 -21.03 -24.78 27.03
CA ALA A 191 -19.78 -24.11 26.68
C ALA A 191 -19.55 -22.86 27.54
N GLU A 192 -18.27 -22.57 27.80
CA GLU A 192 -17.89 -21.33 28.49
C GLU A 192 -18.12 -20.12 27.60
N LEU A 193 -18.32 -18.98 28.23
CA LEU A 193 -18.46 -17.72 27.53
C LEU A 193 -17.43 -16.75 28.11
N ASP A 194 -16.72 -16.08 27.20
CA ASP A 194 -15.76 -15.05 27.55
C ASP A 194 -16.08 -13.87 26.66
N ASN A 195 -16.97 -13.02 27.19
CA ASN A 195 -17.51 -11.85 26.52
C ASN A 195 -16.74 -10.58 26.88
N ARG A 196 -15.81 -10.20 26.02
CA ARG A 196 -15.09 -8.95 26.15
C ARG A 196 -15.66 -7.94 25.15
N ALA A 197 -16.85 -8.22 24.63
CA ALA A 197 -17.44 -7.42 23.56
C ALA A 197 -18.05 -6.16 24.13
N VAL A 198 -18.13 -5.13 23.30
CA VAL A 198 -18.62 -3.84 23.72
C VAL A 198 -19.31 -3.07 22.61
N THR A 199 -20.51 -2.60 22.91
CA THR A 199 -21.22 -1.65 22.07
C THR A 199 -20.42 -0.36 21.93
N GLY A 200 -20.20 0.03 20.68
CA GLY A 200 -19.56 1.30 20.36
C GLY A 200 -20.59 2.34 19.94
N ALA A 201 -20.13 3.57 19.75
CA ALA A 201 -21.04 4.65 19.35
C ALA A 201 -21.77 4.30 18.04
N ALA A 202 -22.96 4.86 17.88
CA ALA A 202 -23.80 4.55 16.73
C ALA A 202 -23.03 4.79 15.44
N GLY A 203 -23.20 3.89 14.48
CA GLY A 203 -22.55 4.01 13.18
C GLY A 203 -21.04 4.21 13.29
N SER A 204 -20.37 3.29 13.96
CA SER A 204 -18.93 3.34 14.05
C SER A 204 -18.33 2.01 13.62
N ALA A 205 -17.06 1.83 13.95
CA ALA A 205 -16.28 0.68 13.52
C ALA A 205 -16.84 -0.64 14.03
N ASN A 206 -17.44 -1.42 13.12
CA ASN A 206 -17.80 -2.81 13.44
C ASN A 206 -16.59 -3.73 13.33
N THR A 207 -16.27 -4.37 14.45
CA THR A 207 -15.03 -5.08 14.66
C THR A 207 -15.29 -6.29 15.52
N LEU A 208 -16.53 -6.77 15.46
CA LEU A 208 -16.96 -7.87 16.32
C LEU A 208 -16.30 -9.14 15.79
N VAL A 209 -16.10 -10.10 16.68
CA VAL A 209 -15.43 -11.35 16.37
C VAL A 209 -15.98 -12.38 17.33
N ILE A 210 -16.56 -13.44 16.80
CA ILE A 210 -17.03 -14.53 17.63
C ILE A 210 -16.12 -15.70 17.35
N ASP A 211 -15.43 -16.16 18.40
CA ASP A 211 -14.43 -17.20 18.22
C ASP A 211 -14.60 -18.33 19.22
N ARG A 212 -13.96 -19.45 18.92
CA ARG A 212 -13.76 -20.53 19.87
C ARG A 212 -12.32 -20.89 19.68
N PRO A 213 -11.44 -20.38 20.59
CA PRO A 213 -9.99 -20.59 20.56
C PRO A 213 -9.69 -22.08 20.44
N VAL A 214 -8.85 -22.43 19.48
CA VAL A 214 -8.52 -23.82 19.20
C VAL A 214 -8.35 -24.70 20.46
N GLY A 215 -8.97 -25.87 20.44
CA GLY A 215 -8.79 -26.83 21.52
C GLY A 215 -9.61 -26.55 22.77
N THR A 216 -10.42 -25.49 22.75
CA THR A 216 -11.23 -25.10 23.89
C THR A 216 -12.71 -25.24 23.61
N ASN A 217 -13.50 -25.32 24.67
CA ASN A 217 -14.94 -25.20 24.54
C ASN A 217 -15.45 -23.86 25.07
N THR A 218 -14.71 -22.78 24.78
CA THR A 218 -15.06 -21.43 25.21
C THR A 218 -15.42 -20.51 24.06
N ILE A 219 -16.60 -19.88 24.12
CA ILE A 219 -16.93 -18.82 23.17
C ILE A 219 -16.33 -17.46 23.56
N ALA A 220 -15.34 -17.06 22.77
CA ALA A 220 -14.65 -15.81 22.98
C ALA A 220 -15.24 -14.72 22.12
N VAL A 221 -15.93 -13.76 22.72
CA VAL A 221 -16.31 -12.57 21.99
C VAL A 221 -15.35 -11.41 22.35
N THR A 222 -15.01 -10.60 21.35
CA THR A 222 -14.08 -9.49 21.49
C THR A 222 -14.43 -8.46 20.44
N GLY A 223 -13.98 -7.23 20.67
CA GLY A 223 -14.22 -6.14 19.72
C GLY A 223 -15.42 -5.29 20.07
N SER A 224 -15.85 -4.48 19.10
CA SER A 224 -16.92 -3.51 19.29
C SER A 224 -18.06 -3.79 18.30
N LEU A 225 -19.25 -3.30 18.67
CA LEU A 225 -20.43 -3.37 17.82
C LEU A 225 -21.21 -2.06 17.96
N PRO A 226 -21.57 -1.42 16.82
CA PRO A 226 -22.26 -0.13 16.93
C PRO A 226 -23.70 -0.24 17.45
N ALA A 227 -24.09 0.70 18.32
CA ALA A 227 -25.40 0.72 18.94
C ALA A 227 -26.59 0.62 17.96
N ASP A 228 -26.51 1.34 16.84
CA ASP A 228 -27.58 1.31 15.84
C ASP A 228 -27.63 0.02 15.01
N ALA A 229 -26.58 -0.80 15.12
CA ALA A 229 -26.47 -2.01 14.32
C ALA A 229 -27.48 -3.07 14.75
N ALA A 230 -27.91 -3.89 13.79
CA ALA A 230 -28.85 -4.98 14.05
C ALA A 230 -28.16 -6.09 14.84
N PRO A 231 -28.90 -6.73 15.76
CA PRO A 231 -28.41 -7.90 16.48
C PRO A 231 -27.80 -8.99 15.57
N VAL A 232 -26.56 -9.36 15.88
CA VAL A 232 -25.83 -10.41 15.19
C VAL A 232 -26.14 -11.80 15.76
N THR A 233 -26.91 -12.61 15.02
CA THR A 233 -26.91 -14.07 15.23
C THR A 233 -25.60 -14.58 14.63
N ALA A 234 -25.18 -15.77 15.02
CA ALA A 234 -23.99 -16.38 14.45
C ALA A 234 -23.82 -17.82 14.85
N LEU A 235 -23.56 -18.66 13.86
CA LEU A 235 -23.40 -20.09 14.05
C LEU A 235 -21.97 -20.45 14.41
N ARG A 236 -21.82 -21.18 15.51
CA ARG A 236 -20.49 -21.52 16.01
C ARG A 236 -20.53 -22.90 16.57
N THR A 237 -19.41 -23.60 16.41
CA THR A 237 -19.26 -24.98 16.81
C THR A 237 -19.03 -25.12 18.30
N VAL A 238 -19.08 -26.36 18.75
CA VAL A 238 -18.76 -26.71 20.13
C VAL A 238 -17.94 -27.99 20.09
N ASP A 239 -17.20 -28.23 21.15
CA ASP A 239 -16.49 -29.48 21.27
C ASP A 239 -17.48 -30.55 21.75
N GLU A 240 -17.15 -31.82 21.52
CA GLU A 240 -18.04 -32.95 21.83
C GLU A 240 -19.56 -32.69 21.69
N PRO A 241 -20.04 -32.59 20.42
CA PRO A 241 -21.44 -32.42 20.04
C PRO A 241 -22.41 -33.38 20.73
N ALA A 242 -21.99 -34.61 20.97
CA ALA A 242 -22.81 -35.50 21.80
C ALA A 242 -22.89 -35.01 23.29
N ALA A 243 -21.83 -34.46 23.86
CA ALA A 243 -21.98 -33.91 25.20
C ALA A 243 -22.99 -32.77 25.23
N LEU A 244 -22.99 -31.93 24.20
CA LEU A 244 -23.99 -30.87 24.12
C LEU A 244 -25.40 -31.48 24.05
N ALA A 245 -25.58 -32.47 23.17
CA ALA A 245 -26.84 -33.22 23.05
C ALA A 245 -27.21 -33.85 24.38
N GLY A 246 -26.24 -34.43 25.08
CA GLY A 246 -26.49 -34.86 26.45
C GLY A 246 -27.13 -33.72 27.26
N HIS A 247 -26.42 -32.60 27.36
CA HIS A 247 -26.86 -31.45 28.16
C HIS A 247 -28.27 -30.99 27.76
N LEU A 248 -28.54 -30.96 26.45
CA LEU A 248 -29.83 -30.48 25.98
C LEU A 248 -30.91 -31.44 26.42
N PHE A 249 -30.54 -32.71 26.47
CA PHE A 249 -31.51 -33.73 26.83
C PHE A 249 -31.81 -33.74 28.34
N GLU A 250 -30.79 -33.42 29.15
CA GLU A 250 -30.96 -33.16 30.58
C GLU A 250 -32.00 -32.07 30.71
N GLU A 251 -31.73 -30.94 30.05
CA GLU A 251 -32.70 -29.85 29.97
C GLU A 251 -34.08 -30.38 29.57
N ALA A 252 -34.17 -31.11 28.45
CA ALA A 252 -35.46 -31.67 28.05
C ALA A 252 -36.18 -32.47 29.15
N LEU A 253 -35.44 -33.37 29.82
CA LEU A 253 -36.03 -34.24 30.84
C LEU A 253 -36.57 -33.49 32.04
N GLU A 254 -35.72 -32.66 32.65
CA GLU A 254 -36.13 -31.82 33.80
C GLU A 254 -37.39 -31.03 33.43
N SER A 255 -37.40 -30.50 32.20
CA SER A 255 -38.54 -29.76 31.65
C SER A 255 -39.81 -30.60 31.38
N ASN A 256 -39.70 -31.92 31.50
CA ASN A 256 -40.87 -32.80 31.46
C ASN A 256 -41.11 -33.52 32.79
N GLY A 257 -40.62 -32.92 33.87
CA GLY A 257 -40.79 -33.47 35.21
C GLY A 257 -39.94 -34.68 35.54
N VAL A 258 -38.84 -34.87 34.82
CA VAL A 258 -37.89 -35.95 35.10
C VAL A 258 -36.58 -35.43 35.70
N THR A 259 -36.40 -35.65 37.00
CA THR A 259 -35.24 -35.15 37.72
C THR A 259 -33.98 -35.99 37.45
N VAL A 260 -32.89 -35.33 37.05
CA VAL A 260 -31.63 -36.04 36.83
C VAL A 260 -30.61 -35.70 37.94
N LYS A 261 -30.42 -36.63 38.87
CA LYS A 261 -29.58 -36.37 40.05
C LYS A 261 -28.06 -36.47 39.83
N GLY A 262 -27.64 -37.06 38.71
CA GLY A 262 -26.21 -37.28 38.45
C GLY A 262 -25.59 -36.46 37.34
N ASP A 263 -24.36 -36.80 36.96
CA ASP A 263 -23.64 -36.08 35.93
C ASP A 263 -24.18 -36.41 34.53
N VAL A 264 -23.95 -35.50 33.60
CA VAL A 264 -24.14 -35.77 32.19
C VAL A 264 -22.74 -35.89 31.59
N GLY A 265 -22.56 -36.84 30.69
CA GLY A 265 -21.27 -37.04 30.05
C GLY A 265 -21.35 -38.16 29.05
N LEU A 266 -20.24 -38.42 28.36
CA LEU A 266 -20.20 -39.40 27.29
C LEU A 266 -20.10 -40.83 27.85
N GLY A 267 -20.75 -41.77 27.17
CA GLY A 267 -20.76 -43.17 27.57
C GLY A 267 -21.48 -44.05 26.56
N GLY A 268 -21.01 -45.29 26.42
CA GLY A 268 -21.67 -46.28 25.60
C GLY A 268 -22.56 -47.21 26.41
N VAL A 269 -23.71 -47.57 25.84
CA VAL A 269 -24.57 -48.58 26.43
C VAL A 269 -23.78 -49.86 26.67
N PRO A 270 -23.59 -50.24 27.96
CA PRO A 270 -22.75 -51.36 28.38
C PRO A 270 -23.14 -52.68 27.71
N ALA A 271 -22.18 -53.57 27.58
CA ALA A 271 -22.48 -54.85 26.96
C ALA A 271 -23.26 -55.76 27.92
N ASP A 272 -23.11 -55.53 29.22
CA ASP A 272 -23.76 -56.37 30.22
C ASP A 272 -25.28 -56.14 30.30
N TRP A 273 -25.76 -55.09 29.62
CA TRP A 273 -27.20 -54.84 29.44
C TRP A 273 -27.80 -55.71 28.32
N GLN A 274 -28.32 -56.88 28.68
CA GLN A 274 -28.92 -57.76 27.70
C GLN A 274 -30.42 -57.54 27.45
N ASP A 275 -31.17 -57.13 28.47
CA ASP A 275 -32.54 -56.67 28.21
C ASP A 275 -32.81 -55.22 28.56
N ALA A 276 -32.14 -54.35 27.81
CA ALA A 276 -32.32 -52.90 27.90
C ALA A 276 -33.74 -52.51 27.52
N GLU A 277 -34.22 -51.47 28.20
CA GLU A 277 -35.56 -50.95 28.07
C GLU A 277 -35.52 -49.69 27.22
N VAL A 278 -36.01 -49.78 25.98
CA VAL A 278 -36.04 -48.61 25.10
C VAL A 278 -37.26 -47.74 25.42
N LEU A 279 -37.05 -46.81 26.37
CA LEU A 279 -38.07 -45.92 26.88
C LEU A 279 -38.65 -44.97 25.83
N ALA A 280 -37.81 -44.55 24.89
CA ALA A 280 -38.19 -43.58 23.87
C ALA A 280 -37.33 -43.77 22.62
N ASP A 281 -37.86 -43.40 21.47
CA ASP A 281 -37.11 -43.42 20.22
C ASP A 281 -37.63 -42.34 19.30
N HIS A 282 -36.78 -41.90 18.35
CA HIS A 282 -37.18 -41.02 17.27
C HIS A 282 -36.62 -41.51 15.93
N THR A 283 -37.27 -41.13 14.84
CA THR A 283 -36.86 -41.55 13.50
C THR A 283 -36.85 -40.34 12.57
N SER A 284 -35.71 -40.09 11.95
CA SER A 284 -35.63 -39.01 10.99
C SER A 284 -36.40 -39.35 9.71
N ALA A 285 -36.67 -38.31 8.92
CA ALA A 285 -37.22 -38.46 7.58
C ALA A 285 -36.24 -39.33 6.84
N GLU A 286 -36.72 -40.01 5.81
CA GLU A 286 -35.85 -40.85 5.02
C GLU A 286 -34.81 -40.05 4.23
N LEU A 287 -33.74 -40.74 3.82
CA LEU A 287 -32.59 -40.13 3.14
C LEU A 287 -32.94 -39.17 1.99
N SER A 288 -34.00 -39.50 1.24
CA SER A 288 -34.52 -38.66 0.17
C SER A 288 -34.80 -37.20 0.58
N GLU A 289 -35.52 -37.05 1.68
CA GLU A 289 -35.86 -35.74 2.23
C GLU A 289 -34.62 -35.08 2.79
N ILE A 290 -33.68 -35.87 3.29
CA ILE A 290 -32.49 -35.33 3.93
C ILE A 290 -31.52 -34.75 2.91
N LEU A 291 -31.53 -35.28 1.69
CA LEU A 291 -30.60 -34.86 0.64
C LEU A 291 -30.81 -33.40 0.24
N VAL A 292 -32.01 -32.89 0.46
CA VAL A 292 -32.31 -31.54 0.02
C VAL A 292 -31.52 -30.48 0.85
N PRO A 293 -31.82 -30.32 2.16
CA PRO A 293 -31.07 -29.31 2.93
C PRO A 293 -29.57 -29.60 2.93
N PHE A 294 -29.22 -30.86 2.62
CA PHE A 294 -27.83 -31.30 2.47
C PHE A 294 -27.18 -30.74 1.22
N MET A 295 -27.74 -31.10 0.07
CA MET A 295 -27.11 -30.74 -1.22
C MET A 295 -27.39 -29.30 -1.62
N LYS A 296 -28.63 -28.85 -1.38
CA LYS A 296 -29.00 -27.47 -1.66
C LYS A 296 -27.94 -26.56 -1.10
N PHE A 297 -27.71 -26.67 0.20
CA PHE A 297 -26.86 -25.72 0.90
C PHE A 297 -25.42 -26.20 1.10
N SER A 298 -25.11 -27.42 0.68
CA SER A 298 -23.73 -27.93 0.81
C SER A 298 -23.33 -28.02 2.29
N ASN A 299 -23.89 -29.01 2.98
CA ASN A 299 -23.72 -29.24 4.41
C ASN A 299 -22.67 -30.30 4.67
N ASN A 300 -21.53 -29.90 5.25
CA ASN A 300 -20.42 -30.83 5.53
C ASN A 300 -20.70 -31.91 6.57
N GLY A 301 -21.32 -31.53 7.69
CA GLY A 301 -21.79 -32.51 8.67
C GLY A 301 -22.38 -33.71 7.95
N HIS A 302 -23.47 -33.46 7.21
CA HIS A 302 -24.34 -34.50 6.64
C HIS A 302 -23.51 -35.45 5.83
N ALA A 303 -22.66 -34.86 4.98
CA ALA A 303 -21.77 -35.59 4.09
C ALA A 303 -20.94 -36.53 4.90
N GLU A 304 -20.29 -36.01 5.93
CA GLU A 304 -19.31 -36.82 6.61
C GLU A 304 -20.01 -37.86 7.50
N MET A 305 -21.07 -37.46 8.23
CA MET A 305 -22.03 -38.44 8.79
C MET A 305 -22.38 -39.54 7.72
N LEU A 306 -22.95 -39.21 6.56
CA LEU A 306 -23.26 -40.31 5.57
C LEU A 306 -22.09 -41.21 5.19
N VAL A 307 -20.87 -40.66 5.11
CA VAL A 307 -19.73 -41.52 4.85
C VAL A 307 -19.59 -42.56 5.95
N LYS A 308 -19.62 -42.10 7.22
CA LYS A 308 -19.53 -42.98 8.40
C LYS A 308 -20.77 -43.89 8.42
N SER A 309 -21.91 -43.42 7.93
CA SER A 309 -23.05 -44.32 7.74
C SER A 309 -22.77 -45.39 6.68
N ILE A 310 -22.36 -44.98 5.48
CA ILE A 310 -21.88 -45.96 4.50
C ILE A 310 -20.91 -46.91 5.20
N GLY A 311 -20.11 -46.36 6.12
CA GLY A 311 -19.17 -47.15 6.92
C GLY A 311 -19.87 -48.24 7.72
N GLN A 312 -20.93 -47.85 8.45
CA GLN A 312 -21.66 -48.79 9.29
C GLN A 312 -22.44 -49.83 8.49
N GLU A 313 -23.01 -49.43 7.36
CA GLU A 313 -23.77 -50.37 6.51
C GLU A 313 -22.86 -51.45 5.90
N THR A 314 -21.84 -51.04 5.15
CA THR A 314 -21.04 -52.00 4.39
C THR A 314 -20.03 -52.78 5.22
N ALA A 315 -19.62 -52.24 6.37
CA ALA A 315 -18.58 -52.86 7.19
C ALA A 315 -18.90 -52.92 8.68
N GLY A 316 -19.95 -52.26 9.10
CA GLY A 316 -20.21 -52.18 10.52
C GLY A 316 -19.09 -51.38 11.15
N ALA A 317 -18.60 -50.38 10.41
CA ALA A 317 -17.49 -49.56 10.87
C ALA A 317 -17.76 -48.08 10.67
N GLY A 318 -18.27 -47.42 11.70
CA GLY A 318 -18.65 -46.01 11.56
C GLY A 318 -17.43 -45.12 11.56
N THR A 319 -16.77 -45.07 10.40
CA THR A 319 -15.39 -44.54 10.29
C THR A 319 -15.15 -44.01 8.88
N TRP A 320 -14.37 -42.92 8.75
CA TRP A 320 -14.03 -42.40 7.43
C TRP A 320 -13.41 -43.50 6.58
N ASP A 321 -12.29 -44.06 7.04
CA ASP A 321 -11.61 -45.15 6.33
C ASP A 321 -12.54 -46.24 5.69
N ALA A 322 -13.51 -46.74 6.46
CA ALA A 322 -14.44 -47.72 5.93
C ALA A 322 -15.52 -47.06 5.09
N GLY A 323 -16.14 -46.02 5.62
CA GLY A 323 -17.07 -45.22 4.84
C GLY A 323 -16.54 -44.93 3.44
N LEU A 324 -15.26 -44.56 3.38
CA LEU A 324 -14.61 -44.15 2.15
C LEU A 324 -14.32 -45.29 1.20
N VAL A 325 -13.98 -46.45 1.73
CA VAL A 325 -13.81 -47.64 0.91
C VAL A 325 -15.17 -48.08 0.38
N GLY A 326 -16.19 -47.93 1.20
CA GLY A 326 -17.55 -48.20 0.82
C GLY A 326 -18.07 -47.14 -0.14
N VAL A 327 -17.40 -45.99 -0.23
CA VAL A 327 -17.77 -45.04 -1.28
C VAL A 327 -17.19 -45.48 -2.63
N GLU A 328 -15.86 -45.60 -2.74
CA GLU A 328 -15.22 -46.18 -3.92
C GLU A 328 -15.99 -47.40 -4.43
N GLU A 329 -16.29 -48.34 -3.52
CA GLU A 329 -17.00 -49.56 -3.90
C GLU A 329 -18.38 -49.29 -4.53
N ALA A 330 -19.29 -48.70 -3.75
CA ALA A 330 -20.57 -48.21 -4.29
C ALA A 330 -20.50 -47.70 -5.75
N LEU A 331 -19.54 -46.80 -5.99
CA LEU A 331 -19.40 -46.09 -7.27
C LEU A 331 -18.97 -47.02 -8.40
N SER A 332 -17.93 -47.80 -8.14
CA SER A 332 -17.52 -48.84 -9.06
C SER A 332 -18.73 -49.71 -9.44
N GLY A 333 -19.53 -50.05 -8.44
CA GLY A 333 -20.74 -50.86 -8.63
C GLY A 333 -21.82 -50.13 -9.43
N LEU A 334 -21.70 -48.80 -9.48
CA LEU A 334 -22.66 -47.96 -10.22
C LEU A 334 -22.24 -47.81 -11.68
N GLY A 335 -21.09 -48.39 -12.03
CA GLY A 335 -20.55 -48.28 -13.36
C GLY A 335 -19.49 -47.21 -13.43
N VAL A 336 -19.46 -46.35 -12.42
CA VAL A 336 -18.52 -45.22 -12.41
C VAL A 336 -17.12 -45.79 -12.39
N ASP A 337 -16.24 -45.23 -13.20
CA ASP A 337 -14.83 -45.62 -13.21
C ASP A 337 -14.09 -44.65 -12.32
N THR A 338 -13.54 -45.17 -11.23
CA THR A 338 -13.00 -44.31 -10.15
C THR A 338 -11.47 -44.17 -10.21
N ALA A 339 -10.88 -44.62 -11.33
CA ALA A 339 -9.43 -44.58 -11.50
C ALA A 339 -8.80 -43.25 -11.07
N GLY A 340 -9.45 -42.13 -11.41
CA GLY A 340 -8.94 -40.77 -11.08
C GLY A 340 -9.43 -40.12 -9.78
N LEU A 341 -10.17 -40.87 -8.97
CA LEU A 341 -10.69 -40.36 -7.71
C LEU A 341 -9.71 -40.55 -6.57
N VAL A 342 -9.48 -39.53 -5.78
CA VAL A 342 -8.76 -39.70 -4.51
C VAL A 342 -9.68 -39.25 -3.39
N LEU A 343 -10.09 -40.19 -2.55
CA LEU A 343 -11.02 -39.88 -1.45
C LEU A 343 -10.30 -39.58 -0.11
N ASN A 344 -10.56 -38.39 0.42
CA ASN A 344 -10.09 -38.07 1.73
C ASN A 344 -11.31 -37.86 2.60
N ASP A 345 -12.30 -37.14 2.10
CA ASP A 345 -13.53 -36.99 2.85
C ASP A 345 -14.79 -36.99 2.01
N GLY A 346 -15.92 -36.80 2.66
CA GLY A 346 -17.22 -36.89 2.04
C GLY A 346 -17.89 -35.58 1.71
N SER A 347 -17.32 -34.49 2.20
CA SER A 347 -17.92 -33.16 2.05
C SER A 347 -17.23 -32.37 0.96
N GLY A 348 -15.94 -32.63 0.78
CA GLY A 348 -15.12 -31.87 -0.15
C GLY A 348 -14.14 -30.97 0.58
N LEU A 349 -14.40 -30.75 1.87
CA LEU A 349 -13.60 -29.83 2.68
C LEU A 349 -12.11 -30.17 2.65
N SER A 350 -11.77 -31.45 2.66
CA SER A 350 -10.38 -31.85 2.59
C SER A 350 -9.70 -31.39 1.31
N ARG A 351 -8.58 -30.70 1.49
CA ARG A 351 -7.67 -30.37 0.40
C ARG A 351 -7.09 -31.64 -0.21
N GLY A 352 -7.11 -32.73 0.55
CA GLY A 352 -6.51 -33.99 0.14
C GLY A 352 -7.29 -34.79 -0.89
N ASN A 353 -8.47 -34.29 -1.29
CA ASN A 353 -9.27 -34.92 -2.34
C ASN A 353 -8.72 -34.63 -3.71
N LEU A 354 -9.15 -35.41 -4.70
CA LEU A 354 -8.88 -35.17 -6.13
C LEU A 354 -10.02 -35.74 -6.98
N VAL A 355 -10.31 -35.10 -8.11
CA VAL A 355 -11.32 -35.60 -9.08
C VAL A 355 -10.93 -35.26 -10.52
N THR A 356 -11.78 -35.63 -11.47
CA THR A 356 -11.68 -35.18 -12.88
C THR A 356 -13.08 -34.95 -13.49
N ALA A 357 -13.16 -34.02 -14.43
CA ALA A 357 -14.46 -33.66 -15.00
C ALA A 357 -15.19 -34.84 -15.68
N ASP A 358 -14.42 -35.79 -16.21
CA ASP A 358 -14.98 -37.04 -16.73
C ASP A 358 -15.51 -37.89 -15.59
N THR A 359 -14.74 -37.99 -14.51
CA THR A 359 -15.21 -38.76 -13.36
C THR A 359 -16.50 -38.15 -12.84
N VAL A 360 -16.63 -36.84 -12.95
CA VAL A 360 -17.86 -36.18 -12.54
C VAL A 360 -18.96 -36.59 -13.52
N VAL A 361 -18.79 -36.20 -14.79
CA VAL A 361 -19.76 -36.46 -15.86
C VAL A 361 -20.15 -37.93 -15.97
N ASP A 362 -19.15 -38.80 -15.83
CA ASP A 362 -19.37 -40.22 -15.69
C ASP A 362 -20.45 -40.46 -14.66
N LEU A 363 -20.20 -39.98 -13.44
CA LEU A 363 -21.11 -40.14 -12.31
C LEU A 363 -22.50 -39.56 -12.60
N LEU A 364 -22.53 -38.36 -13.17
CA LEU A 364 -23.78 -37.75 -13.60
C LEU A 364 -24.54 -38.66 -14.60
N GLY A 365 -23.81 -39.22 -15.55
CA GLY A 365 -24.34 -40.24 -16.45
C GLY A 365 -25.05 -41.34 -15.68
N GLN A 366 -24.27 -42.09 -14.90
CA GLN A 366 -24.76 -43.26 -14.17
C GLN A 366 -25.88 -42.95 -13.18
N ALA A 367 -25.91 -41.71 -12.67
CA ALA A 367 -26.92 -41.32 -11.70
C ALA A 367 -28.32 -41.19 -12.29
N GLY A 368 -28.44 -40.49 -13.42
CA GLY A 368 -29.71 -40.41 -14.15
C GLY A 368 -30.24 -41.71 -14.74
N SER A 369 -29.49 -42.80 -14.56
CA SER A 369 -29.95 -44.12 -14.95
C SER A 369 -30.12 -44.94 -13.67
N ALA A 370 -31.03 -44.52 -12.80
CA ALA A 370 -31.07 -45.10 -11.47
C ALA A 370 -32.44 -45.09 -10.82
N PRO A 371 -32.77 -46.16 -10.09
CA PRO A 371 -34.01 -46.20 -9.33
C PRO A 371 -34.19 -44.91 -8.53
N TRP A 372 -33.09 -44.45 -7.91
CA TRP A 372 -33.06 -43.18 -7.21
C TRP A 372 -32.93 -41.91 -8.07
N ALA A 373 -32.30 -42.00 -9.25
CA ALA A 373 -32.11 -40.83 -10.14
C ALA A 373 -32.99 -39.61 -9.83
N GLN A 374 -34.29 -39.84 -9.72
CA GLN A 374 -35.23 -38.76 -9.46
C GLN A 374 -34.96 -38.03 -8.16
N THR A 375 -34.76 -38.77 -7.07
CA THR A 375 -34.46 -38.16 -5.79
C THR A 375 -33.06 -37.52 -5.80
N TRP A 376 -32.16 -38.05 -6.63
CA TRP A 376 -30.83 -37.46 -6.83
C TRP A 376 -31.00 -36.08 -7.43
N SER A 377 -31.89 -35.99 -8.42
CA SER A 377 -32.20 -34.74 -9.11
C SER A 377 -32.77 -33.69 -8.16
N ALA A 378 -33.63 -34.13 -7.24
CA ALA A 378 -34.36 -33.25 -6.33
C ALA A 378 -33.49 -32.56 -5.29
N SER A 379 -32.21 -32.93 -5.24
CA SER A 379 -31.31 -32.49 -4.19
C SER A 379 -30.48 -31.29 -4.65
N LEU A 380 -30.25 -31.20 -5.95
CA LEU A 380 -29.32 -30.21 -6.47
C LEU A 380 -29.95 -28.84 -6.60
N PRO A 381 -29.21 -27.79 -6.19
CA PRO A 381 -29.69 -26.41 -6.41
C PRO A 381 -30.15 -26.20 -7.85
N VAL A 382 -31.15 -25.31 -8.01
CA VAL A 382 -31.68 -24.92 -9.33
C VAL A 382 -31.51 -23.42 -9.46
N ALA A 383 -30.73 -22.99 -10.45
CA ALA A 383 -30.28 -21.59 -10.58
C ALA A 383 -31.37 -20.51 -10.48
N GLY A 384 -31.00 -19.37 -9.91
CA GLY A 384 -31.81 -18.17 -9.92
C GLY A 384 -33.15 -18.24 -9.22
N GLU A 385 -33.30 -19.15 -8.27
CA GLU A 385 -34.54 -19.29 -7.53
C GLU A 385 -34.45 -18.71 -6.10
N SER A 386 -35.35 -17.78 -5.81
CA SER A 386 -35.39 -17.08 -4.53
C SER A 386 -35.41 -18.01 -3.33
N ASP A 387 -36.40 -18.89 -3.29
CA ASP A 387 -36.68 -19.74 -2.14
C ASP A 387 -35.48 -20.63 -1.83
N PRO A 388 -34.72 -20.29 -0.76
CA PRO A 388 -33.45 -20.93 -0.43
C PRO A 388 -33.41 -22.44 -0.66
N PHE A 389 -34.55 -23.11 -0.44
CA PHE A 389 -34.63 -24.56 -0.54
C PHE A 389 -34.78 -25.07 -1.97
N VAL A 390 -34.94 -24.14 -2.91
CA VAL A 390 -34.97 -24.43 -4.33
C VAL A 390 -33.68 -23.91 -4.95
N GLY A 391 -33.27 -22.73 -4.53
CA GLY A 391 -32.10 -22.09 -5.09
C GLY A 391 -30.82 -22.70 -4.56
N GLY A 392 -30.82 -23.05 -3.28
CA GLY A 392 -29.61 -23.51 -2.64
C GLY A 392 -28.50 -22.51 -2.91
N THR A 393 -27.30 -23.01 -3.15
CA THR A 393 -26.12 -22.16 -3.33
C THR A 393 -26.13 -21.47 -4.67
N LEU A 394 -27.23 -21.65 -5.40
CA LEU A 394 -27.36 -21.02 -6.69
C LEU A 394 -28.53 -20.03 -6.72
N ALA A 395 -29.09 -19.76 -5.56
CA ALA A 395 -30.25 -18.87 -5.44
C ALA A 395 -30.01 -17.49 -6.04
N ASN A 396 -28.76 -17.02 -5.97
CA ASN A 396 -28.41 -15.68 -6.46
C ASN A 396 -27.42 -15.68 -7.62
N ARG A 397 -27.67 -16.57 -8.58
CA ARG A 397 -26.84 -16.71 -9.77
C ARG A 397 -27.69 -17.08 -10.99
N MET A 398 -27.38 -16.48 -12.13
CA MET A 398 -28.07 -16.76 -13.39
C MET A 398 -29.52 -16.27 -13.34
N ARG A 399 -29.81 -15.31 -12.48
CA ARG A 399 -31.13 -14.71 -12.39
C ARG A 399 -31.48 -14.02 -13.71
N GLY A 400 -32.73 -14.14 -14.14
CA GLY A 400 -33.19 -13.48 -15.36
C GLY A 400 -32.44 -13.89 -16.61
N THR A 401 -32.04 -15.16 -16.67
CA THR A 401 -31.38 -15.76 -17.83
C THR A 401 -32.02 -17.11 -18.18
N ALA A 402 -31.60 -17.67 -19.31
CA ALA A 402 -32.08 -18.97 -19.77
C ALA A 402 -32.04 -20.06 -18.71
N ALA A 403 -31.03 -20.00 -17.84
CA ALA A 403 -30.77 -21.08 -16.90
C ALA A 403 -31.69 -21.04 -15.69
N GLU A 404 -32.30 -19.88 -15.44
CA GLU A 404 -33.12 -19.68 -14.23
C GLU A 404 -34.34 -20.60 -14.12
N GLY A 405 -34.26 -21.56 -13.19
CA GLY A 405 -35.35 -22.52 -12.96
C GLY A 405 -35.19 -23.77 -13.80
N VAL A 406 -34.02 -23.89 -14.43
CA VAL A 406 -33.72 -24.93 -15.41
C VAL A 406 -32.51 -25.77 -15.02
N VAL A 407 -31.34 -25.12 -14.93
CA VAL A 407 -30.06 -25.80 -14.61
C VAL A 407 -29.96 -26.40 -13.19
N GLU A 408 -29.56 -27.68 -13.15
CA GLU A 408 -29.44 -28.46 -11.93
C GLU A 408 -27.97 -28.75 -11.68
N ALA A 409 -27.31 -27.89 -10.90
CA ALA A 409 -25.87 -27.99 -10.72
C ALA A 409 -25.46 -28.00 -9.24
N LYS A 410 -24.22 -28.40 -8.97
CA LYS A 410 -23.72 -28.44 -7.60
C LYS A 410 -22.43 -27.62 -7.49
N THR A 411 -22.33 -26.86 -6.40
CA THR A 411 -21.28 -25.88 -6.25
C THR A 411 -20.17 -26.44 -5.39
N GLY A 412 -19.03 -25.76 -5.43
CA GLY A 412 -17.85 -26.21 -4.71
C GLY A 412 -16.90 -25.05 -4.71
N THR A 413 -16.53 -24.60 -3.51
CA THR A 413 -15.78 -23.36 -3.36
C THR A 413 -14.75 -23.47 -2.26
N MET A 414 -13.59 -22.86 -2.49
CA MET A 414 -12.46 -22.83 -1.53
C MET A 414 -11.41 -21.87 -2.07
N SER A 415 -10.58 -21.35 -1.17
CA SER A 415 -9.42 -20.55 -1.56
C SER A 415 -8.63 -21.26 -2.66
N GLY A 416 -8.92 -20.88 -3.91
CA GLY A 416 -8.28 -21.47 -5.08
C GLY A 416 -9.02 -22.60 -5.78
N VAL A 417 -10.27 -22.84 -5.37
CA VAL A 417 -11.06 -23.94 -5.95
C VAL A 417 -12.52 -23.53 -6.23
N SER A 418 -13.01 -23.86 -7.43
CA SER A 418 -14.42 -23.64 -7.79
C SER A 418 -14.96 -24.74 -8.72
N ALA A 419 -16.28 -24.89 -8.77
CA ALA A 419 -16.87 -26.03 -9.42
C ALA A 419 -18.37 -25.88 -9.64
N LEU A 420 -18.83 -26.34 -10.80
CA LEU A 420 -20.26 -26.36 -11.14
C LEU A 420 -20.55 -27.57 -12.01
N SER A 421 -21.51 -28.38 -11.60
CA SER A 421 -21.77 -29.63 -12.28
C SER A 421 -23.19 -30.08 -12.09
N GLY A 422 -23.83 -30.40 -13.22
CA GLY A 422 -25.14 -31.01 -13.20
C GLY A 422 -25.86 -31.17 -14.53
N TYR A 423 -27.16 -30.94 -14.47
CA TYR A 423 -28.07 -31.25 -15.56
C TYR A 423 -28.70 -30.00 -16.16
N VAL A 424 -28.81 -30.00 -17.48
CA VAL A 424 -29.48 -28.95 -18.20
C VAL A 424 -30.68 -29.59 -18.87
N PRO A 425 -31.80 -29.73 -18.15
CA PRO A 425 -32.98 -30.31 -18.77
C PRO A 425 -33.69 -29.31 -19.68
N GLY A 426 -34.50 -29.81 -20.60
CA GLY A 426 -35.29 -28.93 -21.45
C GLY A 426 -35.82 -29.60 -22.69
N PRO A 427 -36.79 -28.93 -23.37
CA PRO A 427 -37.48 -29.36 -24.58
C PRO A 427 -36.61 -30.14 -25.56
N GLU A 428 -35.44 -29.59 -25.90
CA GLU A 428 -34.55 -30.23 -26.86
C GLU A 428 -33.56 -31.24 -26.24
N GLY A 429 -33.97 -31.84 -25.13
CA GLY A 429 -33.19 -32.89 -24.48
C GLY A 429 -32.51 -32.50 -23.18
N GLU A 430 -32.15 -33.54 -22.41
CA GLU A 430 -31.35 -33.42 -21.19
C GLU A 430 -29.87 -33.31 -21.59
N LEU A 431 -29.07 -32.80 -20.68
CA LEU A 431 -27.66 -32.51 -20.94
C LEU A 431 -26.90 -32.56 -19.61
N ALA A 432 -25.61 -32.88 -19.66
CA ALA A 432 -24.80 -33.00 -18.43
C ALA A 432 -23.41 -32.40 -18.56
N PHE A 433 -22.99 -31.66 -17.55
CA PHE A 433 -21.77 -30.88 -17.64
C PHE A 433 -20.97 -30.89 -16.33
N SER A 434 -19.66 -30.72 -16.46
CA SER A 434 -18.80 -30.46 -15.31
C SER A 434 -17.82 -29.34 -15.66
N ILE A 435 -17.72 -28.37 -14.76
CA ILE A 435 -16.78 -27.26 -14.86
C ILE A 435 -16.05 -27.19 -13.53
N VAL A 436 -14.76 -27.50 -13.53
CA VAL A 436 -13.98 -27.55 -12.28
C VAL A 436 -12.75 -26.66 -12.33
N ASN A 437 -12.95 -25.40 -11.94
CA ASN A 437 -11.89 -24.40 -11.95
C ASN A 437 -10.95 -24.59 -10.76
N ASN A 438 -9.64 -24.53 -10.99
CA ASN A 438 -8.66 -24.85 -9.94
C ASN A 438 -7.37 -24.02 -10.03
N GLY A 439 -7.06 -23.29 -8.96
CA GLY A 439 -5.81 -22.53 -8.87
C GLY A 439 -5.83 -21.07 -9.31
N HIS A 440 -6.97 -20.60 -9.81
CA HIS A 440 -7.17 -19.20 -10.21
C HIS A 440 -6.73 -18.24 -9.10
N SER A 441 -5.90 -17.27 -9.47
CA SER A 441 -5.26 -16.38 -8.49
C SER A 441 -6.20 -15.39 -7.76
N GLY A 442 -7.43 -15.24 -8.26
CA GLY A 442 -8.38 -14.29 -7.67
C GLY A 442 -9.67 -14.89 -7.12
N PRO A 443 -10.80 -14.18 -7.30
CA PRO A 443 -12.13 -14.63 -6.84
C PRO A 443 -12.73 -15.74 -7.71
N ALA A 444 -13.57 -16.57 -7.11
CA ALA A 444 -14.11 -17.75 -7.80
C ALA A 444 -14.81 -17.40 -9.13
N PRO A 445 -14.32 -17.96 -10.25
CA PRO A 445 -14.72 -17.58 -11.62
C PRO A 445 -16.19 -17.90 -11.91
N LEU A 446 -17.07 -17.29 -11.13
CA LEU A 446 -18.48 -17.65 -11.17
C LEU A 446 -19.15 -17.18 -12.45
N ALA A 447 -18.70 -16.03 -12.96
CA ALA A 447 -19.21 -15.47 -14.21
C ALA A 447 -19.02 -16.44 -15.37
N VAL A 448 -17.84 -17.06 -15.43
CA VAL A 448 -17.52 -18.09 -16.42
C VAL A 448 -18.46 -19.28 -16.25
N GLN A 449 -18.53 -19.80 -15.03
CA GLN A 449 -19.44 -20.89 -14.72
C GLN A 449 -20.88 -20.61 -15.17
N ASP A 450 -21.39 -19.44 -14.81
CA ASP A 450 -22.76 -19.04 -15.14
C ASP A 450 -22.96 -18.83 -16.64
N ALA A 451 -21.99 -18.18 -17.28
CA ALA A 451 -22.06 -17.90 -18.71
C ALA A 451 -22.10 -19.19 -19.55
N ILE A 452 -21.33 -20.20 -19.12
CA ILE A 452 -21.37 -21.51 -19.76
C ILE A 452 -22.70 -22.20 -19.46
N ALA A 453 -23.16 -22.12 -18.21
CA ALA A 453 -24.43 -22.73 -17.83
C ALA A 453 -25.62 -22.24 -18.63
N VAL A 454 -25.71 -20.93 -18.85
CA VAL A 454 -26.76 -20.33 -19.66
C VAL A 454 -26.64 -20.77 -21.13
N ARG A 455 -25.41 -20.78 -21.66
CA ARG A 455 -25.15 -21.29 -22.99
C ARG A 455 -25.87 -22.60 -23.25
N LEU A 456 -25.64 -23.58 -22.39
CA LEU A 456 -26.25 -24.89 -22.49
C LEU A 456 -27.76 -24.85 -22.38
N ALA A 457 -28.27 -23.99 -21.50
CA ALA A 457 -29.71 -23.84 -21.30
C ALA A 457 -30.43 -23.39 -22.58
N GLU A 458 -29.84 -22.43 -23.29
CA GLU A 458 -30.34 -21.96 -24.58
C GLU A 458 -30.26 -23.10 -25.59
N TYR A 459 -29.13 -23.80 -25.55
CA TYR A 459 -28.85 -24.94 -26.41
C TYR A 459 -29.88 -26.06 -26.25
N ALA A 460 -30.61 -26.02 -25.13
CA ALA A 460 -31.64 -27.01 -24.79
C ALA A 460 -33.06 -26.60 -25.18
N GLY A 461 -33.21 -25.36 -25.67
CA GLY A 461 -34.51 -24.84 -26.08
C GLY A 461 -35.15 -23.90 -25.06
N HIS A 462 -34.30 -23.13 -24.39
CA HIS A 462 -34.75 -22.11 -23.43
C HIS A 462 -34.40 -20.71 -23.93
N GLN A 463 -35.17 -19.72 -23.47
CA GLN A 463 -34.92 -18.33 -23.81
C GLN A 463 -34.73 -17.50 -22.56
N ALA A 464 -33.82 -16.53 -22.64
CA ALA A 464 -33.66 -15.54 -21.58
C ALA A 464 -34.94 -14.74 -21.43
N PRO A 465 -35.44 -14.59 -20.19
CA PRO A 465 -36.65 -13.78 -19.93
C PRO A 465 -36.50 -12.28 -20.27
N GLU A 466 -37.63 -11.57 -20.31
CA GLU A 466 -37.66 -10.17 -20.73
C GLU A 466 -38.46 -9.29 -19.77
N ARG B 1 0.92 4.26 47.76
CA ARG B 1 0.07 4.12 46.54
C ARG B 1 -0.54 2.72 46.40
N LEU B 2 -0.61 1.98 47.50
CA LEU B 2 -1.04 0.57 47.48
C LEU B 2 -2.40 0.37 46.79
N THR B 3 -3.39 1.19 47.14
CA THR B 3 -4.65 1.21 46.37
C THR B 3 -4.65 2.29 45.29
N GLU B 4 -3.87 3.35 45.49
CA GLU B 4 -3.77 4.43 44.50
C GLU B 4 -3.36 3.92 43.12
N LEU B 5 -2.51 2.88 43.09
CA LEU B 5 -2.04 2.27 41.84
C LEU B 5 -3.11 1.41 41.20
N ARG B 6 -3.91 0.75 42.03
CA ARG B 6 -4.98 -0.14 41.58
C ARG B 6 -6.08 0.60 40.81
N GLU B 7 -6.43 1.79 41.28
CA GLU B 7 -7.51 2.57 40.69
C GLU B 7 -7.01 3.39 39.51
N ASP B 8 -5.77 3.84 39.60
CA ASP B 8 -5.17 4.66 38.56
C ASP B 8 -4.77 3.85 37.34
N ILE B 9 -4.31 2.63 37.53
CA ILE B 9 -4.08 1.72 36.41
C ILE B 9 -5.42 1.38 35.79
N ASP B 10 -6.40 1.08 36.63
CA ASP B 10 -7.76 0.73 36.18
C ASP B 10 -8.32 1.72 35.16
N ALA B 11 -8.14 3.01 35.43
CA ALA B 11 -8.68 4.09 34.60
C ALA B 11 -7.90 4.32 33.30
N ILE B 12 -6.62 3.96 33.31
CA ILE B 12 -5.81 4.03 32.10
C ILE B 12 -6.32 3.02 31.07
N LEU B 13 -6.57 1.79 31.53
CA LEU B 13 -7.12 0.73 30.68
C LEU B 13 -8.46 1.07 30.02
N GLU B 14 -9.16 2.05 30.57
CA GLU B 14 -10.46 2.49 30.05
C GLU B 14 -10.37 3.24 28.71
N ASP B 15 -9.13 3.50 28.28
CA ASP B 15 -8.80 4.20 27.03
C ASP B 15 -9.58 3.64 25.82
N PRO B 16 -10.08 4.53 24.93
CA PRO B 16 -10.79 4.14 23.70
C PRO B 16 -10.05 3.13 22.80
N ALA B 17 -8.74 3.30 22.64
CA ALA B 17 -7.95 2.42 21.77
C ALA B 17 -7.92 0.97 22.25
N LEU B 18 -8.45 0.71 23.44
CA LEU B 18 -8.56 -0.65 23.98
C LEU B 18 -10.02 -1.09 24.15
N GLU B 19 -10.93 -0.40 23.48
CA GLU B 19 -12.34 -0.77 23.50
C GLU B 19 -12.48 -2.10 22.78
N GLY B 20 -12.94 -3.12 23.51
CA GLY B 20 -13.12 -4.46 22.96
C GLY B 20 -11.96 -5.38 23.29
N ALA B 21 -10.74 -4.87 23.15
CA ALA B 21 -9.52 -5.64 23.34
C ALA B 21 -9.33 -6.24 24.73
N VAL B 22 -8.71 -7.41 24.77
CA VAL B 22 -8.37 -8.07 26.02
C VAL B 22 -6.97 -7.65 26.40
N SER B 23 -6.74 -7.40 27.68
CA SER B 23 -5.39 -7.07 28.16
C SER B 23 -5.05 -7.79 29.46
N GLY B 24 -3.90 -8.46 29.46
CA GLY B 24 -3.34 -9.04 30.68
C GLY B 24 -2.28 -8.10 31.23
N VAL B 25 -2.55 -7.54 32.40
CA VAL B 25 -1.58 -6.66 33.06
C VAL B 25 -1.24 -7.21 34.44
N VAL B 26 0.04 -7.48 34.66
CA VAL B 26 0.53 -7.94 35.96
C VAL B 26 1.77 -7.17 36.35
N VAL B 27 1.76 -6.63 37.58
CA VAL B 27 2.88 -5.86 38.13
C VAL B 27 3.25 -6.44 39.50
N VAL B 28 4.53 -6.72 39.70
CA VAL B 28 5.01 -7.34 40.94
C VAL B 28 6.19 -6.57 41.58
N ASP B 29 6.43 -6.83 42.87
CA ASP B 29 7.53 -6.23 43.62
C ASP B 29 8.68 -7.23 43.75
N THR B 30 9.63 -7.17 42.81
CA THR B 30 10.82 -8.02 42.79
C THR B 30 11.48 -8.17 44.17
N ALA B 31 11.48 -7.10 44.96
CA ALA B 31 12.02 -7.14 46.31
C ALA B 31 11.18 -8.03 47.24
N THR B 32 9.94 -7.61 47.50
CA THR B 32 9.07 -8.33 48.46
C THR B 32 8.55 -9.64 47.88
N GLY B 33 7.95 -9.56 46.70
CA GLY B 33 7.26 -10.70 46.12
C GLY B 33 5.76 -10.54 46.22
N GLU B 34 5.30 -9.30 46.40
CA GLU B 34 3.87 -9.02 46.32
C GLU B 34 3.49 -8.54 44.92
N GLU B 35 2.42 -9.12 44.40
CA GLU B 35 1.81 -8.69 43.16
C GLU B 35 1.02 -7.41 43.45
N LEU B 36 1.44 -6.30 42.82
CA LEU B 36 0.80 -5.00 43.03
C LEU B 36 -0.48 -4.89 42.23
N TYR B 37 -0.44 -5.39 41.00
CA TYR B 37 -1.62 -5.38 40.12
C TYR B 37 -1.67 -6.64 39.27
N SER B 38 -2.88 -7.16 39.07
CA SER B 38 -3.13 -8.28 38.16
C SER B 38 -4.53 -8.23 37.60
N ARG B 39 -4.64 -8.38 36.27
CA ARG B 39 -5.92 -8.43 35.59
C ARG B 39 -5.79 -9.33 34.38
N ASP B 40 -6.60 -10.40 34.35
CA ASP B 40 -6.49 -11.47 33.34
C ASP B 40 -5.05 -11.95 33.19
N GLY B 41 -4.35 -12.14 34.31
CA GLY B 41 -2.95 -12.53 34.29
C GLY B 41 -2.73 -13.91 33.72
N GLY B 42 -3.75 -14.76 33.85
CA GLY B 42 -3.71 -16.14 33.37
C GLY B 42 -4.33 -16.33 31.99
N GLU B 43 -4.58 -15.23 31.29
CA GLU B 43 -5.23 -15.28 29.99
C GLU B 43 -4.22 -15.45 28.87
N GLN B 44 -4.41 -16.48 28.05
CA GLN B 44 -3.51 -16.76 26.93
C GLN B 44 -3.71 -15.76 25.81
N LEU B 45 -2.62 -15.10 25.40
CA LEU B 45 -2.65 -14.10 24.33
C LEU B 45 -1.40 -14.23 23.47
N LEU B 46 -1.45 -13.66 22.26
CA LEU B 46 -0.29 -13.63 21.38
C LEU B 46 0.71 -12.63 21.96
N PRO B 47 2.00 -12.98 21.97
CA PRO B 47 3.03 -12.13 22.56
C PRO B 47 3.72 -11.16 21.58
N ALA B 48 3.53 -11.39 20.29
CA ALA B 48 4.33 -10.76 19.25
C ALA B 48 5.79 -10.96 19.62
N SER B 49 6.58 -9.89 19.58
CA SER B 49 8.02 -10.00 19.85
C SER B 49 8.39 -10.35 21.27
N ASN B 50 7.42 -10.24 22.18
CA ASN B 50 7.69 -10.59 23.57
C ASN B 50 8.06 -12.05 23.77
N MET B 51 7.97 -12.83 22.70
CA MET B 51 8.43 -14.21 22.72
C MET B 51 9.94 -14.21 22.84
N LYS B 52 10.58 -13.18 22.27
CA LYS B 52 12.03 -13.03 22.32
C LYS B 52 12.59 -12.98 23.75
N LEU B 53 11.77 -12.57 24.70
CA LEU B 53 12.18 -12.59 26.09
C LEU B 53 12.52 -14.02 26.48
N PHE B 54 11.60 -14.92 26.16
CA PHE B 54 11.73 -16.32 26.51
C PHE B 54 12.89 -16.92 25.74
N THR B 55 13.03 -16.54 24.47
CA THR B 55 14.07 -17.10 23.61
C THR B 55 15.42 -16.66 24.13
N ALA B 56 15.59 -15.36 24.32
CA ALA B 56 16.78 -14.80 24.92
C ALA B 56 17.10 -15.45 26.27
N ALA B 57 16.07 -15.65 27.08
CA ALA B 57 16.25 -16.26 28.39
C ALA B 57 16.74 -17.69 28.25
N ALA B 58 16.16 -18.43 27.29
CA ALA B 58 16.61 -19.79 26.99
C ALA B 58 18.00 -19.74 26.36
N ALA B 59 18.15 -18.89 25.35
CA ALA B 59 19.42 -18.70 24.67
C ALA B 59 20.58 -18.53 25.66
N LEU B 60 20.37 -17.79 26.74
CA LEU B 60 21.41 -17.65 27.75
C LEU B 60 21.61 -18.95 28.52
N GLU B 61 20.54 -19.47 29.11
CA GLU B 61 20.57 -20.70 29.91
C GLU B 61 21.18 -21.87 29.17
N VAL B 62 20.87 -22.00 27.89
CA VAL B 62 21.30 -23.16 27.10
C VAL B 62 22.65 -22.94 26.42
N LEU B 63 22.86 -21.76 25.85
CA LEU B 63 24.05 -21.49 25.03
C LEU B 63 25.21 -20.85 25.80
N GLY B 64 24.90 -20.09 26.85
CA GLY B 64 25.90 -19.39 27.65
C GLY B 64 26.15 -17.98 27.15
N ALA B 65 26.25 -17.03 28.08
CA ALA B 65 26.42 -15.60 27.73
C ALA B 65 27.68 -15.34 26.92
N ASP B 66 28.55 -16.33 26.88
CA ASP B 66 29.85 -16.18 26.26
C ASP B 66 30.04 -17.17 25.11
N HIS B 67 28.93 -17.60 24.51
CA HIS B 67 28.96 -18.49 23.35
C HIS B 67 29.36 -17.69 22.13
N SER B 68 29.98 -18.37 21.16
CA SER B 68 30.34 -17.73 19.89
C SER B 68 29.92 -18.59 18.69
N PHE B 69 29.75 -17.94 17.53
CA PHE B 69 29.19 -18.60 16.35
C PHE B 69 30.17 -18.66 15.19
N GLY B 70 30.63 -19.86 14.89
CA GLY B 70 31.67 -20.04 13.89
C GLY B 70 31.20 -20.18 12.45
N THR B 71 31.88 -19.47 11.56
CA THR B 71 31.84 -19.75 10.13
C THR B 71 33.24 -20.20 9.73
N GLU B 72 33.31 -21.06 8.70
CA GLU B 72 34.60 -21.53 8.20
C GLU B 72 34.55 -21.98 6.74
N VAL B 73 35.74 -22.12 6.15
CA VAL B 73 35.90 -22.49 4.75
C VAL B 73 36.79 -23.72 4.67
N ALA B 74 36.24 -24.81 4.15
CA ALA B 74 36.92 -26.11 4.16
C ALA B 74 37.12 -26.73 2.79
N ALA B 75 38.27 -27.40 2.63
CA ALA B 75 38.58 -28.17 1.43
C ALA B 75 39.11 -29.55 1.84
N GLU B 76 39.02 -30.50 0.92
CA GLU B 76 39.30 -31.91 1.21
C GLU B 76 40.62 -32.10 1.95
N SER B 77 41.66 -31.46 1.42
CA SER B 77 42.95 -31.32 2.07
C SER B 77 43.67 -30.12 1.46
N ALA B 78 44.75 -29.70 2.10
CA ALA B 78 45.56 -28.54 1.69
C ALA B 78 45.80 -28.41 0.18
N PRO B 79 45.81 -27.16 -0.33
CA PRO B 79 46.08 -26.90 -1.75
C PRO B 79 47.45 -27.41 -2.14
N GLY B 80 47.55 -27.97 -3.34
CA GLY B 80 48.80 -28.55 -3.82
C GLY B 80 49.97 -27.58 -3.81
N ARG B 81 51.15 -28.09 -4.14
CA ARG B 81 52.32 -27.25 -4.35
C ARG B 81 52.10 -26.36 -5.58
N ARG B 82 51.12 -26.76 -6.39
CA ARG B 82 50.58 -25.95 -7.48
C ARG B 82 49.65 -24.86 -6.94
N GLY B 83 48.97 -25.15 -5.82
CA GLY B 83 48.06 -24.21 -5.15
C GLY B 83 46.61 -24.33 -5.61
N GLU B 84 46.17 -25.57 -5.80
CA GLU B 84 44.95 -25.86 -6.53
C GLU B 84 44.08 -26.86 -5.77
N VAL B 85 42.93 -26.38 -5.28
CA VAL B 85 41.93 -27.21 -4.62
C VAL B 85 40.87 -27.64 -5.63
N GLN B 86 40.12 -28.71 -5.31
CA GLN B 86 39.03 -29.14 -6.16
C GLN B 86 37.71 -28.46 -5.84
N ASP B 87 37.00 -28.97 -4.85
CA ASP B 87 35.74 -28.36 -4.42
C ASP B 87 35.98 -27.57 -3.15
N LEU B 88 35.34 -26.41 -3.06
CA LEU B 88 35.44 -25.56 -1.87
C LEU B 88 34.07 -25.42 -1.23
N TYR B 89 34.06 -25.31 0.09
CA TYR B 89 32.83 -25.23 0.85
C TYR B 89 32.86 -24.07 1.81
N LEU B 90 31.75 -23.33 1.83
CA LEU B 90 31.52 -22.31 2.85
C LEU B 90 30.51 -22.85 3.84
N VAL B 91 30.94 -22.97 5.09
CA VAL B 91 30.19 -23.70 6.11
C VAL B 91 29.73 -22.79 7.24
N GLY B 92 28.43 -22.54 7.28
CA GLY B 92 27.84 -21.74 8.34
C GLY B 92 27.42 -22.62 9.50
N ARG B 93 27.74 -22.16 10.71
CA ARG B 93 27.25 -22.81 11.92
C ARG B 93 26.50 -21.84 12.83
N GLY B 94 25.56 -21.11 12.22
CA GLY B 94 24.60 -20.29 12.97
C GLY B 94 25.07 -18.90 13.35
N ASP B 95 25.88 -18.27 12.48
CA ASP B 95 26.32 -16.90 12.71
C ASP B 95 25.29 -15.90 12.18
N PRO B 96 24.66 -15.13 13.08
CA PRO B 96 23.66 -14.15 12.73
C PRO B 96 24.23 -12.75 12.54
N THR B 97 25.55 -12.62 12.61
CA THR B 97 26.22 -11.33 12.45
C THR B 97 27.21 -11.37 11.28
N LEU B 98 27.23 -12.48 10.57
CA LEU B 98 28.18 -12.73 9.50
C LEU B 98 28.06 -11.71 8.37
N SER B 99 28.88 -10.67 8.44
CA SER B 99 28.86 -9.57 7.47
C SER B 99 29.72 -9.89 6.24
N ALA B 100 29.39 -9.24 5.12
CA ALA B 100 30.16 -9.32 3.88
C ALA B 100 31.64 -8.97 4.09
N GLU B 101 31.93 -8.23 5.16
CA GLU B 101 33.30 -7.87 5.53
C GLU B 101 34.04 -9.10 6.08
N ASP B 102 33.44 -9.78 7.05
CA ASP B 102 33.96 -11.04 7.56
C ASP B 102 34.12 -12.03 6.42
N LEU B 103 33.16 -11.98 5.51
CA LEU B 103 33.11 -12.80 4.30
C LEU B 103 34.31 -12.50 3.38
N ASP B 104 34.78 -11.25 3.41
CA ASP B 104 35.93 -10.82 2.60
C ASP B 104 37.26 -11.23 3.24
N ALA B 105 37.37 -11.08 4.55
CA ALA B 105 38.60 -11.42 5.28
C ALA B 105 38.91 -12.92 5.20
N MET B 106 37.87 -13.75 5.29
CA MET B 106 37.99 -15.19 5.06
C MET B 106 38.34 -15.53 3.61
N ALA B 107 38.00 -14.65 2.68
CA ALA B 107 38.39 -14.83 1.28
C ALA B 107 39.87 -14.52 1.09
N ALA B 108 40.41 -13.67 1.97
CA ALA B 108 41.84 -13.34 1.97
C ALA B 108 42.65 -14.38 2.75
N GLU B 109 41.97 -15.11 3.63
CA GLU B 109 42.58 -16.21 4.38
C GLU B 109 42.88 -17.38 3.46
N VAL B 110 41.97 -17.61 2.51
CA VAL B 110 42.13 -18.64 1.50
C VAL B 110 43.36 -18.36 0.63
N ALA B 111 43.50 -17.11 0.21
CA ALA B 111 44.68 -16.67 -0.52
C ALA B 111 45.94 -16.85 0.33
N ALA B 112 45.90 -16.31 1.55
CA ALA B 112 47.03 -16.35 2.49
C ALA B 112 47.03 -17.61 3.37
N SER B 113 46.94 -18.76 2.70
CA SER B 113 47.17 -20.07 3.31
C SER B 113 47.72 -20.98 2.22
N GLY B 114 47.53 -20.56 0.96
CA GLY B 114 48.16 -21.22 -0.17
C GLY B 114 47.33 -21.33 -1.44
N VAL B 115 46.01 -21.15 -1.34
CA VAL B 115 45.14 -21.39 -2.49
C VAL B 115 45.20 -20.26 -3.52
N ARG B 116 44.93 -20.63 -4.77
CA ARG B 116 45.10 -19.72 -5.90
C ARG B 116 43.99 -19.93 -6.93
N THR B 117 43.43 -21.14 -6.93
CA THR B 117 42.38 -21.52 -7.89
C THR B 117 41.47 -22.62 -7.33
N VAL B 118 40.18 -22.48 -7.59
CA VAL B 118 39.21 -23.54 -7.35
C VAL B 118 38.79 -24.10 -8.72
N ARG B 119 39.29 -25.29 -9.04
CA ARG B 119 39.07 -25.89 -10.35
C ARG B 119 37.64 -26.45 -10.52
N GLY B 120 37.08 -26.97 -9.43
CA GLY B 120 35.75 -27.60 -9.43
C GLY B 120 34.62 -26.64 -9.10
N ASP B 121 33.82 -26.99 -8.10
CA ASP B 121 32.63 -26.22 -7.71
C ASP B 121 32.74 -25.56 -6.32
N LEU B 122 32.02 -24.45 -6.16
CA LEU B 122 31.85 -23.82 -4.85
C LEU B 122 30.44 -24.06 -4.34
N TYR B 123 30.33 -24.34 -3.05
CA TYR B 123 29.08 -24.72 -2.45
C TYR B 123 28.89 -23.98 -1.16
N ALA B 124 27.63 -23.64 -0.87
CA ALA B 124 27.27 -23.07 0.41
C ALA B 124 26.67 -24.18 1.24
N ASP B 125 27.23 -24.36 2.44
CA ASP B 125 26.80 -25.39 3.38
C ASP B 125 26.17 -24.73 4.61
N ASP B 126 24.84 -24.79 4.68
CA ASP B 126 24.13 -24.33 5.88
C ASP B 126 23.49 -25.49 6.64
N THR B 127 23.87 -26.71 6.26
CA THR B 127 23.28 -27.96 6.79
C THR B 127 23.38 -28.09 8.30
N TRP B 128 23.99 -27.11 8.96
CA TRP B 128 24.01 -27.04 10.42
C TRP B 128 22.57 -26.92 10.94
N PHE B 129 21.76 -26.14 10.24
CA PHE B 129 20.31 -26.11 10.47
C PHE B 129 19.63 -26.92 9.38
N ASP B 130 18.34 -27.21 9.56
CA ASP B 130 17.54 -27.83 8.52
C ASP B 130 17.23 -26.84 7.39
N SER B 131 16.67 -27.33 6.29
CA SER B 131 16.33 -26.51 5.14
C SER B 131 15.00 -25.75 5.32
N GLU B 132 14.34 -25.94 6.46
CA GLU B 132 13.04 -25.29 6.71
C GLU B 132 13.24 -23.78 6.92
N ARG B 133 12.91 -23.01 5.88
CA ARG B 133 13.19 -21.58 5.80
C ARG B 133 12.19 -20.72 6.54
N LEU B 134 10.96 -21.21 6.66
CA LEU B 134 9.87 -20.42 7.19
C LEU B 134 8.97 -21.27 8.04
N VAL B 135 8.30 -20.63 8.99
CA VAL B 135 7.32 -21.28 9.82
C VAL B 135 6.01 -21.52 9.03
N ASP B 136 5.44 -22.69 9.25
CA ASP B 136 4.22 -23.09 8.60
C ASP B 136 3.18 -21.96 8.46
N ASP B 137 2.97 -21.20 9.53
CA ASP B 137 1.84 -20.26 9.59
C ASP B 137 2.22 -18.77 9.48
N TRP B 138 3.40 -18.51 8.94
CA TRP B 138 3.79 -17.17 8.58
C TRP B 138 3.06 -16.83 7.29
N TRP B 139 2.59 -15.58 7.16
CA TRP B 139 1.94 -15.16 5.93
C TRP B 139 2.94 -15.01 4.79
N PRO B 140 2.75 -15.77 3.69
CA PRO B 140 3.58 -15.66 2.50
C PRO B 140 3.71 -14.23 2.00
N GLU B 141 2.67 -13.42 2.14
CA GLU B 141 2.73 -12.02 1.69
C GLU B 141 3.56 -11.09 2.60
N ASP B 142 4.15 -11.65 3.67
CA ASP B 142 5.10 -10.91 4.48
C ASP B 142 6.52 -11.19 4.00
N GLU B 143 6.67 -12.27 3.26
CA GLU B 143 7.99 -12.78 2.89
C GLU B 143 9.01 -11.77 2.34
N PRO B 144 8.59 -10.85 1.44
CA PRO B 144 9.59 -9.96 0.86
C PRO B 144 10.28 -9.04 1.85
N TYR B 145 9.65 -8.76 2.98
CA TYR B 145 10.21 -7.85 3.96
C TYR B 145 11.23 -8.48 4.89
N ALA B 146 12.19 -7.65 5.30
CA ALA B 146 13.28 -8.04 6.21
C ALA B 146 12.87 -8.96 7.36
N TYR B 147 11.81 -8.57 8.07
CA TYR B 147 11.39 -9.29 9.27
C TYR B 147 10.86 -10.70 9.00
N SER B 148 10.78 -11.08 7.73
CA SER B 148 10.30 -12.40 7.32
C SER B 148 11.28 -13.11 6.40
N ALA B 149 12.56 -12.82 6.58
CA ALA B 149 13.62 -13.43 5.79
C ALA B 149 13.78 -14.88 6.20
N GLN B 150 14.27 -15.68 5.26
CA GLN B 150 14.44 -17.12 5.43
C GLN B 150 15.52 -17.46 6.47
N ILE B 151 15.30 -18.52 7.21
CA ILE B 151 16.27 -18.95 8.21
C ILE B 151 17.24 -20.00 7.64
N SER B 152 18.51 -19.65 7.66
CA SER B 152 19.59 -20.53 7.26
C SER B 152 20.75 -20.32 8.22
N ALA B 153 21.58 -21.35 8.39
CA ALA B 153 22.77 -21.25 9.22
C ALA B 153 23.87 -20.40 8.56
N LEU B 154 23.81 -20.32 7.23
CA LEU B 154 24.75 -19.52 6.43
C LEU B 154 23.99 -18.37 5.77
N THR B 155 23.93 -17.24 6.47
CA THR B 155 23.22 -16.07 5.96
C THR B 155 24.05 -14.80 6.19
N VAL B 156 24.04 -13.91 5.20
CA VAL B 156 24.84 -12.69 5.28
C VAL B 156 24.07 -11.58 6.01
N ALA B 157 24.66 -11.09 7.09
CA ALA B 157 24.01 -10.07 7.91
C ALA B 157 24.28 -8.70 7.31
N HIS B 158 23.23 -7.90 7.20
CA HIS B 158 23.34 -6.58 6.59
C HIS B 158 23.37 -5.50 7.64
N GLY B 159 24.34 -4.59 7.49
CA GLY B 159 24.48 -3.43 8.34
C GLY B 159 24.84 -3.76 9.78
N GLU B 160 24.86 -2.73 10.63
CA GLU B 160 25.29 -2.88 12.01
C GLU B 160 24.20 -3.45 12.90
N ARG B 161 22.96 -3.47 12.39
CA ARG B 161 21.83 -4.11 13.06
C ARG B 161 21.69 -5.57 12.65
N PHE B 162 22.56 -5.99 11.73
CA PHE B 162 22.70 -7.38 11.30
C PHE B 162 21.39 -8.02 10.82
N ASP B 163 20.65 -7.27 10.01
CA ASP B 163 19.44 -7.78 9.39
C ASP B 163 19.84 -8.82 8.34
N THR B 164 19.49 -10.09 8.61
CA THR B 164 19.95 -11.22 7.79
C THR B 164 19.05 -11.53 6.59
N GLY B 165 19.60 -12.30 5.65
CA GLY B 165 18.85 -12.76 4.47
C GLY B 165 18.36 -11.67 3.55
N VAL B 166 18.84 -10.45 3.80
CA VAL B 166 18.32 -9.29 3.10
C VAL B 166 19.31 -8.74 2.06
N THR B 167 18.91 -7.66 1.40
CA THR B 167 19.68 -7.04 0.32
C THR B 167 19.18 -5.62 0.10
N GLU B 168 20.10 -4.68 -0.09
CA GLU B 168 19.74 -3.28 -0.32
C GLU B 168 19.36 -3.05 -1.79
N VAL B 169 18.08 -2.82 -2.03
CA VAL B 169 17.62 -2.44 -3.36
C VAL B 169 17.55 -0.93 -3.43
N SER B 170 18.29 -0.34 -4.36
CA SER B 170 18.26 1.09 -4.60
C SER B 170 17.51 1.41 -5.89
N VAL B 171 16.57 2.34 -5.80
CA VAL B 171 15.89 2.80 -6.99
C VAL B 171 16.18 4.28 -7.12
N THR B 172 16.65 4.66 -8.31
CA THR B 172 17.08 6.02 -8.58
C THR B 172 16.40 6.53 -9.85
N PRO B 173 16.06 7.83 -9.89
CA PRO B 173 15.37 8.42 -11.03
C PRO B 173 16.31 8.72 -12.19
N ALA B 174 15.84 8.44 -13.40
CA ALA B 174 16.55 8.85 -14.60
C ALA B 174 15.99 10.22 -14.94
N ALA B 175 15.58 10.39 -16.19
CA ALA B 175 14.90 11.60 -16.60
C ALA B 175 13.50 11.22 -17.08
N GLU B 176 12.50 11.95 -16.56
CA GLU B 176 11.07 11.73 -16.81
C GLU B 176 10.67 10.99 -18.09
N GLY B 177 9.85 9.96 -17.93
CA GLY B 177 9.39 9.13 -19.03
C GLY B 177 10.23 7.88 -19.19
N GLU B 178 11.47 7.94 -18.69
CA GLU B 178 12.42 6.83 -18.77
C GLU B 178 12.14 5.84 -17.66
N PRO B 179 12.44 4.56 -17.88
CA PRO B 179 12.41 3.62 -16.77
C PRO B 179 13.48 4.01 -15.76
N ALA B 180 13.20 3.80 -14.48
CA ALA B 180 14.15 4.12 -13.41
C ALA B 180 15.36 3.18 -13.39
N ASP B 181 16.42 3.59 -12.71
CA ASP B 181 17.59 2.74 -12.55
C ASP B 181 17.57 2.12 -11.16
N VAL B 182 17.68 0.80 -11.13
CA VAL B 182 17.63 0.01 -9.92
C VAL B 182 18.94 -0.75 -9.71
N ASP B 183 19.37 -0.86 -8.46
CA ASP B 183 20.52 -1.68 -8.08
C ASP B 183 20.16 -2.62 -6.94
N LEU B 184 20.26 -3.93 -7.17
CA LEU B 184 19.87 -4.93 -6.18
C LEU B 184 20.93 -5.13 -5.11
N GLY B 185 21.78 -4.11 -4.91
CA GLY B 185 22.86 -4.14 -3.92
C GLY B 185 23.69 -5.41 -3.97
N ALA B 186 23.82 -6.05 -2.81
CA ALA B 186 24.56 -7.31 -2.67
C ALA B 186 24.06 -8.44 -3.57
N ALA B 187 22.78 -8.37 -3.94
CA ALA B 187 22.13 -9.46 -4.67
C ALA B 187 22.27 -9.37 -6.20
N GLU B 188 23.22 -8.56 -6.67
CA GLU B 188 23.44 -8.40 -8.09
C GLU B 188 24.07 -9.66 -8.66
N GLY B 189 23.48 -10.17 -9.74
CA GLY B 189 23.95 -11.40 -10.38
C GLY B 189 23.49 -12.63 -9.63
N TYR B 190 22.57 -12.42 -8.67
CA TYR B 190 21.97 -13.51 -7.93
C TYR B 190 20.48 -13.56 -8.21
N ALA B 191 19.77 -12.52 -7.75
CA ALA B 191 18.34 -12.40 -7.96
C ALA B 191 18.03 -11.87 -9.34
N GLU B 192 16.88 -12.26 -9.88
CA GLU B 192 16.35 -11.68 -11.10
C GLU B 192 15.78 -10.29 -10.80
N LEU B 193 15.89 -9.40 -11.77
CA LEU B 193 15.28 -8.07 -11.64
C LEU B 193 14.15 -7.92 -12.67
N ASP B 194 12.94 -7.65 -12.17
CA ASP B 194 11.81 -7.35 -13.04
C ASP B 194 11.39 -5.87 -12.95
N ASN B 195 12.11 -5.02 -13.68
CA ASN B 195 11.96 -3.58 -13.61
C ASN B 195 10.99 -3.00 -14.64
N ARG B 196 9.76 -2.75 -14.18
CA ARG B 196 8.73 -2.13 -15.02
C ARG B 196 8.33 -0.76 -14.45
N ALA B 197 9.20 -0.19 -13.62
CA ALA B 197 8.98 1.13 -13.02
C ALA B 197 9.31 2.23 -14.01
N VAL B 198 8.92 3.45 -13.68
CA VAL B 198 9.12 4.62 -14.54
C VAL B 198 9.57 5.84 -13.70
N THR B 199 9.92 6.93 -14.38
CA THR B 199 10.29 8.19 -13.74
C THR B 199 9.20 9.23 -14.02
N GLY B 200 8.73 9.88 -12.96
CA GLY B 200 7.69 10.91 -13.07
C GLY B 200 8.27 12.31 -13.08
N ALA B 201 7.44 13.28 -13.44
CA ALA B 201 7.82 14.69 -13.42
C ALA B 201 8.31 15.05 -12.03
N ALA B 202 9.28 15.96 -11.94
CA ALA B 202 9.72 16.47 -10.65
C ALA B 202 8.51 16.99 -9.85
N GLY B 203 8.60 16.89 -8.52
CA GLY B 203 7.52 17.31 -7.62
C GLY B 203 6.26 16.44 -7.68
N SER B 204 6.32 15.33 -8.43
CA SER B 204 5.19 14.42 -8.57
C SER B 204 5.26 13.38 -7.47
N ALA B 205 4.25 12.51 -7.42
CA ALA B 205 4.09 11.59 -6.30
C ALA B 205 4.82 10.25 -6.46
N ASN B 206 5.50 9.83 -5.39
CA ASN B 206 6.18 8.55 -5.33
C ASN B 206 5.20 7.37 -5.21
N THR B 207 4.95 6.68 -6.33
CA THR B 207 4.04 5.53 -6.34
C THR B 207 4.80 4.21 -6.52
N LEU B 208 6.08 4.23 -6.13
CA LEU B 208 7.02 3.13 -6.37
C LEU B 208 6.77 1.95 -5.45
N VAL B 209 6.89 0.75 -6.03
CA VAL B 209 6.71 -0.52 -5.29
C VAL B 209 7.85 -1.51 -5.56
N ILE B 210 8.49 -1.98 -4.48
CA ILE B 210 9.54 -3.00 -4.55
C ILE B 210 9.04 -4.29 -3.89
N ASP B 211 8.66 -5.25 -4.73
CA ASP B 211 8.05 -6.52 -4.32
C ASP B 211 8.99 -7.68 -4.58
N ARG B 212 8.72 -8.82 -3.95
CA ARG B 212 9.26 -10.11 -4.40
C ARG B 212 8.11 -11.11 -4.61
N PRO B 213 7.67 -11.30 -5.87
CA PRO B 213 6.57 -12.23 -6.17
C PRO B 213 6.78 -13.56 -5.49
N VAL B 214 5.72 -14.11 -4.92
CA VAL B 214 5.82 -15.27 -4.06
C VAL B 214 6.46 -16.47 -4.75
N GLY B 215 7.34 -17.16 -4.03
CA GLY B 215 7.93 -18.39 -4.54
C GLY B 215 9.07 -18.18 -5.53
N THR B 216 9.33 -16.92 -5.90
CA THR B 216 10.39 -16.59 -6.86
C THR B 216 11.58 -15.97 -6.13
N ASN B 217 12.70 -15.88 -6.83
CA ASN B 217 13.85 -15.14 -6.34
C ASN B 217 14.01 -13.82 -7.11
N THR B 218 12.88 -13.25 -7.50
CA THR B 218 12.82 -12.09 -8.40
C THR B 218 12.48 -10.83 -7.61
N ILE B 219 13.21 -9.74 -7.88
CA ILE B 219 12.87 -8.46 -7.30
C ILE B 219 12.14 -7.65 -8.35
N ALA B 220 10.86 -7.43 -8.13
CA ALA B 220 10.06 -6.70 -9.09
C ALA B 220 9.84 -5.28 -8.60
N VAL B 221 10.18 -4.31 -9.45
CA VAL B 221 9.94 -2.92 -9.09
C VAL B 221 8.94 -2.30 -10.04
N THR B 222 7.76 -2.00 -9.50
CA THR B 222 6.70 -1.33 -10.24
C THR B 222 6.55 0.08 -9.68
N GLY B 223 5.74 0.91 -10.33
CA GLY B 223 5.39 2.22 -9.79
C GLY B 223 6.10 3.40 -10.41
N SER B 224 5.92 4.59 -9.80
CA SER B 224 6.49 5.81 -10.34
C SER B 224 7.37 6.50 -9.30
N LEU B 225 8.42 7.17 -9.78
CA LEU B 225 9.38 7.88 -8.94
C LEU B 225 9.74 9.23 -9.57
N PRO B 226 9.64 10.32 -8.78
CA PRO B 226 9.89 11.64 -9.35
C PRO B 226 11.37 11.89 -9.67
N ALA B 227 11.62 12.62 -10.77
CA ALA B 227 12.96 12.93 -11.23
C ALA B 227 13.80 13.60 -10.15
N ASP B 228 13.19 14.50 -9.40
CA ASP B 228 13.93 15.25 -8.40
C ASP B 228 14.26 14.44 -7.13
N ALA B 229 13.74 13.21 -7.06
CA ALA B 229 13.90 12.41 -5.85
C ALA B 229 15.34 11.95 -5.64
N ALA B 230 15.72 11.88 -4.36
CA ALA B 230 17.00 11.32 -3.92
C ALA B 230 16.90 9.78 -3.90
N PRO B 231 18.03 9.08 -3.68
CA PRO B 231 18.03 7.63 -3.57
C PRO B 231 16.95 7.02 -2.67
N VAL B 232 16.21 6.06 -3.24
CA VAL B 232 15.26 5.23 -2.51
C VAL B 232 15.88 3.86 -2.25
N THR B 233 15.96 3.46 -0.98
CA THR B 233 16.48 2.14 -0.64
C THR B 233 15.53 1.42 0.29
N ALA B 234 15.65 0.09 0.30
CA ALA B 234 14.81 -0.77 1.12
C ALA B 234 15.40 -2.17 1.16
N LEU B 235 15.53 -2.70 2.38
CA LEU B 235 16.00 -4.05 2.61
C LEU B 235 14.96 -5.06 2.15
N ARG B 236 15.36 -5.94 1.23
CA ARG B 236 14.47 -7.01 0.75
C ARG B 236 15.01 -8.41 1.00
N THR B 237 14.18 -9.42 0.84
CA THR B 237 14.63 -10.78 1.07
C THR B 237 15.01 -11.49 -0.23
N VAL B 238 15.87 -12.50 -0.10
CA VAL B 238 16.31 -13.34 -1.20
C VAL B 238 15.84 -14.75 -0.96
N ASP B 239 15.82 -15.56 -2.01
CA ASP B 239 15.56 -16.98 -1.84
C ASP B 239 16.87 -17.75 -1.61
N GLU B 240 16.89 -18.55 -0.55
CA GLU B 240 18.10 -19.24 -0.10
C GLU B 240 19.16 -18.22 0.31
N PRO B 241 19.08 -17.70 1.55
CA PRO B 241 20.06 -16.79 2.14
C PRO B 241 21.50 -17.32 2.13
N ALA B 242 21.66 -18.64 1.99
CA ALA B 242 22.97 -19.26 1.91
C ALA B 242 23.54 -19.17 0.51
N ALA B 243 22.71 -19.44 -0.49
CA ALA B 243 23.17 -19.37 -1.87
C ALA B 243 23.61 -17.94 -2.18
N LEU B 244 22.99 -16.97 -1.49
CA LEU B 244 23.42 -15.58 -1.59
C LEU B 244 24.79 -15.41 -0.94
N ALA B 245 24.96 -15.95 0.27
CA ALA B 245 26.27 -16.00 0.91
C ALA B 245 27.27 -16.79 0.07
N GLY B 246 26.75 -17.65 -0.81
CA GLY B 246 27.56 -18.42 -1.74
C GLY B 246 27.94 -17.59 -2.94
N HIS B 247 26.98 -16.81 -3.44
CA HIS B 247 27.19 -15.89 -4.56
C HIS B 247 28.17 -14.76 -4.18
N LEU B 248 28.08 -14.32 -2.94
CA LEU B 248 28.92 -13.25 -2.40
C LEU B 248 30.35 -13.69 -2.16
N PHE B 249 30.55 -14.98 -1.91
CA PHE B 249 31.86 -15.52 -1.58
C PHE B 249 32.73 -15.71 -2.82
N GLU B 250 32.10 -16.07 -3.95
CA GLU B 250 32.82 -16.08 -5.21
C GLU B 250 33.40 -14.69 -5.43
N GLU B 251 32.53 -13.68 -5.43
CA GLU B 251 32.93 -12.30 -5.68
C GLU B 251 34.04 -11.79 -4.75
N ALA B 252 34.09 -12.31 -3.53
CA ALA B 252 35.13 -11.95 -2.57
C ALA B 252 36.42 -12.71 -2.84
N LEU B 253 36.32 -13.89 -3.43
CA LEU B 253 37.50 -14.66 -3.84
C LEU B 253 38.14 -14.09 -5.12
N GLU B 254 37.31 -13.83 -6.13
CA GLU B 254 37.74 -13.18 -7.35
C GLU B 254 38.47 -11.88 -7.00
N SER B 255 38.04 -11.29 -5.87
CA SER B 255 38.60 -10.04 -5.34
C SER B 255 39.93 -10.25 -4.59
N ASN B 256 40.21 -11.49 -4.19
CA ASN B 256 41.46 -11.81 -3.50
C ASN B 256 42.29 -12.87 -4.24
N GLY B 257 42.41 -12.71 -5.56
CA GLY B 257 43.28 -13.53 -6.38
C GLY B 257 42.81 -14.94 -6.70
N VAL B 258 41.78 -15.41 -6.01
CA VAL B 258 41.32 -16.79 -6.20
C VAL B 258 40.21 -16.87 -7.25
N THR B 259 40.34 -17.83 -8.17
CA THR B 259 39.37 -18.04 -9.23
C THR B 259 38.46 -19.22 -8.88
N VAL B 260 37.28 -19.27 -9.48
CA VAL B 260 36.39 -20.43 -9.39
C VAL B 260 36.01 -20.82 -10.81
N LYS B 261 36.43 -22.01 -11.25
CA LYS B 261 36.21 -22.42 -12.63
C LYS B 261 34.84 -23.10 -12.86
N GLY B 262 34.17 -23.44 -11.76
CA GLY B 262 32.86 -24.09 -11.82
C GLY B 262 31.73 -23.28 -11.19
N ASP B 263 30.64 -23.97 -10.86
CA ASP B 263 29.39 -23.32 -10.47
C ASP B 263 29.28 -23.09 -8.97
N VAL B 264 28.51 -22.07 -8.61
CA VAL B 264 28.22 -21.77 -7.21
C VAL B 264 26.83 -22.32 -6.86
N GLY B 265 26.76 -23.11 -5.79
CA GLY B 265 25.50 -23.76 -5.41
C GLY B 265 25.41 -24.11 -3.94
N LEU B 266 24.45 -24.97 -3.62
CA LEU B 266 24.25 -25.45 -2.25
C LEU B 266 24.68 -26.90 -2.12
N GLY B 267 25.39 -27.20 -1.05
CA GLY B 267 25.90 -28.54 -0.82
C GLY B 267 26.58 -28.66 0.54
N GLY B 268 26.27 -29.74 1.25
CA GLY B 268 26.89 -30.00 2.53
C GLY B 268 28.25 -30.64 2.37
N VAL B 269 29.16 -30.34 3.30
CA VAL B 269 30.47 -30.98 3.35
C VAL B 269 30.28 -32.50 3.24
N PRO B 270 30.89 -33.12 2.21
CA PRO B 270 30.74 -34.55 1.95
C PRO B 270 31.25 -35.41 3.10
N ALA B 271 30.60 -36.55 3.30
CA ALA B 271 30.86 -37.41 4.44
C ALA B 271 32.25 -38.06 4.43
N ASP B 272 32.80 -38.30 3.24
CA ASP B 272 34.13 -38.91 3.10
C ASP B 272 35.32 -37.95 3.31
N TRP B 273 35.03 -36.73 3.76
CA TRP B 273 36.06 -35.73 4.08
C TRP B 273 36.42 -35.80 5.55
N GLN B 274 37.25 -36.79 5.88
CA GLN B 274 37.61 -37.08 7.26
C GLN B 274 38.63 -36.07 7.77
N ASP B 275 39.61 -35.76 6.93
CA ASP B 275 40.73 -34.88 7.28
C ASP B 275 40.61 -33.55 6.54
N ALA B 276 39.51 -32.84 6.80
CA ALA B 276 39.20 -31.57 6.13
C ALA B 276 40.17 -30.46 6.50
N GLU B 277 40.61 -29.72 5.48
CA GLU B 277 41.53 -28.61 5.64
C GLU B 277 40.80 -27.27 5.76
N VAL B 278 40.74 -26.74 6.98
CA VAL B 278 40.11 -25.44 7.26
C VAL B 278 41.05 -24.32 6.79
N LEU B 279 40.72 -23.74 5.64
CA LEU B 279 41.56 -22.74 4.98
C LEU B 279 41.32 -21.35 5.55
N ALA B 280 40.06 -21.05 5.85
CA ALA B 280 39.68 -19.77 6.42
C ALA B 280 38.59 -20.01 7.44
N ASP B 281 38.70 -19.38 8.61
CA ASP B 281 37.58 -19.41 9.55
C ASP B 281 37.27 -18.05 10.17
N HIS B 282 36.13 -18.00 10.87
CA HIS B 282 35.64 -16.78 11.50
C HIS B 282 34.86 -17.11 12.77
N THR B 283 34.66 -16.11 13.60
CA THR B 283 33.93 -16.22 14.86
C THR B 283 33.17 -14.92 15.13
N SER B 284 31.91 -15.05 15.54
CA SER B 284 31.08 -13.91 15.91
C SER B 284 31.49 -13.34 17.27
N ALA B 285 30.86 -12.24 17.68
CA ALA B 285 30.98 -11.75 19.05
C ALA B 285 30.27 -12.71 20.00
N GLU B 286 30.33 -12.42 21.28
CA GLU B 286 29.71 -13.30 22.27
C GLU B 286 28.21 -13.04 22.36
N LEU B 287 27.48 -13.99 22.94
CA LEU B 287 26.03 -13.90 23.02
C LEU B 287 25.55 -12.64 23.74
N SER B 288 26.24 -12.26 24.82
CA SER B 288 25.91 -11.05 25.56
C SER B 288 25.94 -9.81 24.66
N GLU B 289 26.96 -9.76 23.81
CA GLU B 289 27.13 -8.67 22.86
C GLU B 289 26.19 -8.73 21.66
N ILE B 290 25.77 -9.94 21.29
CA ILE B 290 24.79 -10.12 20.22
C ILE B 290 23.37 -9.79 20.71
N LEU B 291 23.11 -10.01 22.00
CA LEU B 291 21.79 -9.73 22.59
C LEU B 291 21.35 -8.27 22.46
N VAL B 292 22.13 -7.46 21.76
CA VAL B 292 21.86 -6.03 21.69
C VAL B 292 21.20 -5.64 20.35
N PRO B 293 21.84 -5.93 19.19
CA PRO B 293 21.12 -5.69 17.95
C PRO B 293 19.90 -6.62 17.79
N PHE B 294 19.82 -7.63 18.66
CA PHE B 294 18.71 -8.56 18.66
C PHE B 294 17.53 -7.99 19.44
N MET B 295 17.75 -7.74 20.74
CA MET B 295 16.68 -7.29 21.63
C MET B 295 16.28 -5.84 21.42
N LYS B 296 17.25 -4.98 21.14
CA LYS B 296 16.99 -3.55 21.00
C LYS B 296 16.13 -3.27 19.78
N PHE B 297 16.39 -4.00 18.69
CA PHE B 297 15.76 -3.73 17.41
C PHE B 297 14.69 -4.73 17.04
N SER B 298 14.53 -5.77 17.86
CA SER B 298 13.52 -6.80 17.61
C SER B 298 13.77 -7.50 16.26
N ASN B 299 15.02 -7.89 16.05
CA ASN B 299 15.44 -8.71 14.93
C ASN B 299 14.76 -10.07 14.98
N ASN B 300 14.07 -10.44 13.90
CA ASN B 300 13.39 -11.74 13.85
C ASN B 300 14.32 -12.93 13.52
N GLY B 301 15.20 -12.77 12.53
CA GLY B 301 16.20 -13.79 12.18
C GLY B 301 17.12 -14.26 13.30
N HIS B 302 17.52 -13.34 14.19
CA HIS B 302 18.34 -13.74 15.33
C HIS B 302 17.55 -14.73 16.16
N ALA B 303 16.28 -14.42 16.40
CA ALA B 303 15.43 -15.21 17.29
C ALA B 303 15.31 -16.66 16.83
N GLU B 304 15.04 -16.85 15.54
CA GLU B 304 14.79 -18.20 15.02
C GLU B 304 16.09 -18.98 14.94
N MET B 305 17.17 -18.31 14.56
CA MET B 305 18.50 -18.93 14.52
C MET B 305 18.90 -19.39 15.91
N LEU B 306 18.68 -18.53 16.90
CA LEU B 306 18.94 -18.86 18.29
C LEU B 306 18.15 -20.07 18.77
N VAL B 307 16.87 -20.13 18.39
CA VAL B 307 16.04 -21.32 18.65
C VAL B 307 16.65 -22.55 17.99
N LYS B 308 16.99 -22.44 16.71
CA LYS B 308 17.62 -23.55 16.00
C LYS B 308 18.94 -23.96 16.64
N SER B 309 19.78 -22.97 16.95
CA SER B 309 21.02 -23.23 17.68
C SER B 309 20.74 -23.89 19.02
N ILE B 310 19.78 -23.36 19.79
CA ILE B 310 19.34 -24.04 21.02
C ILE B 310 19.08 -25.51 20.72
N GLY B 311 18.40 -25.76 19.60
CA GLY B 311 18.15 -27.12 19.12
C GLY B 311 19.43 -27.92 19.01
N GLN B 312 20.39 -27.38 18.26
CA GLN B 312 21.69 -28.04 18.07
C GLN B 312 22.41 -28.39 19.36
N GLU B 313 22.39 -27.47 20.31
CA GLU B 313 23.04 -27.70 21.59
C GLU B 313 22.40 -28.90 22.27
N THR B 314 21.07 -28.84 22.43
CA THR B 314 20.35 -29.81 23.27
C THR B 314 20.23 -31.20 22.67
N ALA B 315 20.04 -31.29 21.36
CA ALA B 315 19.85 -32.58 20.71
C ALA B 315 20.32 -32.64 19.26
N GLY B 316 21.44 -31.99 18.98
CA GLY B 316 22.13 -32.11 17.69
C GLY B 316 21.28 -31.91 16.46
N ALA B 317 20.27 -31.03 16.59
CA ALA B 317 19.38 -30.74 15.48
C ALA B 317 19.07 -29.25 15.41
N GLY B 318 19.39 -28.64 14.26
CA GLY B 318 19.09 -27.24 14.03
C GLY B 318 17.69 -27.16 13.48
N THR B 319 16.71 -27.16 14.38
CA THR B 319 15.33 -27.48 14.06
C THR B 319 14.36 -26.84 15.05
N TRP B 320 13.29 -26.23 14.54
CA TRP B 320 12.25 -25.67 15.41
C TRP B 320 11.68 -26.70 16.38
N ASP B 321 11.48 -27.93 15.91
CA ASP B 321 11.04 -29.03 16.78
C ASP B 321 11.95 -29.21 18.00
N ALA B 322 13.26 -29.28 17.75
CA ALA B 322 14.25 -29.53 18.81
C ALA B 322 14.49 -28.30 19.67
N GLY B 323 14.64 -27.15 19.02
CA GLY B 323 14.98 -25.89 19.68
C GLY B 323 13.91 -25.39 20.65
N LEU B 324 12.67 -25.36 20.17
CA LEU B 324 11.50 -25.03 20.95
C LEU B 324 11.26 -25.97 22.14
N VAL B 325 11.66 -27.23 21.99
CA VAL B 325 11.63 -28.20 23.08
C VAL B 325 12.78 -27.86 24.01
N GLY B 326 13.89 -27.47 23.41
CA GLY B 326 15.06 -27.01 24.15
C GLY B 326 14.73 -25.78 24.97
N VAL B 327 13.98 -24.86 24.37
CA VAL B 327 13.52 -23.61 24.99
C VAL B 327 12.68 -23.89 26.23
N GLU B 328 11.70 -24.77 26.12
CA GLU B 328 10.84 -25.12 27.25
C GLU B 328 11.59 -25.86 28.37
N GLU B 329 12.60 -26.67 28.02
CA GLU B 329 13.46 -27.30 29.02
C GLU B 329 14.14 -26.21 29.87
N ALA B 330 14.85 -25.31 29.19
CA ALA B 330 15.63 -24.23 29.81
C ALA B 330 14.81 -23.39 30.76
N LEU B 331 13.57 -23.11 30.38
CA LEU B 331 12.67 -22.27 31.17
C LEU B 331 12.20 -22.96 32.44
N SER B 332 12.03 -24.28 32.35
CA SER B 332 11.65 -25.09 33.50
C SER B 332 12.77 -25.21 34.53
N GLY B 333 14.02 -25.21 34.07
CA GLY B 333 15.19 -25.26 34.94
C GLY B 333 15.47 -23.94 35.64
N LEU B 334 14.77 -22.90 35.18
CA LEU B 334 14.93 -21.56 35.69
C LEU B 334 13.73 -21.15 36.55
N GLY B 335 12.87 -22.10 36.89
CA GLY B 335 11.75 -21.85 37.81
C GLY B 335 10.41 -21.44 37.22
N VAL B 336 10.37 -21.15 35.92
CA VAL B 336 9.18 -20.65 35.25
C VAL B 336 8.10 -21.73 35.04
N ASP B 337 6.84 -21.40 35.36
CA ASP B 337 5.71 -22.29 35.11
C ASP B 337 5.22 -22.08 33.68
N THR B 338 5.49 -23.09 32.84
CA THR B 338 5.27 -22.98 31.41
C THR B 338 3.89 -23.49 30.99
N ALA B 339 3.11 -23.91 31.98
CA ALA B 339 1.78 -24.48 31.76
C ALA B 339 0.99 -23.79 30.65
N GLY B 340 0.94 -22.46 30.73
CA GLY B 340 0.14 -21.67 29.82
C GLY B 340 0.87 -21.17 28.58
N LEU B 341 2.18 -21.40 28.51
CA LEU B 341 2.98 -20.96 27.37
C LEU B 341 2.81 -21.91 26.19
N VAL B 342 2.75 -21.36 24.97
CA VAL B 342 2.72 -22.17 23.74
C VAL B 342 3.71 -21.63 22.70
N LEU B 343 4.68 -22.45 22.32
CA LEU B 343 5.81 -22.05 21.51
C LEU B 343 5.70 -22.59 20.10
N ASN B 344 5.64 -21.69 19.13
CA ASN B 344 5.59 -22.04 17.71
C ASN B 344 6.78 -21.51 16.89
N ASP B 345 7.37 -20.41 17.35
CA ASP B 345 8.62 -19.89 16.79
C ASP B 345 9.38 -19.20 17.92
N GLY B 346 10.53 -18.60 17.60
CA GLY B 346 11.34 -17.91 18.60
C GLY B 346 11.17 -16.40 18.69
N SER B 347 10.68 -15.79 17.59
CA SER B 347 10.48 -14.34 17.51
C SER B 347 9.09 -13.88 17.89
N GLY B 348 8.11 -14.75 17.71
CA GLY B 348 6.74 -14.39 18.01
C GLY B 348 6.05 -13.77 16.80
N LEU B 349 6.66 -13.91 15.63
CA LEU B 349 6.02 -13.52 14.39
C LEU B 349 4.78 -14.39 14.15
N SER B 350 4.90 -15.67 14.52
CA SER B 350 3.82 -16.62 14.31
C SER B 350 2.63 -16.32 15.23
N ARG B 351 1.44 -16.57 14.71
CA ARG B 351 0.22 -16.41 15.49
C ARG B 351 -0.07 -17.68 16.29
N GLY B 352 0.68 -18.74 16.02
CA GLY B 352 0.60 -19.96 16.78
C GLY B 352 1.14 -19.85 18.20
N ASN B 353 1.78 -18.74 18.52
CA ASN B 353 2.35 -18.52 19.86
C ASN B 353 1.33 -18.04 20.88
N LEU B 354 1.50 -18.49 22.12
CA LEU B 354 0.69 -18.00 23.25
C LEU B 354 1.55 -17.83 24.49
N VAL B 355 1.21 -16.81 25.28
CA VAL B 355 1.87 -16.51 26.57
C VAL B 355 0.81 -16.04 27.56
N THR B 356 1.24 -15.77 28.79
CA THR B 356 0.39 -15.03 29.73
C THR B 356 1.21 -13.94 30.41
N ALA B 357 0.52 -12.98 31.03
CA ALA B 357 1.18 -11.94 31.84
C ALA B 357 1.95 -12.55 33.02
N ASP B 358 1.31 -13.53 33.69
CA ASP B 358 1.95 -14.31 34.73
C ASP B 358 3.22 -14.96 34.21
N THR B 359 3.12 -15.78 33.17
CA THR B 359 4.29 -16.43 32.56
C THR B 359 5.44 -15.45 32.26
N VAL B 360 5.09 -14.28 31.74
CA VAL B 360 6.08 -13.26 31.41
C VAL B 360 6.69 -12.71 32.70
N VAL B 361 5.83 -12.27 33.63
CA VAL B 361 6.29 -11.74 34.92
C VAL B 361 7.10 -12.76 35.72
N ASP B 362 6.68 -14.02 35.69
CA ASP B 362 7.40 -15.13 36.29
C ASP B 362 8.79 -15.15 35.68
N LEU B 363 8.85 -15.08 34.35
CA LEU B 363 10.13 -15.11 33.64
C LEU B 363 10.99 -13.92 34.06
N LEU B 364 10.35 -12.78 34.29
CA LEU B 364 11.07 -11.58 34.70
C LEU B 364 11.63 -11.70 36.11
N GLY B 365 10.88 -12.36 36.99
CA GLY B 365 11.30 -12.59 38.37
C GLY B 365 12.40 -13.63 38.51
N GLN B 366 12.55 -14.44 37.46
CA GLN B 366 13.51 -15.53 37.45
C GLN B 366 14.72 -15.25 36.57
N ALA B 367 14.59 -14.29 35.65
CA ALA B 367 15.71 -13.83 34.84
C ALA B 367 16.58 -12.88 35.66
N GLY B 368 15.95 -12.21 36.63
CA GLY B 368 16.56 -11.15 37.42
C GLY B 368 17.77 -11.57 38.25
N SER B 369 17.76 -12.81 38.72
CA SER B 369 18.89 -13.37 39.46
C SER B 369 19.41 -14.61 38.75
N ALA B 370 20.49 -14.41 37.99
CA ALA B 370 21.07 -15.44 37.14
C ALA B 370 22.50 -15.01 36.73
N PRO B 371 23.30 -15.96 36.18
CA PRO B 371 24.66 -15.60 35.73
C PRO B 371 24.72 -14.68 34.50
N TRP B 372 23.60 -14.04 34.20
CA TRP B 372 23.52 -13.14 33.05
C TRP B 372 22.50 -12.03 33.27
N ALA B 373 21.85 -12.08 34.44
CA ALA B 373 20.92 -11.07 34.92
C ALA B 373 21.11 -9.67 34.31
N GLN B 374 22.35 -9.18 34.34
CA GLN B 374 22.65 -7.85 33.81
C GLN B 374 22.67 -7.78 32.28
N THR B 375 23.56 -8.51 31.62
CA THR B 375 23.67 -8.43 30.15
C THR B 375 22.33 -8.67 29.45
N TRP B 376 21.42 -9.34 30.17
CA TRP B 376 20.05 -9.53 29.77
C TRP B 376 19.26 -8.22 29.93
N SER B 377 19.37 -7.60 31.10
CA SER B 377 18.73 -6.32 31.37
C SER B 377 19.25 -5.20 30.46
N ALA B 378 20.54 -5.31 30.12
CA ALA B 378 21.23 -4.35 29.26
C ALA B 378 20.73 -4.41 27.82
N SER B 379 20.29 -5.59 27.40
CA SER B 379 19.75 -5.78 26.06
C SER B 379 18.34 -5.20 25.92
N LEU B 380 17.62 -5.08 27.04
CA LEU B 380 16.26 -4.59 27.01
C LEU B 380 16.23 -3.09 26.73
N PRO B 381 15.43 -2.67 25.72
CA PRO B 381 15.28 -1.26 25.39
C PRO B 381 15.14 -0.37 26.63
N VAL B 382 15.78 0.79 26.59
CA VAL B 382 15.68 1.77 27.65
C VAL B 382 14.78 2.92 27.16
N ALA B 383 13.73 3.21 27.91
CA ALA B 383 12.70 4.17 27.50
C ALA B 383 13.26 5.54 27.17
N GLY B 384 12.80 6.12 26.05
CA GLY B 384 13.12 7.49 25.68
C GLY B 384 14.55 7.84 25.27
N GLU B 385 15.40 6.82 25.08
CA GLU B 385 16.82 7.07 24.80
C GLU B 385 17.12 7.38 23.34
N SER B 386 17.68 8.56 23.11
CA SER B 386 18.06 9.07 21.79
C SER B 386 18.83 8.05 20.96
N ASP B 387 19.92 7.52 21.53
CA ASP B 387 20.76 6.51 20.90
C ASP B 387 19.95 5.27 20.61
N PRO B 388 19.80 4.91 19.31
CA PRO B 388 19.01 3.77 18.86
C PRO B 388 19.52 2.46 19.44
N PHE B 389 20.82 2.36 19.65
CA PHE B 389 21.43 1.17 20.24
C PHE B 389 21.23 1.08 21.74
N VAL B 390 20.64 2.11 22.33
CA VAL B 390 20.36 2.14 23.77
C VAL B 390 18.85 2.23 24.03
N GLY B 391 18.17 3.10 23.29
CA GLY B 391 16.73 3.25 23.38
C GLY B 391 15.90 2.21 22.65
N GLY B 392 16.49 1.60 21.63
CA GLY B 392 15.81 0.59 20.83
C GLY B 392 14.46 1.03 20.27
N THR B 393 13.50 0.12 20.31
CA THR B 393 12.17 0.39 19.74
C THR B 393 11.32 1.28 20.67
N LEU B 394 11.93 1.67 21.80
CA LEU B 394 11.32 2.60 22.75
C LEU B 394 11.83 4.03 22.58
N ALA B 395 12.91 4.20 21.82
CA ALA B 395 13.52 5.52 21.60
C ALA B 395 12.50 6.68 21.56
N ASN B 396 11.56 6.64 20.61
CA ASN B 396 10.65 7.77 20.39
C ASN B 396 9.40 7.77 21.29
N ARG B 397 9.49 7.03 22.40
CA ARG B 397 8.40 6.98 23.37
C ARG B 397 8.89 7.31 24.79
N MET B 398 7.99 7.85 25.61
CA MET B 398 8.23 8.18 27.03
C MET B 398 9.36 9.19 27.28
N ARG B 399 9.60 10.08 26.31
CA ARG B 399 10.57 11.16 26.50
C ARG B 399 9.93 12.26 27.33
N GLY B 400 10.64 12.74 28.34
CA GLY B 400 10.13 13.76 29.24
C GLY B 400 9.03 13.19 30.12
N THR B 401 9.21 11.94 30.53
CA THR B 401 8.33 11.30 31.50
C THR B 401 9.21 10.77 32.63
N ALA B 402 8.60 10.50 33.79
CA ALA B 402 9.30 9.79 34.86
C ALA B 402 10.01 8.57 34.30
N ALA B 403 9.38 7.95 33.29
CA ALA B 403 9.87 6.73 32.66
C ALA B 403 11.11 6.90 31.78
N GLU B 404 11.37 8.12 31.31
CA GLU B 404 12.55 8.40 30.47
C GLU B 404 13.82 7.80 31.07
N GLY B 405 14.54 7.01 30.26
CA GLY B 405 15.83 6.45 30.65
C GLY B 405 15.81 5.61 31.92
N VAL B 406 14.61 5.21 32.33
CA VAL B 406 14.42 4.47 33.58
C VAL B 406 13.87 3.08 33.28
N VAL B 407 12.77 3.02 32.52
CA VAL B 407 12.09 1.76 32.24
C VAL B 407 12.85 0.93 31.21
N GLU B 408 13.18 -0.29 31.62
CA GLU B 408 13.80 -1.27 30.73
C GLU B 408 12.79 -2.33 30.33
N ALA B 409 12.33 -2.27 29.09
CA ALA B 409 11.28 -3.18 28.63
C ALA B 409 11.41 -3.59 27.18
N LYS B 410 10.79 -4.71 26.84
CA LYS B 410 10.71 -5.20 25.45
C LYS B 410 9.30 -4.97 24.91
N THR B 411 9.24 -4.41 23.71
CA THR B 411 8.00 -4.21 22.97
C THR B 411 7.66 -5.43 22.14
N GLY B 412 6.40 -5.48 21.70
CA GLY B 412 5.94 -6.47 20.73
C GLY B 412 4.87 -5.82 19.88
N THR B 413 5.04 -5.88 18.55
CA THR B 413 4.13 -5.25 17.61
C THR B 413 3.79 -6.12 16.41
N MET B 414 2.48 -6.22 16.14
CA MET B 414 1.92 -7.08 15.08
C MET B 414 0.49 -6.66 14.81
N SER B 415 0.04 -6.89 13.58
CA SER B 415 -1.34 -6.62 13.23
C SER B 415 -2.28 -7.23 14.26
N GLY B 416 -2.74 -6.40 15.20
CA GLY B 416 -3.73 -6.82 16.16
C GLY B 416 -3.13 -7.43 17.40
N VAL B 417 -1.86 -7.12 17.64
CA VAL B 417 -1.16 -7.47 18.88
C VAL B 417 -0.13 -6.40 19.25
N SER B 418 -0.13 -5.99 20.50
CA SER B 418 0.94 -5.12 20.99
C SER B 418 1.26 -5.41 22.44
N ALA B 419 2.54 -5.39 22.77
CA ALA B 419 2.97 -5.79 24.09
C ALA B 419 4.10 -4.92 24.60
N LEU B 420 4.07 -4.68 25.92
CA LEU B 420 5.19 -4.06 26.61
C LEU B 420 5.42 -4.77 27.95
N SER B 421 6.54 -5.48 28.02
CA SER B 421 6.93 -6.16 29.26
C SER B 421 8.37 -5.82 29.67
N GLY B 422 8.61 -5.71 30.97
CA GLY B 422 9.96 -5.42 31.44
C GLY B 422 10.10 -5.05 32.91
N TYR B 423 11.14 -4.29 33.19
CA TYR B 423 11.48 -3.93 34.57
C TYR B 423 11.27 -2.46 34.87
N VAL B 424 11.01 -2.16 36.14
CA VAL B 424 11.03 -0.81 36.66
C VAL B 424 12.09 -0.76 37.77
N PRO B 425 13.32 -0.34 37.43
CA PRO B 425 14.40 -0.24 38.42
C PRO B 425 14.04 0.77 39.52
N GLY B 426 14.32 0.41 40.76
CA GLY B 426 13.78 1.15 41.89
C GLY B 426 14.80 1.57 42.93
N PRO B 427 14.64 2.79 43.46
CA PRO B 427 15.38 3.21 44.64
C PRO B 427 14.85 2.51 45.89
N GLU B 428 13.59 2.05 45.79
CA GLU B 428 12.87 1.43 46.91
C GLU B 428 12.32 0.03 46.57
N GLY B 429 12.87 -0.56 45.51
CA GLY B 429 12.46 -1.89 45.05
C GLY B 429 12.27 -1.88 43.54
N GLU B 430 12.89 -2.84 42.86
CA GLU B 430 12.69 -3.03 41.42
C GLU B 430 11.35 -3.71 41.16
N LEU B 431 10.73 -3.40 40.03
CA LEU B 431 9.40 -3.91 39.69
C LEU B 431 9.35 -4.58 38.33
N ALA B 432 8.67 -5.72 38.26
CA ALA B 432 8.48 -6.43 37.01
C ALA B 432 7.04 -6.27 36.56
N PHE B 433 6.85 -6.00 35.26
CA PHE B 433 5.54 -5.74 34.72
C PHE B 433 5.35 -6.35 33.35
N SER B 434 4.13 -6.75 33.04
CA SER B 434 3.80 -7.26 31.72
C SER B 434 2.46 -6.71 31.26
N ILE B 435 2.47 -6.14 30.06
CA ILE B 435 1.26 -5.68 29.39
C ILE B 435 1.16 -6.30 28.00
N VAL B 436 0.05 -7.01 27.72
CA VAL B 436 -0.17 -7.63 26.41
C VAL B 436 -1.56 -7.26 25.89
N ASN B 437 -1.63 -6.68 24.69
CA ASN B 437 -2.88 -6.20 24.12
C ASN B 437 -3.30 -6.93 22.85
N ASN B 438 -4.33 -7.77 22.96
CA ASN B 438 -4.89 -8.50 21.82
C ASN B 438 -6.28 -8.00 21.47
N GLY B 439 -6.70 -8.25 20.22
CA GLY B 439 -8.07 -8.02 19.80
C GLY B 439 -8.49 -6.58 19.56
N HIS B 440 -7.51 -5.68 19.49
CA HIS B 440 -7.80 -4.26 19.27
C HIS B 440 -7.79 -3.88 17.77
N SER B 441 -8.49 -2.80 17.43
CA SER B 441 -8.55 -2.30 16.05
C SER B 441 -7.42 -1.30 15.71
N GLY B 442 -7.72 0.00 15.80
CA GLY B 442 -6.78 1.08 15.44
C GLY B 442 -5.35 0.96 15.98
N PRO B 443 -4.43 1.81 15.48
CA PRO B 443 -3.01 1.61 15.72
C PRO B 443 -2.70 1.25 17.18
N ALA B 444 -1.77 0.33 17.36
CA ALA B 444 -1.35 -0.18 18.66
C ALA B 444 -1.63 0.78 19.82
N PRO B 445 -2.13 0.24 20.97
CA PRO B 445 -2.42 1.07 22.13
C PRO B 445 -1.12 1.33 22.89
N LEU B 446 -0.20 2.02 22.22
CA LEU B 446 1.09 2.34 22.78
C LEU B 446 0.89 3.30 23.93
N ALA B 447 -0.01 4.26 23.74
CA ALA B 447 -0.32 5.27 24.75
C ALA B 447 -0.64 4.60 26.09
N VAL B 448 -1.56 3.64 26.05
CA VAL B 448 -1.96 2.86 27.22
C VAL B 448 -0.76 2.18 27.90
N GLN B 449 0.11 1.58 27.09
CA GLN B 449 1.34 0.96 27.59
C GLN B 449 2.24 2.01 28.22
N ASP B 450 2.74 2.93 27.40
CA ASP B 450 3.48 4.10 27.87
C ASP B 450 2.94 4.70 29.17
N ALA B 451 1.64 4.97 29.20
CA ALA B 451 1.01 5.63 30.35
C ALA B 451 1.22 4.83 31.63
N ILE B 452 0.94 3.53 31.56
CA ILE B 452 1.07 2.65 32.70
C ILE B 452 2.52 2.54 33.16
N ALA B 453 3.45 2.46 32.21
CA ALA B 453 4.88 2.45 32.51
C ALA B 453 5.31 3.67 33.34
N VAL B 454 4.73 4.83 33.03
CA VAL B 454 4.99 6.07 33.76
C VAL B 454 4.60 5.93 35.24
N ARG B 455 3.36 5.53 35.49
CA ARG B 455 2.85 5.31 36.84
C ARG B 455 3.70 4.34 37.63
N LEU B 456 4.28 3.36 36.93
CA LEU B 456 5.15 2.38 37.57
C LEU B 456 6.46 2.99 38.08
N ALA B 457 7.00 3.96 37.34
CA ALA B 457 8.16 4.71 37.82
C ALA B 457 7.76 5.65 38.97
N GLU B 458 6.50 6.08 38.97
CA GLU B 458 5.97 6.99 39.98
C GLU B 458 5.70 6.29 41.32
N TYR B 459 5.64 4.96 41.28
CA TYR B 459 5.59 4.13 42.47
C TYR B 459 7.00 3.97 43.01
N ALA B 460 7.93 3.75 42.08
CA ALA B 460 9.35 3.66 42.40
C ALA B 460 9.99 5.04 42.47
N GLY B 461 9.38 5.91 43.27
CA GLY B 461 9.89 7.27 43.56
C GLY B 461 10.65 7.97 42.46
N HIS B 462 10.16 7.88 41.23
CA HIS B 462 10.75 8.62 40.11
C HIS B 462 9.94 9.87 39.75
N GLN B 463 10.65 10.91 39.32
CA GLN B 463 10.06 12.16 38.84
C GLN B 463 10.41 12.31 37.36
N ALA B 464 9.72 13.23 36.69
CA ALA B 464 10.07 13.56 35.31
C ALA B 464 11.27 14.53 35.27
N PRO B 465 12.35 14.13 34.56
CA PRO B 465 13.62 14.88 34.50
C PRO B 465 13.54 16.33 34.02
N ARG C 1 18.32 30.97 35.53
CA ARG C 1 17.04 30.70 34.79
C ARG C 1 16.73 31.78 33.74
N LEU C 2 17.59 32.80 33.71
CA LEU C 2 17.48 33.88 32.73
C LEU C 2 18.04 33.43 31.38
N THR C 3 19.31 33.76 31.11
CA THR C 3 20.02 33.34 29.90
C THR C 3 20.27 31.83 29.92
N GLU C 4 19.20 31.05 29.77
CA GLU C 4 19.22 29.63 30.07
C GLU C 4 18.52 28.73 29.05
N LEU C 5 17.32 29.13 28.62
CA LEU C 5 16.45 28.27 27.80
C LEU C 5 16.89 28.17 26.33
N ARG C 6 18.10 27.66 26.11
CA ARG C 6 18.72 27.59 24.78
C ARG C 6 19.58 26.36 24.62
N GLU C 7 20.53 26.16 25.53
CA GLU C 7 21.52 25.08 25.45
C GLU C 7 20.91 23.69 25.28
N ASP C 8 19.66 23.54 25.74
CA ASP C 8 18.91 22.30 25.57
C ASP C 8 18.30 22.25 24.17
N ILE C 9 17.58 23.32 23.82
CA ILE C 9 16.88 23.43 22.54
C ILE C 9 17.85 23.43 21.37
N ASP C 10 19.00 24.08 21.54
CA ASP C 10 20.08 24.09 20.55
C ASP C 10 20.54 22.65 20.26
N ALA C 11 20.62 21.85 21.32
CA ALA C 11 21.08 20.47 21.21
C ALA C 11 19.94 19.46 21.03
N ILE C 12 18.70 19.92 21.21
CA ILE C 12 17.53 19.10 20.85
C ILE C 12 17.53 18.88 19.34
N LEU C 13 17.99 19.90 18.61
CA LEU C 13 18.00 19.89 17.15
C LEU C 13 19.12 19.05 16.53
N GLU C 14 20.00 18.50 17.36
CA GLU C 14 21.10 17.64 16.90
C GLU C 14 20.61 16.22 16.57
N ASP C 15 19.34 15.97 16.87
CA ASP C 15 18.65 14.71 16.58
C ASP C 15 18.89 14.21 15.14
N PRO C 16 19.27 12.93 14.99
CA PRO C 16 19.53 12.31 13.68
C PRO C 16 18.39 12.40 12.65
N ALA C 17 17.13 12.37 13.10
CA ALA C 17 15.98 12.47 12.21
C ALA C 17 15.89 13.84 11.54
N LEU C 18 16.58 14.82 12.12
CA LEU C 18 16.67 16.17 11.58
C LEU C 18 17.94 16.35 10.75
N GLU C 19 18.50 15.24 10.27
CA GLU C 19 19.73 15.28 9.49
C GLU C 19 19.52 16.00 8.17
N GLY C 20 20.13 17.18 8.06
CA GLY C 20 20.06 18.01 6.86
C GLY C 20 18.75 18.76 6.69
N ALA C 21 17.88 18.64 7.69
CA ALA C 21 16.57 19.25 7.63
C ALA C 21 16.62 20.70 8.10
N VAL C 22 16.18 21.59 7.22
CA VAL C 22 15.98 23.00 7.54
C VAL C 22 14.78 23.09 8.47
N SER C 23 14.94 23.80 9.58
CA SER C 23 13.91 23.82 10.61
C SER C 23 13.70 25.20 11.25
N GLY C 24 12.58 25.82 10.92
CA GLY C 24 12.22 27.11 11.49
C GLY C 24 11.69 26.93 12.88
N VAL C 25 12.41 27.47 13.87
CA VAL C 25 12.00 27.39 15.27
C VAL C 25 12.05 28.77 15.92
N VAL C 26 10.89 29.29 16.32
CA VAL C 26 10.85 30.56 17.05
C VAL C 26 9.96 30.44 18.28
N VAL C 27 10.53 30.79 19.43
CA VAL C 27 9.78 30.81 20.69
C VAL C 27 9.78 32.22 21.24
N VAL C 28 8.59 32.71 21.61
CA VAL C 28 8.40 34.05 22.13
C VAL C 28 7.43 34.06 23.32
N ASP C 29 7.60 35.01 24.24
CA ASP C 29 6.62 35.26 25.29
C ASP C 29 5.45 36.07 24.73
N THR C 30 4.24 35.78 25.21
CA THR C 30 3.07 36.57 24.82
C THR C 30 3.00 37.85 25.66
N ALA C 31 2.97 37.70 26.98
CA ALA C 31 2.79 38.83 27.91
C ALA C 31 3.82 39.96 27.79
N THR C 32 5.11 39.61 27.70
CA THR C 32 6.19 40.60 27.65
C THR C 32 6.85 40.75 26.26
N GLY C 33 6.64 39.76 25.39
CA GLY C 33 7.12 39.84 24.00
C GLY C 33 8.61 39.70 23.83
N GLU C 34 9.19 38.69 24.49
CA GLU C 34 10.63 38.46 24.47
C GLU C 34 11.02 37.35 23.49
N GLU C 35 11.97 37.65 22.61
CA GLU C 35 12.53 36.66 21.70
C GLU C 35 13.43 35.70 22.49
N LEU C 36 12.87 34.55 22.84
CA LEU C 36 13.55 33.55 23.66
C LEU C 36 14.36 32.58 22.82
N TYR C 37 13.81 32.22 21.66
CA TYR C 37 14.52 31.39 20.71
C TYR C 37 14.19 31.79 19.28
N SER C 38 15.21 31.76 18.43
CA SER C 38 15.04 32.05 17.02
C SER C 38 16.14 31.32 16.25
N ARG C 39 15.73 30.53 15.26
CA ARG C 39 16.66 29.82 14.38
C ARG C 39 15.97 29.63 13.03
N ASP C 40 16.38 30.44 12.06
CA ASP C 40 15.77 30.46 10.72
C ASP C 40 14.24 30.67 10.76
N GLY C 41 13.79 31.54 11.66
CA GLY C 41 12.38 31.92 11.73
C GLY C 41 11.99 32.91 10.64
N GLY C 42 12.90 33.09 9.69
CA GLY C 42 12.69 33.97 8.53
C GLY C 42 12.86 33.24 7.22
N GLU C 43 13.30 31.99 7.28
CA GLU C 43 13.42 31.13 6.10
C GLU C 43 12.06 30.52 5.77
N GLN C 44 11.71 30.53 4.49
CA GLN C 44 10.40 30.05 4.02
C GLN C 44 10.37 28.53 3.90
N LEU C 45 9.37 27.94 4.53
CA LEU C 45 9.12 26.50 4.51
C LEU C 45 7.64 26.25 4.25
N LEU C 46 7.30 25.01 3.95
CA LEU C 46 5.91 24.62 3.75
C LEU C 46 5.27 24.44 5.13
N PRO C 47 4.08 25.02 5.34
CA PRO C 47 3.37 24.93 6.61
C PRO C 47 2.57 23.65 6.82
N ALA C 48 2.30 22.92 5.73
CA ALA C 48 1.31 21.84 5.75
C ALA C 48 0.02 22.34 6.43
N SER C 49 -0.44 21.59 7.42
CA SER C 49 -1.65 21.96 8.15
C SER C 49 -1.50 23.15 9.09
N ASN C 50 -0.28 23.69 9.21
CA ASN C 50 -0.12 24.94 9.95
C ASN C 50 -0.71 26.12 9.18
N MET C 51 -0.83 25.96 7.86
CA MET C 51 -1.54 26.90 6.99
C MET C 51 -2.99 27.15 7.44
N LYS C 52 -3.63 26.11 7.97
CA LYS C 52 -4.99 26.24 8.49
C LYS C 52 -5.13 27.37 9.50
N LEU C 53 -4.17 27.49 10.42
CA LEU C 53 -4.10 28.61 11.37
C LEU C 53 -4.45 29.93 10.70
N PHE C 54 -3.78 30.21 9.59
CA PHE C 54 -4.00 31.43 8.82
C PHE C 54 -5.43 31.48 8.29
N THR C 55 -5.87 30.39 7.66
CA THR C 55 -7.21 30.29 7.12
C THR C 55 -8.22 30.55 8.23
N ALA C 56 -8.03 29.87 9.36
CA ALA C 56 -8.85 30.00 10.55
C ALA C 56 -8.91 31.42 11.13
N ALA C 57 -7.75 32.09 11.16
CA ALA C 57 -7.67 33.47 11.60
C ALA C 57 -8.41 34.41 10.65
N ALA C 58 -8.10 34.31 9.36
CA ALA C 58 -8.78 35.09 8.33
C ALA C 58 -10.29 34.88 8.41
N ALA C 59 -10.72 33.62 8.39
CA ALA C 59 -12.14 33.28 8.48
C ALA C 59 -12.87 34.05 9.58
N LEU C 60 -12.30 34.05 10.79
CA LEU C 60 -12.88 34.75 11.94
C LEU C 60 -12.99 36.26 11.72
N GLU C 61 -12.06 36.83 10.95
CA GLU C 61 -12.11 38.24 10.60
C GLU C 61 -13.28 38.45 9.65
N VAL C 62 -13.12 37.89 8.45
CA VAL C 62 -14.02 38.12 7.32
C VAL C 62 -15.47 37.70 7.62
N LEU C 63 -15.65 36.50 8.14
CA LEU C 63 -16.97 35.92 8.33
C LEU C 63 -17.52 36.14 9.74
N GLY C 64 -16.63 36.08 10.74
CA GLY C 64 -17.02 36.33 12.11
C GLY C 64 -17.28 35.08 12.90
N ALA C 65 -16.86 35.09 14.17
CA ALA C 65 -17.07 33.99 15.11
C ALA C 65 -18.53 33.58 15.23
N ASP C 66 -19.42 34.37 14.63
CA ASP C 66 -20.86 34.15 14.71
C ASP C 66 -21.46 33.76 13.35
N HIS C 67 -20.63 33.70 12.32
CA HIS C 67 -21.11 33.42 10.96
C HIS C 67 -21.73 32.04 10.83
N SER C 68 -22.79 31.98 10.04
CA SER C 68 -23.59 30.77 9.85
C SER C 68 -23.64 30.39 8.37
N PHE C 69 -23.87 29.10 8.10
CA PHE C 69 -23.90 28.59 6.73
C PHE C 69 -25.27 28.02 6.36
N GLY C 70 -25.82 28.47 5.24
CA GLY C 70 -27.18 28.12 4.86
C GLY C 70 -27.28 27.21 3.67
N THR C 71 -28.34 26.40 3.68
CA THR C 71 -28.77 25.59 2.53
C THR C 71 -30.26 25.86 2.32
N GLU C 72 -30.75 25.69 1.09
CA GLU C 72 -32.13 26.01 0.73
C GLU C 72 -32.68 25.08 -0.35
N VAL C 73 -34.00 24.97 -0.41
CA VAL C 73 -34.69 24.24 -1.47
C VAL C 73 -35.70 25.17 -2.12
N ALA C 74 -35.56 25.41 -3.43
CA ALA C 74 -36.34 26.45 -4.11
C ALA C 74 -36.90 26.09 -5.49
N ALA C 75 -38.19 26.35 -5.67
CA ALA C 75 -38.87 26.25 -6.96
C ALA C 75 -39.13 27.66 -7.49
N GLU C 76 -39.79 27.76 -8.64
CA GLU C 76 -40.12 29.07 -9.23
C GLU C 76 -41.23 29.77 -8.46
N SER C 77 -42.02 28.99 -7.71
CA SER C 77 -43.07 29.51 -6.85
C SER C 77 -43.41 28.45 -5.79
N ALA C 78 -44.41 28.76 -4.97
CA ALA C 78 -45.03 27.78 -4.08
C ALA C 78 -45.85 26.79 -4.94
N PRO C 79 -46.10 25.56 -4.42
CA PRO C 79 -46.90 24.55 -5.14
C PRO C 79 -48.34 24.98 -5.47
N GLY C 80 -49.29 24.68 -4.58
CA GLY C 80 -50.69 25.05 -4.80
C GLY C 80 -51.69 23.94 -4.55
N ARG C 81 -52.80 23.98 -5.29
CA ARG C 81 -53.91 23.03 -5.11
C ARG C 81 -53.56 21.58 -5.48
N ARG C 82 -52.75 21.41 -6.53
CA ARG C 82 -52.21 20.10 -6.88
C ARG C 82 -51.15 19.69 -5.87
N GLY C 83 -50.42 20.68 -5.36
CA GLY C 83 -49.29 20.47 -4.45
C GLY C 83 -48.04 20.04 -5.20
N GLU C 84 -47.79 20.71 -6.33
CA GLU C 84 -46.77 20.27 -7.29
C GLU C 84 -46.01 21.42 -7.94
N VAL C 85 -44.71 21.22 -8.14
CA VAL C 85 -43.84 22.22 -8.78
C VAL C 85 -43.12 21.65 -10.00
N GLN C 86 -42.48 22.51 -10.78
CA GLN C 86 -41.66 22.07 -11.91
C GLN C 86 -40.33 21.49 -11.43
N ASP C 87 -39.24 22.20 -11.73
CA ASP C 87 -37.91 21.81 -11.26
C ASP C 87 -37.69 22.29 -9.84
N LEU C 88 -37.02 21.48 -9.04
CA LEU C 88 -36.55 21.91 -7.73
C LEU C 88 -35.06 22.16 -7.75
N TYR C 89 -34.60 22.97 -6.80
CA TYR C 89 -33.20 23.27 -6.65
C TYR C 89 -32.76 23.07 -5.21
N LEU C 90 -31.87 22.09 -4.99
CA LEU C 90 -31.15 21.96 -3.74
C LEU C 90 -29.94 22.88 -3.87
N VAL C 91 -29.88 23.88 -2.99
CA VAL C 91 -28.93 24.98 -3.13
C VAL C 91 -28.10 25.16 -1.87
N GLY C 92 -26.89 24.63 -1.89
CA GLY C 92 -25.95 24.84 -0.80
C GLY C 92 -25.20 26.14 -0.94
N ARG C 93 -24.76 26.69 0.19
CA ARG C 93 -23.91 27.86 0.20
C ARG C 93 -22.70 27.64 1.13
N GLY C 94 -21.93 26.60 0.82
CA GLY C 94 -20.62 26.36 1.45
C GLY C 94 -20.64 25.89 2.90
N ASP C 95 -21.73 25.26 3.30
CA ASP C 95 -21.85 24.64 4.63
C ASP C 95 -21.06 23.35 4.64
N PRO C 96 -20.00 23.28 5.47
CA PRO C 96 -19.14 22.11 5.54
C PRO C 96 -19.59 21.09 6.57
N THR C 97 -20.74 21.31 7.19
CA THR C 97 -21.23 20.42 8.25
C THR C 97 -22.61 19.82 7.93
N LEU C 98 -23.04 20.00 6.68
CA LEU C 98 -24.29 19.47 6.15
C LEU C 98 -24.29 17.94 6.19
N SER C 99 -25.31 17.36 6.79
CA SER C 99 -25.36 15.90 7.00
C SER C 99 -26.53 15.28 6.26
N ALA C 100 -26.69 13.97 6.42
CA ALA C 100 -27.82 13.26 5.85
C ALA C 100 -29.07 13.58 6.65
N GLU C 101 -28.93 13.66 7.97
CA GLU C 101 -30.01 14.13 8.83
C GLU C 101 -30.57 15.44 8.28
N ASP C 102 -29.67 16.38 8.00
CA ASP C 102 -30.04 17.69 7.47
C ASP C 102 -30.77 17.56 6.13
N LEU C 103 -30.24 16.73 5.24
CA LEU C 103 -30.92 16.48 3.97
C LEU C 103 -32.32 15.90 4.19
N ASP C 104 -32.47 15.06 5.22
CA ASP C 104 -33.77 14.48 5.56
C ASP C 104 -34.73 15.50 6.19
N ALA C 105 -34.25 16.27 7.16
CA ALA C 105 -35.07 17.34 7.79
C ALA C 105 -35.70 18.24 6.73
N MET C 106 -34.91 18.63 5.74
CA MET C 106 -35.39 19.46 4.64
C MET C 106 -36.40 18.71 3.78
N ALA C 107 -36.30 17.38 3.74
CA ALA C 107 -37.18 16.53 2.93
C ALA C 107 -38.64 16.51 3.42
N ALA C 108 -38.85 16.08 4.67
CA ALA C 108 -40.18 16.15 5.29
C ALA C 108 -40.70 17.57 5.19
N GLU C 109 -39.78 18.53 5.35
CA GLU C 109 -40.05 19.97 5.26
C GLU C 109 -40.34 20.43 3.82
N VAL C 110 -40.79 19.50 2.98
CA VAL C 110 -41.20 19.83 1.61
C VAL C 110 -42.66 19.41 1.42
N ALA C 111 -42.98 18.18 1.84
CA ALA C 111 -44.36 17.76 1.98
C ALA C 111 -44.98 18.38 3.23
N ALA C 112 -44.19 19.21 3.91
CA ALA C 112 -44.67 20.02 5.03
C ALA C 112 -44.99 21.43 4.54
N SER C 113 -44.14 21.95 3.64
CA SER C 113 -44.37 23.28 3.07
C SER C 113 -45.34 23.27 1.88
N GLY C 114 -45.75 22.07 1.44
CA GLY C 114 -46.84 21.95 0.48
C GLY C 114 -46.66 21.04 -0.71
N VAL C 115 -45.39 20.74 -1.04
CA VAL C 115 -45.07 19.93 -2.22
C VAL C 115 -45.32 18.45 -1.97
N ARG C 116 -45.52 17.71 -3.07
CA ARG C 116 -45.97 16.34 -3.01
C ARG C 116 -45.38 15.56 -4.19
N THR C 117 -45.14 16.29 -5.29
CA THR C 117 -44.58 15.73 -6.52
C THR C 117 -43.73 16.78 -7.24
N VAL C 118 -42.55 16.35 -7.71
CA VAL C 118 -41.68 17.22 -8.50
C VAL C 118 -41.87 16.85 -9.97
N ARG C 119 -42.37 17.79 -10.76
CA ARG C 119 -42.75 17.54 -12.16
C ARG C 119 -41.54 17.38 -13.09
N GLY C 120 -40.42 18.00 -12.74
CA GLY C 120 -39.23 17.97 -13.56
C GLY C 120 -37.99 17.47 -12.84
N ASP C 121 -36.83 18.01 -13.23
CA ASP C 121 -35.55 17.56 -12.71
C ASP C 121 -35.20 18.19 -11.36
N LEU C 122 -34.50 17.42 -10.54
CA LEU C 122 -33.94 17.89 -9.28
C LEU C 122 -32.50 18.33 -9.54
N TYR C 123 -32.28 19.63 -9.56
CA TYR C 123 -30.95 20.17 -9.85
C TYR C 123 -30.17 20.44 -8.57
N ALA C 124 -28.96 19.87 -8.49
CA ALA C 124 -28.02 20.16 -7.41
C ALA C 124 -27.23 21.43 -7.77
N ASP C 125 -27.28 22.39 -6.87
CA ASP C 125 -26.75 23.72 -7.14
C ASP C 125 -25.64 24.06 -6.15
N ASP C 126 -24.40 23.92 -6.59
CA ASP C 126 -23.26 24.39 -5.83
C ASP C 126 -22.65 25.67 -6.41
N THR C 127 -23.34 26.27 -7.38
CA THR C 127 -22.87 27.49 -8.08
C THR C 127 -22.54 28.67 -7.15
N TRP C 128 -22.69 28.47 -5.85
CA TRP C 128 -22.24 29.45 -4.87
C TRP C 128 -20.73 29.57 -4.89
N PHE C 129 -20.06 28.46 -5.22
CA PHE C 129 -18.61 28.42 -5.42
C PHE C 129 -18.28 28.14 -6.90
N ASP C 130 -17.02 28.30 -7.29
CA ASP C 130 -16.58 27.86 -8.62
C ASP C 130 -16.52 26.33 -8.69
N SER C 131 -16.45 25.78 -9.90
CA SER C 131 -16.45 24.33 -10.07
C SER C 131 -15.03 23.76 -10.11
N GLU C 132 -14.06 24.58 -9.71
CA GLU C 132 -12.69 24.11 -9.49
C GLU C 132 -12.67 23.23 -8.25
N ARG C 133 -12.56 21.92 -8.47
CA ARG C 133 -12.69 20.89 -7.42
C ARG C 133 -11.42 20.65 -6.61
N LEU C 134 -10.28 20.75 -7.29
CA LEU C 134 -8.98 20.45 -6.71
C LEU C 134 -7.95 21.53 -7.05
N VAL C 135 -7.04 21.82 -6.10
CA VAL C 135 -5.93 22.75 -6.30
C VAL C 135 -4.96 22.25 -7.38
N ASP C 136 -4.57 23.15 -8.28
CA ASP C 136 -3.64 22.84 -9.37
C ASP C 136 -2.56 21.80 -9.07
N ASP C 137 -1.85 21.99 -7.95
CA ASP C 137 -0.64 21.23 -7.65
C ASP C 137 -0.82 20.05 -6.67
N TRP C 138 -2.05 19.62 -6.46
CA TRP C 138 -2.35 18.45 -5.66
C TRP C 138 -1.99 17.19 -6.44
N TRP C 139 -1.79 16.08 -5.74
CA TRP C 139 -1.50 14.82 -6.41
C TRP C 139 -2.78 14.04 -6.69
N PRO C 140 -3.03 13.75 -7.98
CA PRO C 140 -4.12 12.87 -8.43
C PRO C 140 -4.18 11.52 -7.70
N GLU C 141 -3.02 11.05 -7.23
CA GLU C 141 -2.97 9.77 -6.52
C GLU C 141 -3.28 9.88 -5.00
N ASP C 142 -3.62 11.09 -4.55
CA ASP C 142 -4.21 11.24 -3.21
C ASP C 142 -5.73 11.36 -3.29
N GLU C 143 -6.23 11.60 -4.50
CA GLU C 143 -7.65 11.90 -4.75
C GLU C 143 -8.71 10.94 -4.17
N PRO C 144 -8.42 9.62 -4.09
CA PRO C 144 -9.45 8.81 -3.45
C PRO C 144 -9.52 8.95 -1.93
N TYR C 145 -8.40 9.31 -1.31
CA TYR C 145 -8.39 9.46 0.15
C TYR C 145 -9.08 10.76 0.58
N ALA C 146 -9.69 10.75 1.78
CA ALA C 146 -10.61 11.80 2.20
C ALA C 146 -9.99 13.17 2.42
N TYR C 147 -8.68 13.23 2.62
CA TYR C 147 -8.03 14.53 2.80
C TYR C 147 -7.87 15.25 1.46
N SER C 148 -8.27 14.57 0.39
CA SER C 148 -8.18 15.10 -0.97
C SER C 148 -9.56 15.19 -1.60
N ALA C 149 -10.58 15.36 -0.75
CA ALA C 149 -11.96 15.43 -1.16
C ALA C 149 -12.20 16.66 -2.03
N GLN C 150 -12.89 16.46 -3.15
CA GLN C 150 -13.28 17.55 -4.05
C GLN C 150 -14.05 18.68 -3.34
N ILE C 151 -13.82 19.92 -3.79
CA ILE C 151 -14.45 21.10 -3.18
C ILE C 151 -15.69 21.59 -3.94
N SER C 152 -16.70 21.98 -3.16
CA SER C 152 -18.01 22.37 -3.65
C SER C 152 -18.79 23.07 -2.54
N ALA C 153 -19.62 24.04 -2.92
CA ALA C 153 -20.50 24.71 -1.97
C ALA C 153 -21.61 23.79 -1.44
N LEU C 154 -21.94 22.78 -2.23
CA LEU C 154 -22.92 21.77 -1.83
C LEU C 154 -22.23 20.40 -1.64
N THR C 155 -21.96 20.06 -0.37
CA THR C 155 -21.36 18.77 -0.03
C THR C 155 -21.89 18.18 1.28
N VAL C 156 -22.10 16.86 1.30
CA VAL C 156 -22.56 16.16 2.49
C VAL C 156 -21.35 15.76 3.30
N ALA C 157 -21.24 16.29 4.51
CA ALA C 157 -20.19 15.90 5.43
C ALA C 157 -20.63 14.59 6.06
N HIS C 158 -19.66 13.76 6.41
CA HIS C 158 -19.93 12.47 7.03
C HIS C 158 -19.43 12.41 8.47
N GLY C 159 -20.30 11.92 9.35
CA GLY C 159 -19.98 11.73 10.77
C GLY C 159 -19.80 12.99 11.60
N GLU C 160 -19.43 12.81 12.85
CA GLU C 160 -19.26 13.96 13.75
C GLU C 160 -18.00 14.80 13.46
N ARG C 161 -17.01 14.20 12.80
CA ARG C 161 -15.82 14.96 12.36
C ARG C 161 -16.12 15.86 11.15
N PHE C 162 -17.23 15.57 10.47
CA PHE C 162 -17.67 16.30 9.29
C PHE C 162 -16.70 16.20 8.11
N ASP C 163 -16.49 14.97 7.67
CA ASP C 163 -15.62 14.69 6.55
C ASP C 163 -16.35 14.86 5.22
N THR C 164 -16.23 16.04 4.62
CA THR C 164 -16.98 16.37 3.41
C THR C 164 -16.55 15.55 2.22
N GLY C 165 -17.45 15.47 1.24
CA GLY C 165 -17.15 14.94 -0.08
C GLY C 165 -16.64 13.52 -0.11
N VAL C 166 -17.24 12.65 0.70
CA VAL C 166 -16.88 11.24 0.73
C VAL C 166 -18.06 10.34 1.05
N THR C 167 -17.91 9.04 0.79
CA THR C 167 -18.84 8.03 1.31
C THR C 167 -18.10 6.93 2.04
N GLU C 168 -18.75 6.35 3.05
CA GLU C 168 -18.17 5.23 3.79
C GLU C 168 -18.30 3.97 2.94
N VAL C 169 -17.23 3.21 2.85
CA VAL C 169 -17.20 1.97 2.08
C VAL C 169 -16.87 0.83 3.02
N SER C 170 -17.76 -0.16 3.08
CA SER C 170 -17.61 -1.28 4.01
C SER C 170 -17.51 -2.63 3.31
N VAL C 171 -16.38 -3.29 3.51
CA VAL C 171 -16.15 -4.58 2.91
C VAL C 171 -16.27 -5.68 3.94
N THR C 172 -17.30 -6.50 3.74
CA THR C 172 -17.63 -7.63 4.58
C THR C 172 -17.19 -8.93 3.88
N PRO C 173 -16.64 -9.90 4.64
CA PRO C 173 -16.24 -11.13 4.00
C PRO C 173 -17.44 -12.02 3.69
N ALA C 174 -17.40 -12.79 2.61
CA ALA C 174 -18.41 -13.83 2.43
C ALA C 174 -17.84 -15.15 2.92
N ALA C 175 -18.00 -16.18 2.12
CA ALA C 175 -17.41 -17.46 2.43
C ALA C 175 -16.11 -17.56 1.67
N GLU C 176 -15.08 -18.10 2.29
CA GLU C 176 -13.77 -18.26 1.66
C GLU C 176 -13.94 -18.78 0.22
N GLY C 177 -13.33 -18.09 -0.75
CA GLY C 177 -13.45 -18.43 -2.17
C GLY C 177 -14.36 -17.49 -2.96
N GLU C 178 -15.50 -17.16 -2.38
CA GLU C 178 -16.47 -16.24 -2.96
C GLU C 178 -15.92 -14.81 -3.02
N PRO C 179 -16.42 -13.98 -3.97
CA PRO C 179 -16.07 -12.57 -3.84
C PRO C 179 -16.59 -11.98 -2.51
N ALA C 180 -15.79 -11.11 -1.90
CA ALA C 180 -16.23 -10.30 -0.74
C ALA C 180 -17.46 -9.52 -1.13
N ASP C 181 -18.37 -9.28 -0.20
CA ASP C 181 -19.46 -8.39 -0.56
C ASP C 181 -19.29 -6.98 0.01
N VAL C 182 -19.52 -5.97 -0.85
CA VAL C 182 -19.04 -4.60 -0.65
C VAL C 182 -20.21 -3.66 -0.65
N ASP C 183 -20.26 -2.75 0.31
CA ASP C 183 -21.30 -1.73 0.34
C ASP C 183 -20.65 -0.36 0.16
N LEU C 184 -21.24 0.47 -0.69
CA LEU C 184 -20.64 1.75 -1.01
C LEU C 184 -21.25 2.86 -0.21
N GLY C 185 -22.19 2.50 0.66
CA GLY C 185 -22.74 3.42 1.65
C GLY C 185 -23.52 4.57 1.04
N ALA C 186 -23.29 5.77 1.55
CA ALA C 186 -23.97 6.97 1.03
C ALA C 186 -24.09 6.96 -0.50
N ALA C 187 -23.04 6.49 -1.17
CA ALA C 187 -22.95 6.57 -2.62
C ALA C 187 -23.47 5.32 -3.38
N GLU C 188 -24.15 4.43 -2.66
CA GLU C 188 -24.85 3.31 -3.27
C GLU C 188 -25.84 3.89 -4.26
N GLY C 189 -25.79 3.42 -5.51
CA GLY C 189 -26.61 3.98 -6.58
C GLY C 189 -26.17 5.37 -7.03
N TYR C 190 -24.86 5.62 -6.98
CA TYR C 190 -24.28 6.86 -7.50
C TYR C 190 -22.89 6.68 -8.10
N ALA C 191 -22.00 6.04 -7.35
CA ALA C 191 -20.70 5.64 -7.85
C ALA C 191 -20.84 4.23 -8.38
N GLU C 192 -20.06 3.89 -9.41
CA GLU C 192 -20.04 2.53 -9.93
C GLU C 192 -19.22 1.65 -9.02
N LEU C 193 -19.41 0.35 -9.14
CA LEU C 193 -18.68 -0.61 -8.34
C LEU C 193 -17.98 -1.61 -9.23
N ASP C 194 -16.66 -1.61 -9.18
CA ASP C 194 -15.89 -2.64 -9.82
C ASP C 194 -15.25 -3.46 -8.71
N ASN C 195 -15.85 -4.60 -8.42
CA ASN C 195 -15.44 -5.43 -7.28
C ASN C 195 -14.77 -6.74 -7.73
N ARG C 196 -13.45 -6.73 -7.76
CA ARG C 196 -12.66 -7.91 -8.09
C ARG C 196 -12.02 -8.44 -6.81
N ALA C 197 -12.68 -8.20 -5.67
CA ALA C 197 -12.13 -8.66 -4.39
C ALA C 197 -12.62 -10.04 -3.96
N VAL C 198 -11.71 -10.79 -3.34
CA VAL C 198 -11.95 -12.17 -2.94
C VAL C 198 -11.91 -12.35 -1.43
N THR C 199 -12.79 -13.21 -0.94
CA THR C 199 -12.76 -13.64 0.45
C THR C 199 -11.64 -14.67 0.60
N GLY C 200 -10.73 -14.44 1.56
CA GLY C 200 -9.64 -15.39 1.80
C GLY C 200 -9.97 -16.41 2.89
N ALA C 201 -9.10 -17.42 3.05
CA ALA C 201 -9.21 -18.36 4.17
C ALA C 201 -9.12 -17.64 5.52
N ALA C 202 -9.82 -18.16 6.52
CA ALA C 202 -9.81 -17.57 7.85
C ALA C 202 -8.39 -17.58 8.32
N GLY C 203 -7.98 -16.49 8.96
CA GLY C 203 -6.63 -16.41 9.51
C GLY C 203 -5.53 -16.28 8.48
N SER C 204 -5.74 -15.40 7.50
CA SER C 204 -4.81 -15.27 6.39
C SER C 204 -4.71 -13.81 6.09
N ALA C 205 -3.56 -13.38 5.58
CA ALA C 205 -3.20 -11.96 5.52
C ALA C 205 -4.26 -11.12 4.84
N ASN C 206 -4.38 -9.88 5.30
CA ASN C 206 -5.36 -8.98 4.74
C ASN C 206 -4.64 -8.18 3.65
N THR C 207 -5.04 -8.40 2.39
CA THR C 207 -4.41 -7.67 1.29
C THR C 207 -5.43 -6.76 0.63
N LEU C 208 -6.57 -6.56 1.29
CA LEU C 208 -7.69 -5.82 0.70
C LEU C 208 -7.27 -4.41 0.37
N VAL C 209 -7.71 -3.90 -0.79
CA VAL C 209 -7.40 -2.53 -1.22
C VAL C 209 -8.59 -1.86 -1.92
N ILE C 210 -8.96 -0.68 -1.41
CA ILE C 210 -10.16 0.06 -1.83
C ILE C 210 -9.73 1.35 -2.49
N ASP C 211 -10.11 1.53 -3.75
CA ASP C 211 -9.54 2.58 -4.57
C ASP C 211 -10.67 3.37 -5.19
N ARG C 212 -10.35 4.58 -5.67
CA ARG C 212 -11.12 5.24 -6.71
C ARG C 212 -10.13 5.71 -7.75
N PRO C 213 -10.16 5.10 -8.96
CA PRO C 213 -9.23 5.43 -10.02
C PRO C 213 -9.51 6.80 -10.59
N VAL C 214 -8.45 7.58 -10.74
CA VAL C 214 -8.51 8.95 -11.24
C VAL C 214 -9.35 9.09 -12.52
N GLY C 215 -10.11 10.17 -12.59
CA GLY C 215 -11.03 10.40 -13.70
C GLY C 215 -12.38 9.79 -13.41
N THR C 216 -12.37 8.55 -12.91
CA THR C 216 -13.58 7.78 -12.72
C THR C 216 -14.31 8.17 -11.44
N ASN C 217 -15.59 7.82 -11.38
CA ASN C 217 -16.40 7.87 -10.17
C ASN C 217 -16.73 6.43 -9.84
N THR C 218 -15.69 5.61 -9.72
CA THR C 218 -15.84 4.18 -9.58
C THR C 218 -15.05 3.69 -8.38
N ILE C 219 -15.71 3.04 -7.44
CA ILE C 219 -15.01 2.44 -6.31
C ILE C 219 -14.53 1.04 -6.72
N ALA C 220 -13.23 0.92 -6.98
CA ALA C 220 -12.63 -0.37 -7.30
C ALA C 220 -12.02 -1.02 -6.06
N VAL C 221 -12.56 -2.19 -5.70
CA VAL C 221 -12.00 -2.98 -4.60
C VAL C 221 -11.28 -4.21 -5.14
N THR C 222 -10.16 -4.51 -4.50
CA THR C 222 -9.27 -5.58 -4.93
C THR C 222 -8.64 -6.20 -3.70
N GLY C 223 -8.09 -7.40 -3.84
CA GLY C 223 -7.32 -8.02 -2.77
C GLY C 223 -8.05 -9.15 -2.08
N SER C 224 -7.64 -9.44 -0.85
CA SER C 224 -8.16 -10.58 -0.10
C SER C 224 -8.47 -10.26 1.39
N LEU C 225 -9.66 -10.66 1.80
CA LEU C 225 -10.17 -10.47 3.13
C LEU C 225 -10.39 -11.85 3.74
N PRO C 226 -9.72 -12.14 4.88
CA PRO C 226 -9.94 -13.44 5.51
C PRO C 226 -11.41 -13.66 5.87
N ALA C 227 -11.81 -14.92 6.02
CA ALA C 227 -13.20 -15.24 6.26
C ALA C 227 -13.59 -14.87 7.67
N ASP C 228 -12.65 -14.96 8.60
CA ASP C 228 -12.90 -14.51 9.98
C ASP C 228 -12.83 -12.99 10.20
N ALA C 229 -12.52 -12.25 9.15
CA ALA C 229 -12.31 -10.81 9.24
C ALA C 229 -13.52 -10.04 9.80
N ALA C 230 -13.26 -9.01 10.61
CA ALA C 230 -14.31 -8.06 10.95
C ALA C 230 -14.45 -7.08 9.77
N PRO C 231 -15.68 -6.54 9.53
CA PRO C 231 -15.85 -5.80 8.29
C PRO C 231 -14.89 -4.62 8.18
N VAL C 232 -14.26 -4.48 7.03
CA VAL C 232 -13.30 -3.39 6.80
C VAL C 232 -14.05 -2.17 6.28
N THR C 233 -13.91 -1.03 6.95
CA THR C 233 -14.54 0.19 6.43
C THR C 233 -13.48 1.23 6.11
N ALA C 234 -13.82 2.16 5.23
CA ALA C 234 -12.92 3.22 4.82
C ALA C 234 -13.68 4.32 4.14
N LEU C 235 -13.26 5.56 4.39
CA LEU C 235 -13.82 6.70 3.72
C LEU C 235 -13.13 6.88 2.40
N ARG C 236 -13.93 6.98 1.35
CA ARG C 236 -13.44 7.20 0.01
C ARG C 236 -14.26 8.32 -0.57
N THR C 237 -13.62 9.14 -1.43
CA THR C 237 -14.26 10.30 -2.03
C THR C 237 -15.11 9.89 -3.23
N VAL C 238 -15.94 10.81 -3.71
CA VAL C 238 -16.66 10.62 -4.98
C VAL C 238 -16.51 11.84 -5.90
N ASP C 239 -16.74 11.63 -7.19
CA ASP C 239 -16.75 12.72 -8.15
C ASP C 239 -17.93 13.61 -7.84
N GLU C 240 -17.73 14.92 -7.94
CA GLU C 240 -18.79 15.93 -7.74
C GLU C 240 -19.61 15.76 -6.46
N PRO C 241 -19.10 16.27 -5.33
CA PRO C 241 -19.84 16.19 -4.07
C PRO C 241 -21.29 16.68 -4.19
N ALA C 242 -21.49 17.81 -4.87
CA ALA C 242 -22.82 18.37 -5.07
C ALA C 242 -23.76 17.34 -5.70
N ALA C 243 -23.25 16.58 -6.66
CA ALA C 243 -24.05 15.56 -7.34
C ALA C 243 -24.52 14.45 -6.40
N LEU C 244 -23.61 13.92 -5.58
CA LEU C 244 -24.01 12.92 -4.58
C LEU C 244 -25.00 13.51 -3.57
N ALA C 245 -24.77 14.76 -3.17
CA ALA C 245 -25.77 15.51 -2.41
C ALA C 245 -27.11 15.44 -3.14
N GLY C 246 -27.10 15.78 -4.42
CA GLY C 246 -28.27 15.59 -5.26
C GLY C 246 -28.85 14.20 -5.09
N HIS C 247 -28.04 13.16 -5.34
CA HIS C 247 -28.53 11.78 -5.31
C HIS C 247 -29.17 11.44 -3.98
N LEU C 248 -28.61 12.01 -2.92
CA LEU C 248 -29.07 11.72 -1.58
C LEU C 248 -30.35 12.44 -1.24
N PHE C 249 -30.59 13.57 -1.93
CA PHE C 249 -31.80 14.33 -1.70
C PHE C 249 -33.05 13.65 -2.25
N GLU C 250 -32.93 13.06 -3.44
CA GLU C 250 -34.02 12.28 -4.03
C GLU C 250 -34.44 11.13 -3.12
N GLU C 251 -33.46 10.37 -2.62
CA GLU C 251 -33.76 9.23 -1.76
C GLU C 251 -34.53 9.66 -0.52
N ALA C 252 -34.17 10.81 0.03
CA ALA C 252 -34.83 11.39 1.20
C ALA C 252 -36.20 11.98 0.85
N LEU C 253 -36.34 12.47 -0.38
CA LEU C 253 -37.64 12.91 -0.87
C LEU C 253 -38.54 11.71 -1.07
N GLU C 254 -38.00 10.62 -1.59
CA GLU C 254 -38.73 9.36 -1.72
C GLU C 254 -39.18 8.85 -0.36
N SER C 255 -38.29 8.96 0.63
CA SER C 255 -38.55 8.50 1.99
C SER C 255 -39.54 9.39 2.74
N ASN C 256 -39.77 10.59 2.21
CA ASN C 256 -40.74 11.52 2.80
C ASN C 256 -41.97 11.76 1.91
N GLY C 257 -42.25 10.78 1.03
CA GLY C 257 -43.46 10.78 0.20
C GLY C 257 -43.52 11.78 -0.95
N VAL C 258 -42.37 12.37 -1.29
CA VAL C 258 -42.26 13.29 -2.43
C VAL C 258 -41.66 12.56 -3.63
N THR C 259 -42.43 12.41 -4.69
CA THR C 259 -41.94 11.79 -5.92
C THR C 259 -41.15 12.80 -6.72
N VAL C 260 -40.15 12.32 -7.44
CA VAL C 260 -39.44 13.13 -8.43
C VAL C 260 -39.58 12.42 -9.78
N LYS C 261 -40.18 13.09 -10.76
CA LYS C 261 -40.42 12.49 -12.08
C LYS C 261 -39.21 12.57 -13.02
N GLY C 262 -38.56 13.73 -13.07
CA GLY C 262 -37.39 13.96 -13.92
C GLY C 262 -36.09 13.39 -13.40
N ASP C 263 -34.98 14.04 -13.75
CA ASP C 263 -33.65 13.55 -13.45
C ASP C 263 -32.99 14.25 -12.27
N VAL C 264 -31.95 13.62 -11.73
CA VAL C 264 -31.12 14.22 -10.70
C VAL C 264 -29.78 14.60 -11.33
N GLY C 265 -29.43 15.88 -11.26
CA GLY C 265 -28.20 16.35 -11.87
C GLY C 265 -27.69 17.66 -11.31
N LEU C 266 -26.76 18.28 -12.02
CA LEU C 266 -26.19 19.56 -11.62
C LEU C 266 -26.82 20.72 -12.41
N GLY C 267 -26.71 21.93 -11.87
CA GLY C 267 -27.30 23.12 -12.46
C GLY C 267 -27.67 24.16 -11.41
N GLY C 268 -27.33 25.42 -11.68
CA GLY C 268 -27.57 26.51 -10.74
C GLY C 268 -28.92 27.17 -10.94
N VAL C 269 -29.44 27.75 -9.86
CA VAL C 269 -30.67 28.54 -9.90
C VAL C 269 -30.54 29.58 -11.02
N PRO C 270 -31.48 29.57 -11.99
CA PRO C 270 -31.35 30.41 -13.19
C PRO C 270 -31.43 31.90 -12.85
N ALA C 271 -30.54 32.68 -13.46
CA ALA C 271 -30.56 34.13 -13.33
C ALA C 271 -31.93 34.68 -13.71
N ASP C 272 -32.67 33.88 -14.47
CA ASP C 272 -34.01 34.19 -14.94
C ASP C 272 -34.97 34.59 -13.81
N TRP C 273 -34.70 34.10 -12.60
CA TRP C 273 -35.56 34.38 -11.44
C TRP C 273 -35.06 35.56 -10.61
N GLN C 274 -35.95 36.05 -9.74
CA GLN C 274 -35.64 37.12 -8.81
C GLN C 274 -36.40 36.86 -7.50
N ASP C 275 -37.70 36.58 -7.63
CA ASP C 275 -38.54 36.24 -6.48
C ASP C 275 -38.71 34.75 -6.28
N ALA C 276 -37.63 34.11 -5.83
CA ALA C 276 -37.62 32.66 -5.59
C ALA C 276 -38.26 32.31 -4.25
N GLU C 277 -39.15 31.31 -4.28
CA GLU C 277 -39.83 30.79 -3.10
C GLU C 277 -38.91 29.81 -2.38
N VAL C 278 -38.50 30.18 -1.17
CA VAL C 278 -37.79 29.27 -0.27
C VAL C 278 -38.84 28.40 0.41
N LEU C 279 -38.74 27.09 0.21
CA LEU C 279 -39.72 26.16 0.76
C LEU C 279 -39.11 25.08 1.66
N ALA C 280 -37.91 25.37 2.17
CA ALA C 280 -37.15 24.48 3.07
C ALA C 280 -35.71 24.97 3.13
N ASP C 281 -35.24 25.24 4.34
CA ASP C 281 -33.86 25.68 4.51
C ASP C 281 -33.19 25.00 5.69
N HIS C 282 -31.86 25.08 5.74
CA HIS C 282 -31.09 24.57 6.87
C HIS C 282 -29.97 25.53 7.26
N THR C 283 -29.76 25.66 8.55
CA THR C 283 -28.71 26.54 9.07
C THR C 283 -27.67 25.77 9.88
N SER C 284 -26.40 26.06 9.63
CA SER C 284 -25.29 25.41 10.31
C SER C 284 -25.00 26.06 11.66
N ALA C 285 -24.28 25.33 12.53
CA ALA C 285 -23.77 25.92 13.76
C ALA C 285 -22.81 27.07 13.43
N GLU C 286 -22.47 27.87 14.42
CA GLU C 286 -21.61 29.04 14.21
C GLU C 286 -20.15 28.64 13.99
N LEU C 287 -19.41 29.50 13.29
CA LEU C 287 -17.99 29.28 12.99
C LEU C 287 -17.13 28.92 14.21
N SER C 288 -17.49 29.44 15.38
CA SER C 288 -16.87 29.05 16.64
C SER C 288 -16.98 27.53 16.84
N GLU C 289 -18.16 26.99 16.56
CA GLU C 289 -18.43 25.56 16.72
C GLU C 289 -17.80 24.73 15.61
N ILE C 290 -17.70 25.31 14.42
CA ILE C 290 -17.15 24.61 13.26
C ILE C 290 -15.62 24.56 13.31
N LEU C 291 -15.01 25.60 13.88
CA LEU C 291 -13.56 25.61 14.14
C LEU C 291 -13.05 24.34 14.81
N VAL C 292 -13.83 23.84 15.76
CA VAL C 292 -13.42 22.69 16.57
C VAL C 292 -13.08 21.45 15.71
N PRO C 293 -14.08 20.84 15.02
CA PRO C 293 -13.70 19.64 14.26
C PRO C 293 -12.64 19.95 13.19
N PHE C 294 -12.79 21.08 12.52
CA PHE C 294 -11.83 21.57 11.55
C PHE C 294 -10.42 21.56 12.12
N MET C 295 -10.16 22.38 13.14
CA MET C 295 -8.81 22.56 13.66
C MET C 295 -8.32 21.40 14.53
N LYS C 296 -9.24 20.66 15.14
CA LYS C 296 -8.88 19.55 16.02
C LYS C 296 -8.36 18.36 15.23
N PHE C 297 -9.02 18.06 14.12
CA PHE C 297 -8.68 16.88 13.32
C PHE C 297 -8.00 17.24 12.00
N SER C 298 -7.94 18.55 11.71
CA SER C 298 -7.27 19.10 10.54
C SER C 298 -8.03 18.76 9.25
N ASN C 299 -9.28 19.20 9.19
CA ASN C 299 -10.11 18.95 8.02
C ASN C 299 -9.73 19.88 6.84
N ASN C 300 -9.31 19.26 5.73
CA ASN C 300 -8.88 19.98 4.53
C ASN C 300 -10.02 20.69 3.81
N GLY C 301 -11.13 19.98 3.62
CA GLY C 301 -12.30 20.54 2.94
C GLY C 301 -12.74 21.78 3.70
N HIS C 302 -12.78 21.66 5.02
CA HIS C 302 -13.14 22.78 5.86
C HIS C 302 -12.30 24.00 5.55
N ALA C 303 -11.01 23.80 5.36
CA ALA C 303 -10.12 24.93 5.11
C ALA C 303 -10.42 25.62 3.78
N GLU C 304 -10.37 24.86 2.68
CA GLU C 304 -10.72 25.38 1.35
C GLU C 304 -12.11 26.03 1.32
N MET C 305 -13.11 25.29 1.81
CA MET C 305 -14.47 25.79 1.82
C MET C 305 -14.53 27.17 2.45
N LEU C 306 -13.76 27.36 3.53
CA LEU C 306 -13.65 28.65 4.19
C LEU C 306 -12.92 29.69 3.36
N VAL C 307 -11.87 29.27 2.65
CA VAL C 307 -11.18 30.21 1.75
C VAL C 307 -12.18 30.78 0.75
N LYS C 308 -12.81 29.91 -0.02
CA LYS C 308 -13.77 30.31 -1.05
C LYS C 308 -14.95 31.09 -0.46
N SER C 309 -15.37 30.72 0.74
CA SER C 309 -16.40 31.47 1.46
C SER C 309 -15.95 32.89 1.81
N ILE C 310 -14.69 33.03 2.24
CA ILE C 310 -14.09 34.35 2.43
C ILE C 310 -14.15 35.08 1.09
N GLY C 311 -13.69 34.43 0.02
CA GLY C 311 -13.80 34.99 -1.34
C GLY C 311 -15.16 35.61 -1.64
N GLN C 312 -16.23 34.85 -1.40
CA GLN C 312 -17.60 35.30 -1.64
C GLN C 312 -18.00 36.55 -0.87
N GLU C 313 -17.60 36.60 0.41
CA GLU C 313 -18.03 37.65 1.34
C GLU C 313 -17.20 38.94 1.21
N THR C 314 -16.05 38.83 0.55
CA THR C 314 -15.21 40.02 0.31
C THR C 314 -15.30 40.47 -1.13
N ALA C 315 -15.02 39.56 -2.06
CA ALA C 315 -14.92 39.93 -3.46
C ALA C 315 -16.13 39.45 -4.27
N GLY C 316 -17.00 38.69 -3.63
CA GLY C 316 -18.23 38.23 -4.30
C GLY C 316 -18.03 37.12 -5.31
N ALA C 317 -17.03 36.27 -5.06
CA ALA C 317 -16.75 35.13 -5.91
C ALA C 317 -16.24 33.95 -5.11
N GLY C 318 -16.86 32.79 -5.32
CA GLY C 318 -16.42 31.54 -4.70
C GLY C 318 -15.19 30.99 -5.41
N THR C 319 -14.05 31.62 -5.15
CA THR C 319 -12.80 31.36 -5.88
C THR C 319 -11.63 31.21 -4.91
N TRP C 320 -10.59 30.51 -5.34
CA TRP C 320 -9.37 30.39 -4.54
C TRP C 320 -8.58 31.69 -4.52
N ASP C 321 -8.31 32.23 -5.71
CA ASP C 321 -7.61 33.51 -5.87
C ASP C 321 -8.32 34.59 -5.07
N ALA C 322 -9.62 34.73 -5.31
CA ALA C 322 -10.44 35.70 -4.60
C ALA C 322 -10.36 35.47 -3.09
N GLY C 323 -10.43 34.20 -2.69
CA GLY C 323 -10.33 33.79 -1.30
C GLY C 323 -8.97 34.09 -0.70
N LEU C 324 -7.93 33.47 -1.24
CA LEU C 324 -6.57 33.66 -0.75
C LEU C 324 -6.17 35.14 -0.68
N VAL C 325 -6.73 35.95 -1.59
CA VAL C 325 -6.55 37.40 -1.53
C VAL C 325 -7.22 37.94 -0.27
N GLY C 326 -8.48 37.59 -0.06
CA GLY C 326 -9.19 37.94 1.17
C GLY C 326 -8.40 37.50 2.39
N VAL C 327 -7.92 36.26 2.36
CA VAL C 327 -7.09 35.72 3.44
C VAL C 327 -5.92 36.67 3.71
N GLU C 328 -5.13 36.93 2.67
CA GLU C 328 -4.00 37.85 2.76
C GLU C 328 -4.43 39.20 3.34
N GLU C 329 -5.48 39.78 2.77
CA GLU C 329 -6.00 41.07 3.22
C GLU C 329 -6.39 41.03 4.70
N ALA C 330 -7.17 40.04 5.08
CA ALA C 330 -7.59 39.87 6.47
C ALA C 330 -6.41 39.69 7.42
N LEU C 331 -5.34 39.06 6.93
CA LEU C 331 -4.14 38.86 7.75
C LEU C 331 -3.38 40.16 7.95
N SER C 332 -3.11 40.88 6.87
CA SER C 332 -2.51 42.21 6.97
C SER C 332 -3.37 43.09 7.86
N GLY C 333 -4.68 42.95 7.72
CA GLY C 333 -5.65 43.71 8.53
C GLY C 333 -5.60 43.39 10.02
N LEU C 334 -4.92 42.30 10.37
CA LEU C 334 -4.71 41.94 11.76
C LEU C 334 -3.31 42.38 12.22
N GLY C 335 -2.50 42.85 11.27
CA GLY C 335 -1.14 43.30 11.57
C GLY C 335 -0.09 42.21 11.40
N VAL C 336 -0.39 41.24 10.53
CA VAL C 336 0.54 40.15 10.21
C VAL C 336 1.43 40.60 9.06
N ASP C 337 2.73 40.30 9.18
CA ASP C 337 3.68 40.66 8.12
C ASP C 337 3.69 39.59 7.04
N THR C 338 2.70 39.67 6.14
CA THR C 338 2.49 38.66 5.10
C THR C 338 3.44 38.82 3.91
N ALA C 339 4.72 39.06 4.20
CA ALA C 339 5.75 39.12 3.18
C ALA C 339 6.33 37.72 2.91
N GLY C 340 6.40 36.91 3.95
CA GLY C 340 6.93 35.55 3.85
C GLY C 340 5.90 34.51 3.44
N LEU C 341 4.65 34.93 3.35
CA LEU C 341 3.57 34.06 2.90
C LEU C 341 3.53 33.89 1.39
N VAL C 342 3.28 32.67 0.96
CA VAL C 342 2.86 32.38 -0.40
C VAL C 342 1.65 31.48 -0.25
N LEU C 343 0.47 32.05 -0.50
CA LEU C 343 -0.77 31.33 -0.35
C LEU C 343 -1.07 30.59 -1.64
N ASN C 344 -1.38 29.29 -1.52
CA ASN C 344 -1.90 28.55 -2.67
C ASN C 344 -3.16 27.76 -2.36
N ASP C 345 -3.32 27.34 -1.10
CA ASP C 345 -4.59 26.74 -0.65
C ASP C 345 -4.89 27.07 0.82
N GLY C 346 -6.08 26.67 1.28
CA GLY C 346 -6.50 26.90 2.65
C GLY C 346 -6.04 25.86 3.64
N SER C 347 -5.93 24.62 3.17
CA SER C 347 -5.61 23.47 4.02
C SER C 347 -4.14 23.36 4.37
N GLY C 348 -3.28 23.68 3.40
CA GLY C 348 -1.85 23.45 3.52
C GLY C 348 -1.42 22.21 2.74
N LEU C 349 -2.40 21.55 2.13
CA LEU C 349 -2.18 20.32 1.37
C LEU C 349 -1.35 20.57 0.12
N SER C 350 -1.55 21.74 -0.49
CA SER C 350 -0.74 22.16 -1.62
C SER C 350 0.70 22.30 -1.16
N ARG C 351 1.62 22.09 -2.08
CA ARG C 351 3.04 22.24 -1.81
C ARG C 351 3.47 23.66 -2.19
N GLY C 352 2.57 24.37 -2.86
CA GLY C 352 2.82 25.76 -3.24
C GLY C 352 2.52 26.70 -2.09
N ASN C 353 2.66 26.20 -0.86
CA ASN C 353 2.45 26.99 0.34
C ASN C 353 3.79 27.29 1.00
N LEU C 354 3.96 28.52 1.49
CA LEU C 354 5.19 28.91 2.17
C LEU C 354 4.89 29.79 3.37
N VAL C 355 5.58 29.53 4.48
CA VAL C 355 5.52 30.36 5.69
C VAL C 355 6.92 30.50 6.27
N THR C 356 7.09 31.47 7.17
CA THR C 356 8.28 31.54 8.02
C THR C 356 7.79 31.40 9.45
N ALA C 357 8.67 31.00 10.37
CA ALA C 357 8.28 30.84 11.78
C ALA C 357 7.79 32.15 12.43
N ASP C 358 8.42 33.27 12.07
CA ASP C 358 8.01 34.60 12.55
C ASP C 358 6.63 35.04 12.05
N THR C 359 6.33 34.69 10.80
CA THR C 359 5.01 34.92 10.23
C THR C 359 3.92 34.24 11.08
N VAL C 360 4.24 33.02 11.54
CA VAL C 360 3.39 32.25 12.46
C VAL C 360 3.37 32.89 13.87
N VAL C 361 4.54 33.33 14.31
CA VAL C 361 4.71 33.96 15.62
C VAL C 361 3.94 35.28 15.71
N ASP C 362 4.09 36.10 14.66
CA ASP C 362 3.30 37.31 14.52
C ASP C 362 1.81 36.94 14.61
N LEU C 363 1.40 35.92 13.85
CA LEU C 363 0.00 35.49 13.79
C LEU C 363 -0.54 35.02 15.14
N LEU C 364 0.23 34.17 15.83
CA LEU C 364 -0.14 33.72 17.17
C LEU C 364 -0.20 34.89 18.15
N GLY C 365 0.71 35.84 17.99
CA GLY C 365 0.73 37.05 18.79
C GLY C 365 -0.58 37.82 18.66
N GLN C 366 -0.89 38.24 17.42
CA GLN C 366 -2.10 39.00 17.13
C GLN C 366 -3.36 38.26 17.57
N ALA C 367 -3.33 36.95 17.39
CA ALA C 367 -4.49 36.10 17.63
C ALA C 367 -5.02 36.17 19.05
N GLY C 368 -4.13 36.04 20.03
CA GLY C 368 -4.49 36.06 21.44
C GLY C 368 -5.23 37.31 21.88
N SER C 369 -4.72 38.47 21.46
CA SER C 369 -5.30 39.77 21.85
C SER C 369 -6.56 40.17 21.08
N ALA C 370 -6.89 39.37 20.05
CA ALA C 370 -8.05 39.60 19.17
C ALA C 370 -9.39 39.35 19.87
N PRO C 371 -10.52 39.80 19.25
CA PRO C 371 -11.85 39.67 19.87
C PRO C 371 -12.34 38.23 20.04
N TRP C 372 -11.99 37.37 19.08
CA TRP C 372 -12.41 35.96 19.13
C TRP C 372 -11.57 35.12 20.07
N ALA C 373 -10.25 35.32 20.04
CA ALA C 373 -9.29 34.74 20.97
C ALA C 373 -9.63 33.37 21.57
N GLN C 374 -10.55 33.35 22.53
CA GLN C 374 -10.88 32.15 23.30
C GLN C 374 -11.55 31.05 22.49
N THR C 375 -12.52 31.41 21.65
CA THR C 375 -13.10 30.48 20.69
C THR C 375 -12.21 30.39 19.43
N TRP C 376 -10.90 30.28 19.67
CA TRP C 376 -9.89 30.10 18.61
C TRP C 376 -8.82 29.12 19.11
N SER C 377 -8.30 29.36 20.31
CA SER C 377 -7.34 28.43 20.91
C SER C 377 -8.05 27.20 21.47
N ALA C 378 -9.37 27.31 21.58
CA ALA C 378 -10.22 26.17 21.95
C ALA C 378 -10.45 25.21 20.77
N SER C 379 -10.15 25.67 19.56
CA SER C 379 -10.25 24.82 18.37
C SER C 379 -8.95 24.06 18.19
N LEU C 380 -7.89 24.57 18.81
CA LEU C 380 -6.60 23.92 18.77
C LEU C 380 -6.60 22.67 19.66
N PRO C 381 -5.95 21.58 19.21
CA PRO C 381 -5.70 20.43 20.05
C PRO C 381 -5.01 20.80 21.36
N VAL C 382 -5.58 20.34 22.46
CA VAL C 382 -4.92 20.39 23.75
C VAL C 382 -4.04 19.14 23.83
N ALA C 383 -2.73 19.37 23.83
CA ALA C 383 -1.75 18.29 23.73
C ALA C 383 -1.82 17.30 24.89
N GLY C 384 -2.15 16.06 24.54
CA GLY C 384 -2.09 14.94 25.49
C GLY C 384 -3.38 14.56 26.20
N GLU C 385 -4.52 14.80 25.54
CA GLU C 385 -5.83 14.53 26.13
C GLU C 385 -6.52 13.38 25.42
N SER C 386 -7.10 12.46 26.19
CA SER C 386 -7.84 11.28 25.68
C SER C 386 -9.00 11.60 24.73
N ASP C 387 -9.80 12.61 25.08
CA ASP C 387 -10.96 12.99 24.27
C ASP C 387 -10.50 13.57 22.93
N PRO C 388 -10.87 12.91 21.82
CA PRO C 388 -10.41 13.36 20.50
C PRO C 388 -10.89 14.77 20.18
N PHE C 389 -12.10 15.13 20.60
CA PHE C 389 -12.62 16.49 20.38
C PHE C 389 -12.05 17.50 21.38
N VAL C 390 -11.07 17.08 22.19
CA VAL C 390 -10.28 17.99 23.02
C VAL C 390 -8.79 17.79 22.66
N GLY C 391 -8.37 16.53 22.59
CA GLY C 391 -6.97 16.21 22.35
C GLY C 391 -6.56 16.41 20.92
N GLY C 392 -7.50 16.17 20.01
CA GLY C 392 -7.25 16.24 18.56
C GLY C 392 -6.15 15.31 18.13
N THR C 393 -5.18 15.84 17.39
CA THR C 393 -4.09 15.05 16.84
C THR C 393 -2.84 15.10 17.71
N LEU C 394 -2.96 15.72 18.88
CA LEU C 394 -1.91 15.68 19.89
C LEU C 394 -2.31 14.77 21.04
N ALA C 395 -3.44 14.09 20.89
CA ALA C 395 -3.96 13.15 21.88
C ALA C 395 -2.94 12.08 22.30
N ASN C 396 -2.28 11.47 21.31
CA ASN C 396 -1.30 10.41 21.54
C ASN C 396 0.13 10.94 21.65
N ARG C 397 0.27 12.19 22.10
CA ARG C 397 1.58 12.83 22.22
C ARG C 397 1.68 13.59 23.51
N MET C 398 2.83 13.49 24.17
CA MET C 398 3.09 14.15 25.45
C MET C 398 2.05 13.80 26.51
N ARG C 399 1.73 12.52 26.60
CA ARG C 399 0.94 12.01 27.70
C ARG C 399 1.86 11.83 28.89
N GLY C 400 1.42 12.26 30.06
CA GLY C 400 2.23 12.15 31.29
C GLY C 400 3.47 13.02 31.27
N THR C 401 3.34 14.21 30.66
CA THR C 401 4.41 15.21 30.62
C THR C 401 3.94 16.51 31.28
N ALA C 402 4.81 17.53 31.27
CA ALA C 402 4.45 18.84 31.76
C ALA C 402 3.44 19.50 30.80
N ALA C 403 3.51 19.11 29.54
CA ALA C 403 2.64 19.60 28.47
C ALA C 403 1.19 19.14 28.57
N GLU C 404 0.97 17.93 29.09
CA GLU C 404 -0.36 17.34 29.19
C GLU C 404 -1.40 18.33 29.72
N GLY C 405 -2.51 18.43 29.01
CA GLY C 405 -3.58 19.35 29.38
C GLY C 405 -3.23 20.83 29.30
N VAL C 406 -1.96 21.13 29.02
CA VAL C 406 -1.47 22.51 29.09
C VAL C 406 -1.26 23.10 27.69
N VAL C 407 -0.42 22.43 26.90
CA VAL C 407 -0.03 22.92 25.57
C VAL C 407 -1.21 22.92 24.59
N GLU C 408 -1.41 24.05 23.94
CA GLU C 408 -2.38 24.20 22.87
C GLU C 408 -1.56 24.52 21.64
N ALA C 409 -1.67 23.68 20.61
CA ALA C 409 -0.87 23.83 19.40
C ALA C 409 -1.54 23.22 18.16
N LYS C 410 -1.02 23.54 16.97
CA LYS C 410 -1.51 22.95 15.73
C LYS C 410 -0.41 22.18 15.00
N THR C 411 -0.74 20.95 14.63
CA THR C 411 0.16 20.03 13.96
C THR C 411 0.04 20.22 12.46
N GLY C 412 0.90 19.57 11.69
CA GLY C 412 0.78 19.58 10.23
C GLY C 412 1.75 18.66 9.50
N THR C 413 1.30 17.44 9.21
CA THR C 413 2.15 16.47 8.52
C THR C 413 1.82 16.35 7.04
N MET C 414 2.87 16.30 6.23
CA MET C 414 2.79 15.91 4.84
C MET C 414 4.00 15.02 4.62
N SER C 415 4.20 14.60 3.38
CA SER C 415 5.47 13.97 2.99
C SER C 415 6.60 15.00 3.13
N GLY C 416 7.67 14.60 3.82
CA GLY C 416 8.83 15.47 4.01
C GLY C 416 8.50 16.84 4.60
N VAL C 417 7.39 16.90 5.33
CA VAL C 417 6.97 18.11 6.03
C VAL C 417 6.27 17.76 7.33
N SER C 418 6.73 18.39 8.41
CA SER C 418 6.09 18.28 9.71
C SER C 418 6.11 19.67 10.34
N ALA C 419 5.21 19.92 11.29
CA ALA C 419 5.22 21.20 12.00
C ALA C 419 4.32 21.18 13.23
N LEU C 420 4.74 21.92 14.26
CA LEU C 420 3.94 22.14 15.46
C LEU C 420 4.03 23.62 15.90
N SER C 421 2.88 24.23 16.20
CA SER C 421 2.85 25.65 16.60
C SER C 421 1.65 26.00 17.47
N GLY C 422 1.88 26.79 18.52
CA GLY C 422 0.79 27.23 19.41
C GLY C 422 1.20 27.95 20.69
N TYR C 423 0.28 27.98 21.65
CA TYR C 423 0.46 28.69 22.92
C TYR C 423 0.78 27.76 24.10
N VAL C 424 1.55 28.28 25.05
CA VAL C 424 1.84 27.55 26.29
C VAL C 424 1.34 28.33 27.51
N PRO C 425 0.07 28.09 27.90
CA PRO C 425 -0.53 28.76 29.05
C PRO C 425 -0.14 28.11 30.38
N GLY C 426 0.99 28.56 30.93
CA GLY C 426 1.34 28.24 32.31
C GLY C 426 0.97 29.40 33.23
N PRO C 427 0.94 29.15 34.56
CA PRO C 427 0.58 30.22 35.51
C PRO C 427 1.52 31.44 35.46
N GLU C 428 2.71 31.26 34.90
CA GLU C 428 3.73 32.31 34.84
C GLU C 428 3.50 33.31 33.71
N GLY C 429 2.72 32.91 32.70
CA GLY C 429 2.42 33.77 31.56
C GLY C 429 2.33 33.00 30.26
N GLU C 430 1.52 33.53 29.33
CA GLU C 430 1.28 32.91 28.01
C GLU C 430 2.53 32.93 27.13
N LEU C 431 2.73 31.84 26.39
CA LEU C 431 3.87 31.70 25.49
C LEU C 431 3.43 31.28 24.10
N ALA C 432 4.17 31.74 23.09
CA ALA C 432 3.84 31.45 21.70
C ALA C 432 5.07 30.92 20.96
N PHE C 433 4.93 29.77 20.30
CA PHE C 433 6.04 29.12 19.63
C PHE C 433 5.63 28.59 18.26
N SER C 434 6.62 28.49 17.37
CA SER C 434 6.43 27.87 16.08
C SER C 434 7.60 27.00 15.71
N ILE C 435 7.32 25.71 15.49
CA ILE C 435 8.30 24.74 15.04
C ILE C 435 7.85 24.16 13.70
N VAL C 436 8.66 24.38 12.66
CA VAL C 436 8.32 23.91 11.32
C VAL C 436 9.55 23.21 10.73
N ASN C 437 9.37 21.95 10.32
CA ASN C 437 10.48 21.13 9.78
C ASN C 437 10.29 20.78 8.30
N ASN C 438 11.39 20.82 7.55
CA ASN C 438 11.32 20.57 6.10
C ASN C 438 12.49 19.76 5.55
N GLY C 439 12.17 18.82 4.66
CA GLY C 439 13.17 18.08 3.91
C GLY C 439 13.80 16.89 4.61
N HIS C 440 13.24 16.50 5.75
CA HIS C 440 13.69 15.31 6.49
C HIS C 440 13.32 14.05 5.73
N SER C 441 13.88 12.92 6.15
CA SER C 441 13.65 11.63 5.46
C SER C 441 12.33 10.97 5.91
N GLY C 442 12.37 9.65 6.09
CA GLY C 442 11.21 8.87 6.52
C GLY C 442 10.48 9.42 7.74
N PRO C 443 11.03 9.18 8.95
CA PRO C 443 10.30 9.49 10.18
C PRO C 443 10.15 10.98 10.40
N ALA C 444 9.01 11.38 10.95
CA ALA C 444 8.76 12.78 11.31
C ALA C 444 9.42 13.09 12.65
N PRO C 445 10.13 14.23 12.73
CA PRO C 445 10.69 14.73 13.99
C PRO C 445 9.63 15.11 15.03
N LEU C 446 8.72 14.17 15.30
CA LEU C 446 7.62 14.37 16.24
C LEU C 446 8.11 14.36 17.68
N ALA C 447 9.14 13.55 17.94
CA ALA C 447 9.79 13.51 19.23
C ALA C 447 10.56 14.80 19.48
N VAL C 448 11.07 15.39 18.40
CA VAL C 448 11.80 16.67 18.46
C VAL C 448 10.88 17.81 18.87
N GLN C 449 9.74 17.91 18.19
CA GLN C 449 8.75 18.94 18.48
C GLN C 449 8.26 18.78 19.92
N ASP C 450 7.90 17.55 20.27
CA ASP C 450 7.45 17.21 21.62
C ASP C 450 8.42 17.68 22.70
N ALA C 451 9.68 17.25 22.58
CA ALA C 451 10.74 17.57 23.55
C ALA C 451 10.88 19.07 23.76
N ILE C 452 10.71 19.84 22.68
CA ILE C 452 10.73 21.29 22.73
C ILE C 452 9.51 21.80 23.49
N ALA C 453 8.32 21.33 23.09
CA ALA C 453 7.09 21.72 23.75
C ALA C 453 7.12 21.41 25.25
N VAL C 454 7.68 20.24 25.58
CA VAL C 454 7.85 19.79 26.96
C VAL C 454 8.78 20.74 27.71
N ARG C 455 9.82 21.21 27.03
CA ARG C 455 10.74 22.18 27.61
C ARG C 455 10.03 23.47 27.99
N LEU C 456 9.19 23.95 27.07
CA LEU C 456 8.50 25.23 27.26
C LEU C 456 7.51 25.20 28.40
N ALA C 457 6.89 24.04 28.62
CA ALA C 457 5.95 23.86 29.72
C ALA C 457 6.65 23.96 31.07
N GLU C 458 7.89 23.48 31.13
CA GLU C 458 8.73 23.60 32.32
C GLU C 458 8.95 25.08 32.65
N TYR C 459 9.26 25.88 31.63
CA TYR C 459 9.45 27.32 31.82
C TYR C 459 8.14 27.98 32.22
N ALA C 460 7.05 27.52 31.62
CA ALA C 460 5.71 28.03 31.90
C ALA C 460 5.29 27.81 33.35
N GLY C 461 6.04 27.00 34.08
CA GLY C 461 5.78 26.73 35.49
C GLY C 461 4.88 25.53 35.69
N HIS C 462 5.15 24.47 34.94
CA HIS C 462 4.32 23.27 34.93
C HIS C 462 5.13 21.99 35.12
N GLN C 463 4.44 20.96 35.59
CA GLN C 463 5.04 19.64 35.80
C GLN C 463 4.09 18.51 35.39
N ALA C 464 4.53 17.26 35.60
CA ALA C 464 3.75 16.09 35.24
C ALA C 464 2.72 15.73 36.32
N PRO C 465 1.53 15.26 35.90
CA PRO C 465 0.45 14.91 36.84
C PRO C 465 0.61 13.52 37.44
N ARG D 1 5.81 -10.51 -48.43
CA ARG D 1 5.64 -10.47 -46.95
C ARG D 1 5.05 -9.14 -46.48
N LEU D 2 4.02 -8.67 -47.20
CA LEU D 2 3.33 -7.41 -46.89
C LEU D 2 2.40 -7.56 -45.68
N THR D 3 1.54 -8.57 -45.72
CA THR D 3 0.64 -8.88 -44.61
C THR D 3 1.43 -9.44 -43.42
N GLU D 4 2.53 -10.11 -43.71
CA GLU D 4 3.40 -10.71 -42.70
C GLU D 4 4.01 -9.67 -41.78
N LEU D 5 4.47 -8.56 -42.36
CA LEU D 5 4.96 -7.42 -41.58
C LEU D 5 3.80 -6.80 -40.80
N ARG D 6 2.65 -6.67 -41.46
CA ARG D 6 1.46 -6.05 -40.88
C ARG D 6 1.04 -6.76 -39.59
N GLU D 7 0.90 -8.09 -39.65
CA GLU D 7 0.50 -8.90 -38.50
C GLU D 7 1.52 -8.92 -37.36
N ASP D 8 2.80 -8.83 -37.71
CA ASP D 8 3.89 -8.82 -36.72
C ASP D 8 3.83 -7.58 -35.83
N ILE D 9 3.70 -6.41 -36.48
CA ILE D 9 3.55 -5.16 -35.76
C ILE D 9 2.22 -5.12 -35.00
N ASP D 10 1.17 -5.69 -35.59
CA ASP D 10 -0.14 -5.83 -34.95
C ASP D 10 -0.02 -6.49 -33.57
N ALA D 11 0.74 -7.59 -33.54
CA ALA D 11 0.96 -8.37 -32.32
C ALA D 11 1.85 -7.66 -31.30
N ILE D 12 2.84 -6.90 -31.80
CA ILE D 12 3.74 -6.12 -30.94
C ILE D 12 2.95 -5.06 -30.17
N LEU D 13 2.13 -4.31 -30.91
CA LEU D 13 1.34 -3.22 -30.33
C LEU D 13 0.34 -3.66 -29.27
N GLU D 14 0.04 -4.96 -29.23
CA GLU D 14 -0.89 -5.52 -28.24
C GLU D 14 -0.33 -5.52 -26.81
N ASP D 15 0.95 -5.16 -26.67
CA ASP D 15 1.67 -5.18 -25.40
C ASP D 15 0.89 -4.57 -24.22
N PRO D 16 0.74 -5.33 -23.12
CA PRO D 16 0.07 -4.93 -21.87
C PRO D 16 0.43 -3.54 -21.33
N ALA D 17 1.63 -3.05 -21.64
CA ALA D 17 2.07 -1.73 -21.17
C ALA D 17 1.41 -0.57 -21.93
N LEU D 18 0.56 -0.91 -22.89
CA LEU D 18 -0.19 0.07 -23.66
C LEU D 18 -1.67 0.09 -23.28
N GLU D 19 -1.93 0.13 -21.98
CA GLU D 19 -3.29 0.19 -21.44
C GLU D 19 -3.79 1.63 -21.51
N GLY D 20 -4.88 1.82 -22.26
CA GLY D 20 -5.40 3.17 -22.52
C GLY D 20 -4.36 4.07 -23.18
N ALA D 21 -3.68 3.53 -24.19
CA ALA D 21 -2.61 4.24 -24.87
C ALA D 21 -2.88 4.43 -26.37
N VAL D 22 -3.14 5.67 -26.75
CA VAL D 22 -3.38 6.04 -28.14
C VAL D 22 -2.05 5.99 -28.90
N SER D 23 -2.04 5.29 -30.03
CA SER D 23 -0.79 5.09 -30.77
C SER D 23 -0.91 5.41 -32.25
N GLY D 24 0.10 6.11 -32.77
CA GLY D 24 0.17 6.44 -34.19
C GLY D 24 1.41 5.83 -34.83
N VAL D 25 1.19 4.77 -35.60
CA VAL D 25 2.27 4.02 -36.22
C VAL D 25 2.08 3.96 -37.73
N VAL D 26 2.94 4.69 -38.44
CA VAL D 26 2.91 4.73 -39.90
C VAL D 26 4.30 4.35 -40.43
N VAL D 27 4.33 3.52 -41.47
CA VAL D 27 5.59 3.12 -42.11
C VAL D 27 5.45 3.19 -43.63
N VAL D 28 6.44 3.83 -44.26
CA VAL D 28 6.43 4.11 -45.70
C VAL D 28 7.77 3.78 -46.33
N ASP D 29 7.73 3.32 -47.59
CA ASP D 29 8.95 3.06 -48.36
C ASP D 29 9.38 4.32 -49.10
N THR D 30 10.54 4.86 -48.74
CA THR D 30 11.03 6.13 -49.31
C THR D 30 11.51 5.98 -50.77
N ALA D 31 11.27 4.80 -51.35
CA ALA D 31 11.56 4.58 -52.77
C ALA D 31 10.34 4.95 -53.63
N THR D 32 9.42 4.00 -53.81
CA THR D 32 8.19 4.26 -54.58
C THR D 32 7.33 5.30 -53.87
N GLY D 33 7.02 5.02 -52.60
CA GLY D 33 6.17 5.90 -51.81
C GLY D 33 4.95 5.18 -51.26
N GLU D 34 4.82 3.88 -51.55
CA GLU D 34 3.70 3.08 -51.06
C GLU D 34 3.77 2.94 -49.55
N GLU D 35 2.66 3.27 -48.89
CA GLU D 35 2.54 3.17 -47.45
C GLU D 35 2.24 1.71 -47.07
N LEU D 36 3.15 1.13 -46.29
CA LEU D 36 3.10 -0.29 -45.94
C LEU D 36 2.21 -0.57 -44.73
N TYR D 37 2.31 0.31 -43.73
CA TYR D 37 1.56 0.15 -42.49
C TYR D 37 1.12 1.52 -41.95
N SER D 38 -0.15 1.59 -41.55
CA SER D 38 -0.70 2.82 -40.97
C SER D 38 -1.87 2.48 -40.06
N ARG D 39 -1.70 2.77 -38.78
CA ARG D 39 -2.78 2.62 -37.80
C ARG D 39 -2.92 3.94 -37.03
N ASP D 40 -4.16 4.45 -36.97
CA ASP D 40 -4.43 5.78 -36.40
C ASP D 40 -3.42 6.81 -36.90
N GLY D 41 -3.47 7.08 -38.21
CA GLY D 41 -2.56 8.02 -38.83
C GLY D 41 -2.95 9.46 -38.58
N GLY D 42 -4.26 9.73 -38.62
CA GLY D 42 -4.78 11.09 -38.48
C GLY D 42 -4.81 11.65 -37.06
N GLU D 43 -4.81 10.76 -36.06
CA GLU D 43 -4.93 11.19 -34.67
C GLU D 43 -3.86 12.21 -34.29
N GLN D 44 -4.27 13.26 -33.57
CA GLN D 44 -3.37 14.33 -33.14
C GLN D 44 -2.85 14.06 -31.73
N LEU D 45 -1.54 13.92 -31.59
CA LEU D 45 -0.94 13.62 -30.29
C LEU D 45 0.28 14.47 -29.95
N LEU D 46 0.68 14.45 -28.67
CA LEU D 46 1.89 15.15 -28.23
C LEU D 46 3.12 14.41 -28.76
N PRO D 47 4.09 15.16 -29.32
CA PRO D 47 5.28 14.53 -29.88
C PRO D 47 6.47 14.53 -28.94
N ALA D 48 6.33 15.17 -27.77
CA ALA D 48 7.48 15.52 -26.94
C ALA D 48 8.65 15.92 -27.85
N SER D 49 9.81 15.28 -27.70
CA SER D 49 10.99 15.71 -28.48
C SER D 49 10.94 15.48 -29.98
N ASN D 50 10.04 14.62 -30.45
CA ASN D 50 9.87 14.41 -31.88
C ASN D 50 9.49 15.69 -32.62
N MET D 51 9.07 16.70 -31.86
CA MET D 51 8.82 18.04 -32.40
C MET D 51 10.09 18.62 -33.00
N LYS D 52 11.23 18.32 -32.39
CA LYS D 52 12.55 18.81 -32.85
C LYS D 52 12.82 18.49 -34.32
N LEU D 53 12.28 17.36 -34.80
CA LEU D 53 12.32 17.02 -36.22
C LEU D 53 11.79 18.13 -37.12
N PHE D 54 10.73 18.79 -36.71
CA PHE D 54 10.12 19.88 -37.49
C PHE D 54 10.97 21.14 -37.37
N THR D 55 11.37 21.46 -36.16
CA THR D 55 12.18 22.64 -35.88
C THR D 55 13.51 22.54 -36.61
N ALA D 56 14.05 21.32 -36.69
CA ALA D 56 15.29 21.08 -37.43
C ALA D 56 15.09 21.29 -38.94
N ALA D 57 14.10 20.60 -39.51
CA ALA D 57 13.78 20.73 -40.93
C ALA D 57 13.48 22.17 -41.35
N ALA D 58 13.01 22.98 -40.41
CA ALA D 58 12.73 24.39 -40.67
C ALA D 58 14.02 25.19 -40.66
N ALA D 59 14.74 25.16 -39.52
CA ALA D 59 15.96 25.94 -39.33
C ALA D 59 16.99 25.72 -40.44
N LEU D 60 16.94 24.55 -41.06
CA LEU D 60 17.78 24.24 -42.21
C LEU D 60 17.26 24.93 -43.47
N GLU D 61 15.96 24.78 -43.72
CA GLU D 61 15.32 25.41 -44.88
C GLU D 61 15.36 26.94 -44.81
N VAL D 62 15.30 27.47 -43.58
CA VAL D 62 15.31 28.92 -43.39
C VAL D 62 16.73 29.45 -43.36
N LEU D 63 17.46 29.16 -42.28
CA LEU D 63 18.80 29.72 -42.09
C LEU D 63 19.86 29.12 -43.02
N GLY D 64 19.53 27.98 -43.63
CA GLY D 64 20.46 27.28 -44.53
C GLY D 64 21.46 26.45 -43.77
N ALA D 65 21.93 25.37 -44.41
CA ALA D 65 22.85 24.42 -43.79
C ALA D 65 24.12 25.07 -43.24
N ASP D 66 24.53 26.18 -43.86
CA ASP D 66 25.81 26.83 -43.59
C ASP D 66 25.75 28.06 -42.68
N HIS D 67 24.59 28.35 -42.11
CA HIS D 67 24.46 29.48 -41.19
C HIS D 67 25.41 29.33 -40.00
N SER D 68 25.88 30.46 -39.48
CA SER D 68 26.63 30.46 -38.22
C SER D 68 26.27 31.68 -37.39
N PHE D 69 26.50 31.60 -36.09
CA PHE D 69 26.03 32.60 -35.15
C PHE D 69 27.17 33.44 -34.58
N GLY D 70 26.91 34.72 -34.39
CA GLY D 70 27.94 35.65 -33.95
C GLY D 70 27.77 36.22 -32.56
N THR D 71 28.88 36.34 -31.86
CA THR D 71 28.95 37.08 -30.60
C THR D 71 29.92 38.23 -30.87
N GLU D 72 29.82 39.33 -30.11
CA GLU D 72 30.81 40.42 -30.17
C GLU D 72 30.86 41.34 -28.96
N VAL D 73 31.96 42.09 -28.86
CA VAL D 73 32.21 43.01 -27.75
C VAL D 73 32.21 44.45 -28.24
N ALA D 74 31.29 45.24 -27.69
CA ALA D 74 31.08 46.62 -28.14
C ALA D 74 31.55 47.69 -27.13
N ALA D 75 32.01 48.80 -27.68
CA ALA D 75 32.42 49.98 -26.91
C ALA D 75 32.36 51.17 -27.86
N GLU D 76 32.19 52.36 -27.29
CA GLU D 76 32.00 53.57 -28.09
C GLU D 76 33.27 53.90 -28.88
N SER D 77 34.23 54.52 -28.20
CA SER D 77 35.52 54.83 -28.79
C SER D 77 36.59 53.92 -28.18
N ALA D 78 37.53 53.50 -29.02
CA ALA D 78 38.67 52.71 -28.58
C ALA D 78 39.76 53.62 -27.97
N PRO D 79 40.68 53.03 -27.18
CA PRO D 79 41.87 53.79 -26.79
C PRO D 79 43.04 53.55 -27.76
N GLY D 80 44.20 54.13 -27.45
CA GLY D 80 45.40 53.96 -28.28
C GLY D 80 46.64 53.94 -27.40
N ARG D 81 46.97 55.11 -26.86
CA ARG D 81 47.96 55.25 -25.80
C ARG D 81 47.25 55.37 -24.45
N ARG D 82 45.99 55.80 -24.49
CA ARG D 82 45.20 56.15 -23.31
C ARG D 82 44.86 54.95 -22.43
N GLY D 83 44.62 53.79 -23.06
CA GLY D 83 44.34 52.56 -22.34
C GLY D 83 43.04 52.52 -21.54
N GLU D 84 42.05 53.31 -21.96
CA GLU D 84 40.81 53.46 -21.20
C GLU D 84 39.56 53.35 -22.08
N VAL D 85 38.51 52.76 -21.53
CA VAL D 85 37.18 52.72 -22.17
C VAL D 85 36.09 52.93 -21.12
N GLN D 86 34.93 53.41 -21.56
CA GLN D 86 33.76 53.58 -20.69
C GLN D 86 32.85 52.34 -20.66
N ASP D 87 31.78 52.38 -21.44
CA ASP D 87 30.80 51.30 -21.49
C ASP D 87 31.24 50.13 -22.38
N LEU D 88 30.98 48.91 -21.89
CA LEU D 88 31.35 47.71 -22.61
C LEU D 88 30.17 46.76 -22.72
N TYR D 89 29.76 46.46 -23.95
CA TYR D 89 28.69 45.49 -24.16
C TYR D 89 29.24 44.20 -24.72
N LEU D 90 28.93 43.10 -24.04
CA LEU D 90 29.06 41.78 -24.62
C LEU D 90 27.76 41.53 -25.39
N VAL D 91 27.88 41.13 -26.65
CA VAL D 91 26.70 41.05 -27.52
C VAL D 91 26.57 39.70 -28.22
N GLY D 92 25.57 38.91 -27.82
CA GLY D 92 25.29 37.62 -28.44
C GLY D 92 24.16 37.66 -29.45
N ARG D 93 24.42 37.08 -30.63
CA ARG D 93 23.40 36.93 -31.67
C ARG D 93 22.89 35.48 -31.70
N GLY D 94 22.54 34.96 -30.53
CA GLY D 94 21.90 33.65 -30.41
C GLY D 94 22.79 32.47 -30.77
N ASP D 95 23.93 32.35 -30.09
CA ASP D 95 24.83 31.23 -30.31
C ASP D 95 24.56 30.09 -29.32
N PRO D 96 24.06 28.95 -29.82
CA PRO D 96 23.81 27.77 -28.99
C PRO D 96 25.08 27.09 -28.51
N THR D 97 26.12 27.13 -29.32
CA THR D 97 27.36 26.40 -29.04
C THR D 97 28.45 27.30 -28.48
N LEU D 98 28.06 28.38 -27.82
CA LEU D 98 29.02 29.33 -27.33
C LEU D 98 29.59 28.89 -26.00
N SER D 99 30.87 28.50 -26.02
CA SER D 99 31.56 27.94 -24.85
C SER D 99 32.36 28.98 -24.07
N ALA D 100 32.38 28.83 -22.74
CA ALA D 100 33.10 29.72 -21.81
C ALA D 100 34.57 29.91 -22.18
N GLU D 101 35.09 28.96 -22.95
CA GLU D 101 36.43 29.02 -23.50
C GLU D 101 36.53 30.16 -24.51
N ASP D 102 35.45 30.38 -25.25
CA ASP D 102 35.39 31.46 -26.22
C ASP D 102 35.27 32.82 -25.55
N LEU D 103 34.72 32.84 -24.34
CA LEU D 103 34.62 34.06 -23.52
C LEU D 103 36.01 34.59 -23.10
N ASP D 104 36.98 33.70 -23.14
CA ASP D 104 38.36 34.01 -22.78
C ASP D 104 39.11 34.55 -24.00
N ALA D 105 38.91 33.91 -25.15
CA ALA D 105 39.56 34.28 -26.40
C ALA D 105 39.13 35.67 -26.89
N MET D 106 37.99 36.12 -26.41
CA MET D 106 37.51 37.46 -26.68
C MET D 106 38.12 38.43 -25.68
N ALA D 107 38.13 38.03 -24.42
CA ALA D 107 38.82 38.77 -23.37
C ALA D 107 40.29 38.89 -23.71
N ALA D 108 40.80 37.91 -24.47
CA ALA D 108 42.14 37.99 -25.07
C ALA D 108 42.18 39.08 -26.16
N GLU D 109 41.23 39.02 -27.09
CA GLU D 109 41.18 39.95 -28.23
C GLU D 109 40.92 41.40 -27.79
N VAL D 110 40.15 41.56 -26.72
CA VAL D 110 39.88 42.87 -26.12
C VAL D 110 41.14 43.44 -25.49
N ALA D 111 41.87 42.58 -24.76
CA ALA D 111 43.12 42.99 -24.12
C ALA D 111 44.14 43.45 -25.16
N ALA D 112 44.22 42.70 -26.25
CA ALA D 112 45.16 42.98 -27.33
C ALA D 112 44.59 43.99 -28.34
N SER D 113 44.01 45.06 -27.82
CA SER D 113 43.51 46.16 -28.64
C SER D 113 43.62 47.49 -27.89
N GLY D 114 44.30 47.45 -26.74
CA GLY D 114 44.60 48.66 -25.97
C GLY D 114 43.80 48.86 -24.69
N VAL D 115 42.88 47.95 -24.39
CA VAL D 115 42.07 48.06 -23.18
C VAL D 115 42.83 47.52 -21.96
N ARG D 116 42.89 48.32 -20.91
CA ARG D 116 43.69 48.00 -19.72
C ARG D 116 42.88 48.20 -18.43
N THR D 117 41.97 49.18 -18.47
CA THR D 117 41.04 49.45 -17.36
C THR D 117 39.71 49.90 -17.97
N VAL D 118 38.61 49.48 -17.36
CA VAL D 118 37.26 49.83 -17.83
C VAL D 118 36.59 50.76 -16.84
N ARG D 119 36.39 52.01 -17.26
CA ARG D 119 35.86 53.05 -16.39
C ARG D 119 34.35 52.90 -16.20
N GLY D 120 33.63 52.67 -17.30
CA GLY D 120 32.17 52.52 -17.25
C GLY D 120 31.75 51.13 -16.82
N ASP D 121 30.54 50.74 -17.21
CA ASP D 121 29.98 49.45 -16.81
C ASP D 121 30.03 48.41 -17.92
N LEU D 122 29.86 47.14 -17.53
CA LEU D 122 29.86 46.01 -18.46
C LEU D 122 28.45 45.44 -18.63
N TYR D 123 27.96 45.47 -19.86
CA TYR D 123 26.59 45.04 -20.15
C TYR D 123 26.51 43.81 -21.05
N ALA D 124 25.47 43.00 -20.81
CA ALA D 124 25.21 41.82 -21.61
C ALA D 124 24.01 42.08 -22.51
N ASP D 125 24.20 41.93 -23.82
CA ASP D 125 23.16 42.25 -24.79
C ASP D 125 22.64 41.06 -25.55
N ASP D 126 21.40 40.71 -25.26
CA ASP D 126 20.72 39.59 -25.91
C ASP D 126 19.41 40.05 -26.56
N THR D 127 19.31 41.35 -26.81
CA THR D 127 18.10 41.94 -27.41
C THR D 127 17.90 41.48 -28.85
N TRP D 128 18.71 40.52 -29.29
CA TRP D 128 18.54 39.87 -30.58
C TRP D 128 17.32 38.94 -30.55
N PHE D 129 17.05 38.36 -29.38
CA PHE D 129 15.80 37.65 -29.08
C PHE D 129 14.99 38.46 -28.08
N ASP D 130 13.71 38.09 -27.89
CA ASP D 130 12.88 38.71 -26.87
C ASP D 130 13.33 38.28 -25.47
N SER D 131 12.85 38.98 -24.45
CA SER D 131 13.26 38.71 -23.07
C SER D 131 12.30 37.77 -22.31
N GLU D 132 11.32 37.22 -23.02
CA GLU D 132 10.44 36.20 -22.45
C GLU D 132 11.22 34.89 -22.51
N ARG D 133 11.56 34.37 -21.33
CA ARG D 133 12.57 33.32 -21.21
C ARG D 133 12.03 31.90 -21.32
N LEU D 134 10.77 31.70 -20.90
CA LEU D 134 10.14 30.37 -20.88
C LEU D 134 8.79 30.41 -21.57
N VAL D 135 8.43 29.32 -22.25
CA VAL D 135 7.13 29.19 -22.89
C VAL D 135 6.02 29.12 -21.84
N ASP D 136 4.87 29.71 -22.14
CA ASP D 136 3.77 29.80 -21.19
C ASP D 136 3.42 28.48 -20.48
N ASP D 137 3.25 27.39 -21.23
CA ASP D 137 2.89 26.10 -20.61
C ASP D 137 4.09 25.14 -20.38
N TRP D 138 5.16 25.69 -19.80
CA TRP D 138 6.29 24.92 -19.31
C TRP D 138 6.19 24.84 -17.79
N TRP D 139 6.29 23.62 -17.25
CA TRP D 139 6.06 23.41 -15.82
C TRP D 139 7.11 24.14 -14.98
N PRO D 140 6.66 25.03 -14.09
CA PRO D 140 7.57 25.74 -13.19
C PRO D 140 8.42 24.80 -12.34
N GLU D 141 7.85 23.68 -11.91
CA GLU D 141 8.59 22.72 -11.09
C GLU D 141 9.69 21.98 -11.88
N ASP D 142 9.77 22.26 -13.18
CA ASP D 142 10.85 21.74 -14.04
C ASP D 142 11.99 22.73 -14.15
N GLU D 143 11.70 23.99 -13.83
CA GLU D 143 12.64 25.09 -14.06
C GLU D 143 14.13 24.81 -13.79
N PRO D 144 14.47 24.27 -12.59
CA PRO D 144 15.90 24.19 -12.26
C PRO D 144 16.72 23.25 -13.14
N TYR D 145 16.09 22.55 -14.09
CA TYR D 145 16.77 21.47 -14.80
C TYR D 145 17.19 21.81 -16.22
N ALA D 146 18.34 21.28 -16.63
CA ALA D 146 18.96 21.49 -17.95
C ALA D 146 17.98 21.77 -19.09
N TYR D 147 17.08 20.83 -19.33
CA TYR D 147 16.10 20.91 -20.42
C TYR D 147 15.14 22.10 -20.30
N SER D 148 15.21 22.80 -19.17
CA SER D 148 14.24 23.85 -18.84
C SER D 148 14.89 25.21 -18.61
N ALA D 149 16.15 25.33 -19.02
CA ALA D 149 16.89 26.59 -18.88
C ALA D 149 16.22 27.68 -19.71
N GLN D 150 16.37 28.92 -19.23
CA GLN D 150 15.78 30.10 -19.87
C GLN D 150 16.37 30.36 -21.26
N ILE D 151 15.56 30.92 -22.15
CA ILE D 151 15.95 31.12 -23.54
C ILE D 151 16.36 32.57 -23.82
N SER D 152 17.63 32.73 -24.18
CA SER D 152 18.25 34.04 -24.43
C SER D 152 19.10 34.00 -25.70
N ALA D 153 19.54 35.16 -26.16
CA ALA D 153 20.51 35.23 -27.25
C ALA D 153 21.90 35.04 -26.69
N LEU D 154 22.17 35.70 -25.55
CA LEU D 154 23.44 35.56 -24.88
C LEU D 154 23.31 34.49 -23.79
N THR D 155 23.95 33.34 -24.04
CA THR D 155 23.90 32.22 -23.11
C THR D 155 25.10 31.29 -23.31
N VAL D 156 25.75 30.95 -22.21
CA VAL D 156 26.93 30.08 -22.25
C VAL D 156 26.53 28.61 -22.28
N ALA D 157 27.14 27.86 -23.19
CA ALA D 157 26.91 26.42 -23.30
C ALA D 157 28.00 25.64 -22.57
N HIS D 158 27.56 24.71 -21.71
CA HIS D 158 28.46 23.88 -20.92
C HIS D 158 28.75 22.56 -21.61
N GLY D 159 29.99 22.10 -21.50
CA GLY D 159 30.42 20.80 -22.03
C GLY D 159 30.40 20.72 -23.53
N GLU D 160 30.92 19.62 -24.07
CA GLU D 160 30.96 19.41 -25.52
C GLU D 160 29.61 18.98 -26.09
N ARG D 161 28.61 18.87 -25.21
CA ARG D 161 27.21 18.65 -25.62
C ARG D 161 26.44 19.97 -25.66
N PHE D 162 27.12 21.05 -25.27
CA PHE D 162 26.59 22.42 -25.35
C PHE D 162 25.22 22.59 -24.69
N ASP D 163 25.18 22.36 -23.39
CA ASP D 163 23.97 22.57 -22.62
C ASP D 163 23.89 24.05 -22.21
N THR D 164 22.92 24.75 -22.80
CA THR D 164 22.75 26.18 -22.62
C THR D 164 22.11 26.55 -21.27
N GLY D 165 22.51 27.69 -20.73
CA GLY D 165 21.84 28.31 -19.60
C GLY D 165 22.10 27.71 -18.23
N VAL D 166 22.97 26.70 -18.17
CA VAL D 166 23.20 25.96 -16.93
C VAL D 166 24.63 26.08 -16.38
N THR D 167 24.77 25.81 -15.09
CA THR D 167 26.07 25.67 -14.46
C THR D 167 26.24 24.20 -14.04
N GLU D 168 27.41 23.86 -13.48
CA GLU D 168 27.66 22.52 -12.95
C GLU D 168 27.85 22.62 -11.45
N VAL D 169 27.00 21.93 -10.70
CA VAL D 169 27.06 21.96 -9.24
C VAL D 169 27.81 20.72 -8.73
N SER D 170 28.80 20.93 -7.88
CA SER D 170 29.56 19.81 -7.34
C SER D 170 29.33 19.77 -5.84
N VAL D 171 28.76 18.67 -5.37
CA VAL D 171 28.56 18.45 -3.94
C VAL D 171 29.48 17.30 -3.50
N THR D 172 30.46 17.62 -2.67
CA THR D 172 31.45 16.65 -2.21
C THR D 172 31.30 16.44 -0.70
N PRO D 173 31.11 15.18 -0.27
CA PRO D 173 30.91 14.84 1.13
C PRO D 173 32.15 15.11 1.97
N ALA D 174 31.96 15.43 3.25
CA ALA D 174 33.08 15.74 4.13
C ALA D 174 33.30 14.65 5.19
N ALA D 175 33.04 15.00 6.45
CA ALA D 175 33.10 14.05 7.56
C ALA D 175 31.84 14.20 8.41
N GLU D 176 31.29 13.06 8.84
CA GLU D 176 30.02 13.02 9.59
C GLU D 176 29.86 14.15 10.60
N GLY D 177 28.81 14.95 10.43
CA GLY D 177 28.52 16.07 11.32
C GLY D 177 28.84 17.42 10.72
N GLU D 178 29.83 17.43 9.82
CA GLU D 178 30.27 18.65 9.15
C GLU D 178 29.42 18.94 7.90
N PRO D 179 29.24 20.24 7.58
CA PRO D 179 28.64 20.66 6.32
C PRO D 179 29.28 20.00 5.09
N ALA D 180 28.46 19.76 4.07
CA ALA D 180 28.93 19.24 2.78
C ALA D 180 29.62 20.35 1.98
N ASP D 181 30.29 19.97 0.90
CA ASP D 181 31.00 20.96 0.08
C ASP D 181 30.34 21.18 -1.27
N VAL D 182 29.61 22.29 -1.36
CA VAL D 182 28.89 22.68 -2.57
C VAL D 182 29.77 23.57 -3.43
N ASP D 183 29.84 23.23 -4.71
CA ASP D 183 30.64 24.00 -5.67
C ASP D 183 29.79 24.38 -6.87
N LEU D 184 29.33 25.63 -6.88
CA LEU D 184 28.38 26.17 -7.86
C LEU D 184 28.90 26.22 -9.30
N GLY D 185 30.18 25.90 -9.49
CA GLY D 185 30.80 25.89 -10.81
C GLY D 185 30.95 27.26 -11.47
N ALA D 186 30.42 27.39 -12.69
CA ALA D 186 30.49 28.64 -13.44
C ALA D 186 29.64 29.74 -12.83
N ALA D 187 28.79 29.38 -11.87
CA ALA D 187 27.89 30.34 -11.22
C ALA D 187 28.43 30.88 -9.89
N GLU D 188 29.74 30.82 -9.72
CA GLU D 188 30.40 31.27 -8.49
C GLU D 188 30.52 32.79 -8.38
N GLY D 189 30.10 33.33 -7.24
CA GLY D 189 30.08 34.78 -7.03
C GLY D 189 28.95 35.44 -7.78
N TYR D 190 28.06 34.62 -8.36
CA TYR D 190 26.91 35.11 -9.11
C TYR D 190 25.62 34.60 -8.49
N ALA D 191 25.42 33.29 -8.54
CA ALA D 191 24.24 32.67 -7.94
C ALA D 191 24.41 32.62 -6.42
N GLU D 192 23.30 32.52 -5.71
CA GLU D 192 23.35 32.50 -4.25
C GLU D 192 23.55 31.09 -3.71
N LEU D 193 24.33 30.98 -2.62
CA LEU D 193 24.51 29.72 -1.95
C LEU D 193 23.61 29.61 -0.71
N ASP D 194 22.81 28.57 -0.68
CA ASP D 194 22.12 28.19 0.55
C ASP D 194 22.40 26.72 0.79
N ASN D 195 23.37 26.47 1.65
CA ASN D 195 23.78 25.11 1.96
C ASN D 195 23.54 24.75 3.42
N ARG D 196 22.78 23.67 3.62
CA ARG D 196 22.60 23.05 4.93
C ARG D 196 22.51 21.55 4.74
N ALA D 197 23.08 21.07 3.64
CA ALA D 197 23.32 19.66 3.45
C ALA D 197 24.44 19.28 4.41
N VAL D 198 24.22 18.23 5.17
CA VAL D 198 25.16 17.79 6.19
C VAL D 198 25.79 16.47 5.76
N THR D 199 26.99 16.16 6.28
CA THR D 199 27.64 14.88 6.02
C THR D 199 27.14 13.84 7.01
N GLY D 200 26.68 12.71 6.49
CA GLY D 200 26.21 11.61 7.33
C GLY D 200 27.27 10.52 7.51
N ALA D 201 26.89 9.48 8.25
CA ALA D 201 27.74 8.32 8.46
C ALA D 201 27.82 7.50 7.18
N ALA D 202 28.80 6.58 7.12
CA ALA D 202 29.01 5.74 5.95
C ALA D 202 27.82 4.82 5.63
N GLY D 203 27.36 4.87 4.38
CA GLY D 203 26.26 4.03 3.90
C GLY D 203 24.89 4.36 4.48
N SER D 204 24.77 5.57 5.01
CA SER D 204 23.50 6.05 5.58
C SER D 204 22.55 6.51 4.48
N ALA D 205 21.49 7.21 4.86
CA ALA D 205 20.49 7.72 3.93
C ALA D 205 21.04 8.80 3.01
N ASN D 206 21.04 8.53 1.71
CA ASN D 206 21.42 9.50 0.69
C ASN D 206 20.21 10.35 0.32
N THR D 207 20.08 11.51 0.97
CA THR D 207 18.93 12.40 0.79
C THR D 207 19.34 13.78 0.26
N LEU D 208 20.33 13.79 -0.64
CA LEU D 208 20.89 15.03 -1.16
C LEU D 208 20.00 15.69 -2.20
N VAL D 209 19.64 16.94 -1.96
CA VAL D 209 18.77 17.69 -2.86
C VAL D 209 19.40 19.01 -3.28
N ILE D 210 19.62 19.17 -4.59
CA ILE D 210 20.08 20.41 -5.18
C ILE D 210 18.88 21.05 -5.89
N ASP D 211 18.51 22.23 -5.47
CA ASP D 211 17.32 22.90 -6.03
C ASP D 211 17.57 24.37 -6.30
N ARG D 212 16.95 24.87 -7.38
CA ARG D 212 16.82 26.32 -7.58
C ARG D 212 15.38 26.71 -7.31
N PRO D 213 15.08 27.18 -6.08
CA PRO D 213 13.72 27.55 -5.67
C PRO D 213 13.03 28.48 -6.67
N VAL D 214 11.74 28.27 -6.87
CA VAL D 214 10.98 28.96 -7.92
C VAL D 214 11.14 30.47 -7.87
N GLY D 215 11.44 31.06 -9.02
CA GLY D 215 11.58 32.51 -9.16
C GLY D 215 12.74 33.14 -8.41
N THR D 216 13.85 32.40 -8.28
CA THR D 216 15.04 32.88 -7.59
C THR D 216 16.34 32.51 -8.30
N ASN D 217 17.44 33.10 -7.84
CA ASN D 217 18.78 32.70 -8.28
C ASN D 217 19.62 32.18 -7.12
N THR D 218 19.01 31.33 -6.31
CA THR D 218 19.64 30.70 -5.16
C THR D 218 19.76 29.22 -5.45
N ILE D 219 20.92 28.63 -5.14
CA ILE D 219 21.08 27.19 -5.20
C ILE D 219 21.02 26.62 -3.80
N ALA D 220 19.92 25.91 -3.53
CA ALA D 220 19.61 25.37 -2.21
C ALA D 220 19.99 23.91 -2.09
N VAL D 221 20.86 23.62 -1.14
CA VAL D 221 21.36 22.27 -0.90
C VAL D 221 20.85 21.76 0.44
N THR D 222 20.14 20.63 0.40
CA THR D 222 19.52 20.05 1.60
C THR D 222 19.78 18.55 1.71
N GLY D 223 19.66 18.04 2.93
CA GLY D 223 19.74 16.60 3.18
C GLY D 223 21.06 16.12 3.75
N SER D 224 21.32 14.83 3.56
CA SER D 224 22.51 14.18 4.11
C SER D 224 23.21 13.36 3.02
N LEU D 225 24.53 13.25 3.13
CA LEU D 225 25.34 12.48 2.19
C LEU D 225 26.40 11.68 2.94
N PRO D 226 26.43 10.35 2.73
CA PRO D 226 27.43 9.48 3.37
C PRO D 226 28.84 9.71 2.82
N ALA D 227 29.84 9.59 3.68
CA ALA D 227 31.22 9.85 3.30
C ALA D 227 31.69 8.92 2.16
N ASP D 228 31.32 7.65 2.24
CA ASP D 228 31.74 6.66 1.23
C ASP D 228 31.01 6.81 -0.12
N ALA D 229 30.07 7.76 -0.21
CA ALA D 229 29.45 8.08 -1.48
C ALA D 229 30.43 8.84 -2.37
N ALA D 230 30.41 8.51 -3.66
CA ALA D 230 31.20 9.23 -4.65
C ALA D 230 30.52 10.58 -4.93
N PRO D 231 31.32 11.67 -5.05
CA PRO D 231 30.79 13.04 -5.16
C PRO D 231 29.74 13.22 -6.25
N VAL D 232 28.75 14.06 -5.97
CA VAL D 232 27.61 14.28 -6.84
C VAL D 232 27.79 15.53 -7.70
N THR D 233 27.56 15.39 -9.01
CA THR D 233 27.62 16.53 -9.93
C THR D 233 26.42 16.56 -10.88
N ALA D 234 25.69 17.67 -10.87
CA ALA D 234 24.46 17.82 -11.67
C ALA D 234 24.34 19.22 -12.27
N LEU D 235 23.62 19.30 -13.40
CA LEU D 235 23.40 20.59 -14.07
C LEU D 235 22.15 21.30 -13.53
N ARG D 236 22.32 22.60 -13.24
CA ARG D 236 21.21 23.44 -12.76
C ARG D 236 21.15 24.75 -13.53
N THR D 237 19.94 25.27 -13.71
CA THR D 237 19.72 26.49 -14.46
C THR D 237 19.86 27.70 -13.54
N VAL D 238 20.22 28.85 -14.11
CA VAL D 238 20.31 30.13 -13.36
C VAL D 238 19.30 31.14 -13.90
N ASP D 239 18.97 32.14 -13.09
CA ASP D 239 18.07 33.20 -13.52
C ASP D 239 18.83 34.25 -14.34
N GLU D 240 18.53 34.29 -15.65
CA GLU D 240 19.18 35.18 -16.62
C GLU D 240 20.52 34.63 -17.14
N PRO D 241 20.47 33.77 -18.17
CA PRO D 241 21.63 33.18 -18.83
C PRO D 241 22.65 34.22 -19.28
N ALA D 242 22.16 35.30 -19.89
CA ALA D 242 23.00 36.43 -20.28
C ALA D 242 23.80 36.98 -19.10
N ALA D 243 23.10 37.37 -18.04
CA ALA D 243 23.76 37.98 -16.87
C ALA D 243 24.85 37.09 -16.31
N LEU D 244 24.69 35.77 -16.49
CA LEU D 244 25.75 34.81 -16.19
C LEU D 244 26.95 35.01 -17.14
N ALA D 245 26.68 35.06 -18.44
CA ALA D 245 27.70 35.33 -19.45
C ALA D 245 28.45 36.61 -19.14
N GLY D 246 27.71 37.66 -18.78
CA GLY D 246 28.28 38.90 -18.28
C GLY D 246 29.30 38.65 -17.18
N HIS D 247 28.81 38.13 -16.05
CA HIS D 247 29.67 37.76 -14.91
C HIS D 247 30.92 37.02 -15.35
N LEU D 248 30.77 36.10 -16.31
CA LEU D 248 31.88 35.27 -16.76
C LEU D 248 32.87 36.02 -17.65
N PHE D 249 32.40 37.08 -18.32
CA PHE D 249 33.30 37.93 -19.09
C PHE D 249 34.11 38.82 -18.15
N GLU D 250 33.43 39.38 -17.15
CA GLU D 250 34.07 40.06 -16.03
C GLU D 250 35.26 39.25 -15.49
N GLU D 251 35.02 37.95 -15.27
CA GLU D 251 36.06 37.04 -14.74
C GLU D 251 37.17 36.78 -15.74
N ALA D 252 36.83 36.78 -17.03
CA ALA D 252 37.79 36.54 -18.10
C ALA D 252 38.65 37.78 -18.36
N LEU D 253 38.04 38.96 -18.34
CA LEU D 253 38.76 40.22 -18.51
C LEU D 253 39.76 40.45 -17.38
N GLU D 254 39.32 40.19 -16.15
CA GLU D 254 40.16 40.32 -14.96
C GLU D 254 41.27 39.27 -14.97
N SER D 255 41.05 38.21 -15.75
CA SER D 255 42.04 37.16 -15.97
C SER D 255 42.86 37.44 -17.23
N ASN D 256 42.66 38.62 -17.82
CA ASN D 256 43.41 39.04 -19.00
C ASN D 256 44.01 40.44 -18.88
N GLY D 257 44.21 40.88 -17.63
CA GLY D 257 44.79 42.19 -17.34
C GLY D 257 43.76 43.31 -17.20
N VAL D 258 42.70 43.20 -17.99
CA VAL D 258 41.64 44.21 -18.04
C VAL D 258 40.88 44.33 -16.72
N THR D 259 41.19 45.36 -15.94
CA THR D 259 40.47 45.64 -14.70
C THR D 259 39.13 46.30 -15.04
N VAL D 260 38.05 45.80 -14.44
CA VAL D 260 36.72 46.41 -14.60
C VAL D 260 36.36 47.16 -13.32
N LYS D 261 36.22 48.48 -13.45
CA LYS D 261 35.89 49.35 -12.31
C LYS D 261 34.38 49.58 -12.22
N GLY D 262 33.64 49.01 -13.18
CA GLY D 262 32.18 49.14 -13.23
C GLY D 262 31.43 47.98 -12.61
N ASP D 263 30.36 47.54 -13.27
CA ASP D 263 29.50 46.49 -12.74
C ASP D 263 28.99 45.51 -13.79
N VAL D 264 28.64 44.30 -13.33
CA VAL D 264 27.94 43.31 -14.13
C VAL D 264 26.49 43.79 -14.29
N GLY D 265 25.95 43.70 -15.50
CA GLY D 265 24.58 44.15 -15.74
C GLY D 265 24.00 43.81 -17.11
N LEU D 266 22.68 43.94 -17.22
CA LEU D 266 21.98 43.72 -18.48
C LEU D 266 21.75 45.05 -19.18
N GLY D 267 21.91 45.05 -20.50
CA GLY D 267 21.74 46.26 -21.30
C GLY D 267 21.92 46.04 -22.78
N GLY D 268 21.30 46.91 -23.59
CA GLY D 268 21.38 46.81 -25.03
C GLY D 268 22.37 47.77 -25.66
N VAL D 269 22.65 47.55 -26.95
CA VAL D 269 23.45 48.47 -27.74
C VAL D 269 22.51 49.53 -28.32
N PRO D 270 22.56 50.76 -27.77
CA PRO D 270 21.55 51.77 -28.12
C PRO D 270 21.72 52.28 -29.55
N ALA D 271 20.62 52.72 -30.15
CA ALA D 271 20.67 53.32 -31.49
C ALA D 271 21.40 54.66 -31.45
N ASP D 272 21.59 55.19 -30.23
CA ASP D 272 22.36 56.41 -29.98
C ASP D 272 23.74 56.37 -30.62
N TRP D 273 24.49 55.32 -30.34
CA TRP D 273 25.87 55.16 -30.80
C TRP D 273 25.94 55.05 -32.32
N GLN D 274 26.64 55.99 -32.94
CA GLN D 274 26.63 56.16 -34.39
C GLN D 274 27.43 55.08 -35.12
N ASP D 275 28.68 54.88 -34.70
CA ASP D 275 29.49 53.77 -35.21
C ASP D 275 30.42 53.25 -34.11
N ALA D 276 30.00 52.15 -33.49
CA ALA D 276 30.75 51.53 -32.42
C ALA D 276 31.88 50.67 -32.96
N GLU D 277 33.08 50.88 -32.40
CA GLU D 277 34.24 50.06 -32.73
C GLU D 277 34.05 48.67 -32.11
N VAL D 278 33.86 47.67 -32.95
CA VAL D 278 33.71 46.29 -32.49
C VAL D 278 35.08 45.65 -32.34
N LEU D 279 35.52 45.53 -31.10
CA LEU D 279 36.83 44.99 -30.76
C LEU D 279 36.88 43.48 -31.07
N ALA D 280 36.34 42.69 -30.15
CA ALA D 280 36.38 41.24 -30.26
C ALA D 280 35.03 40.66 -30.72
N ASP D 281 35.09 39.45 -31.26
CA ASP D 281 33.90 38.70 -31.66
C ASP D 281 34.20 37.22 -31.91
N HIS D 282 33.15 36.40 -31.87
CA HIS D 282 33.27 34.96 -32.12
C HIS D 282 32.35 34.50 -33.26
N THR D 283 32.70 33.37 -33.87
CA THR D 283 31.83 32.71 -34.83
C THR D 283 31.60 31.25 -34.39
N SER D 284 30.35 30.81 -34.43
CA SER D 284 30.03 29.44 -34.06
C SER D 284 30.42 28.48 -35.19
N ALA D 285 30.27 27.19 -34.92
CA ALA D 285 30.28 26.18 -35.97
C ALA D 285 29.09 26.44 -36.88
N GLU D 286 29.14 25.95 -38.11
CA GLU D 286 28.01 26.09 -39.02
C GLU D 286 26.82 25.29 -38.49
N LEU D 287 25.62 25.57 -39.02
CA LEU D 287 24.39 24.95 -38.52
C LEU D 287 24.45 23.42 -38.53
N SER D 288 25.03 22.87 -39.59
CA SER D 288 25.10 21.41 -39.78
C SER D 288 25.93 20.67 -38.74
N GLU D 289 26.82 21.41 -38.07
CA GLU D 289 27.61 20.85 -36.96
C GLU D 289 26.89 21.02 -35.63
N ILE D 290 26.11 22.10 -35.52
CA ILE D 290 25.25 22.33 -34.37
C ILE D 290 24.11 21.32 -34.34
N LEU D 291 23.67 20.89 -35.52
CA LEU D 291 22.62 19.89 -35.64
C LEU D 291 22.87 18.64 -34.81
N VAL D 292 24.13 18.24 -34.72
CA VAL D 292 24.52 17.01 -34.03
C VAL D 292 24.23 17.04 -32.51
N PRO D 293 24.92 17.92 -31.74
CA PRO D 293 24.69 17.93 -30.29
C PRO D 293 23.26 18.24 -29.93
N PHE D 294 22.57 18.92 -30.84
CA PHE D 294 21.18 19.31 -30.68
C PHE D 294 20.23 18.16 -30.97
N MET D 295 20.46 17.45 -32.06
CA MET D 295 19.56 16.37 -32.49
C MET D 295 19.85 15.02 -31.84
N LYS D 296 21.13 14.72 -31.59
CA LYS D 296 21.50 13.48 -30.92
C LYS D 296 20.88 13.48 -29.54
N PHE D 297 21.25 14.49 -28.76
CA PHE D 297 20.90 14.56 -27.34
C PHE D 297 19.63 15.40 -27.03
N SER D 298 18.76 15.57 -28.03
CA SER D 298 17.53 16.36 -27.87
C SER D 298 17.76 17.58 -26.97
N ASN D 299 18.59 18.50 -27.43
CA ASN D 299 18.84 19.75 -26.72
C ASN D 299 17.63 20.68 -26.81
N ASN D 300 16.97 20.86 -25.66
CA ASN D 300 15.81 21.76 -25.58
C ASN D 300 16.16 23.20 -25.85
N GLY D 301 17.19 23.68 -25.15
CA GLY D 301 17.70 25.03 -25.32
C GLY D 301 18.00 25.40 -26.77
N HIS D 302 18.65 24.50 -27.50
CA HIS D 302 19.00 24.75 -28.89
C HIS D 302 17.73 24.92 -29.71
N ALA D 303 16.85 23.93 -29.68
CA ALA D 303 15.58 23.98 -30.41
C ALA D 303 14.93 25.35 -30.26
N GLU D 304 14.82 25.81 -29.01
CA GLU D 304 14.17 27.08 -28.69
C GLU D 304 14.95 28.29 -29.17
N MET D 305 16.28 28.20 -29.11
CA MET D 305 17.16 29.27 -29.58
C MET D 305 17.24 29.29 -31.10
N LEU D 306 16.78 28.22 -31.73
CA LEU D 306 16.76 28.13 -33.19
C LEU D 306 15.48 28.74 -33.74
N VAL D 307 14.42 28.71 -32.94
CA VAL D 307 13.10 29.19 -33.36
C VAL D 307 13.06 30.71 -33.49
N LYS D 308 13.42 31.39 -32.41
CA LYS D 308 13.54 32.85 -32.39
C LYS D 308 14.48 33.34 -33.50
N SER D 309 15.49 32.53 -33.82
CA SER D 309 16.41 32.82 -34.91
C SER D 309 15.76 32.61 -36.26
N ILE D 310 14.80 31.68 -36.33
CA ILE D 310 13.99 31.47 -37.54
C ILE D 310 13.08 32.68 -37.74
N GLY D 311 12.66 33.29 -36.63
CA GLY D 311 11.91 34.53 -36.66
C GLY D 311 12.71 35.63 -37.30
N GLN D 312 13.77 36.08 -36.61
CA GLN D 312 14.65 37.15 -37.08
C GLN D 312 14.89 37.12 -38.59
N GLU D 313 15.29 35.97 -39.11
CA GLU D 313 15.74 35.86 -40.50
C GLU D 313 14.66 36.21 -41.52
N THR D 314 13.46 35.64 -41.35
CA THR D 314 12.38 35.79 -42.33
C THR D 314 11.22 36.67 -41.87
N ALA D 315 11.23 36.99 -40.58
CA ALA D 315 10.21 37.85 -39.99
C ALA D 315 10.81 39.18 -39.55
N GLY D 316 11.93 39.13 -38.82
CA GLY D 316 12.54 40.32 -38.26
C GLY D 316 12.33 40.43 -36.75
N ALA D 317 12.13 39.26 -36.12
CA ALA D 317 11.89 39.17 -34.67
C ALA D 317 12.44 37.89 -34.08
N GLY D 318 13.23 38.04 -33.01
CA GLY D 318 13.69 36.90 -32.21
C GLY D 318 12.64 36.56 -31.18
N THR D 319 11.52 35.99 -31.64
CA THR D 319 10.38 35.80 -30.76
C THR D 319 9.61 34.52 -31.09
N TRP D 320 9.03 33.90 -30.06
CA TRP D 320 8.31 32.63 -30.22
C TRP D 320 7.14 32.73 -31.18
N ASP D 321 6.29 33.73 -30.98
CA ASP D 321 5.13 33.94 -31.84
C ASP D 321 5.52 34.10 -33.31
N ALA D 322 6.67 34.74 -33.55
CA ALA D 322 7.19 34.92 -34.91
C ALA D 322 7.84 33.65 -35.44
N GLY D 323 8.59 32.96 -34.57
CA GLY D 323 9.29 31.73 -34.94
C GLY D 323 8.39 30.60 -35.39
N LEU D 324 7.30 30.38 -34.68
CA LEU D 324 6.37 29.30 -35.00
C LEU D 324 5.73 29.51 -36.36
N VAL D 325 5.39 30.75 -36.67
CA VAL D 325 4.88 31.09 -38.00
C VAL D 325 5.93 30.74 -39.05
N GLY D 326 7.18 31.10 -38.77
CA GLY D 326 8.31 30.80 -39.65
C GLY D 326 8.49 29.31 -39.89
N VAL D 327 8.42 28.52 -38.82
CA VAL D 327 8.50 27.07 -38.92
C VAL D 327 7.34 26.53 -39.76
N GLU D 328 6.11 26.92 -39.41
CA GLU D 328 4.93 26.49 -40.15
C GLU D 328 5.09 26.80 -41.63
N GLU D 329 5.42 28.04 -41.95
CA GLU D 329 5.65 28.46 -43.33
C GLU D 329 6.78 27.65 -43.97
N ALA D 330 7.90 27.51 -43.25
CA ALA D 330 9.07 26.82 -43.78
C ALA D 330 8.77 25.39 -44.20
N LEU D 331 8.00 24.69 -43.36
CA LEU D 331 7.56 23.34 -43.63
C LEU D 331 6.56 23.33 -44.77
N SER D 332 5.65 24.30 -44.77
CA SER D 332 4.71 24.47 -45.87
C SER D 332 5.52 24.64 -47.14
N GLY D 333 6.50 25.54 -47.08
CA GLY D 333 7.40 25.83 -48.20
C GLY D 333 8.19 24.62 -48.65
N LEU D 334 8.47 23.72 -47.71
CA LEU D 334 9.13 22.45 -48.02
C LEU D 334 8.14 21.47 -48.67
N GLY D 335 6.86 21.73 -48.47
CA GLY D 335 5.81 20.87 -49.01
C GLY D 335 5.41 19.83 -47.99
N VAL D 336 4.94 20.31 -46.84
CA VAL D 336 4.43 19.43 -45.77
C VAL D 336 3.05 19.91 -45.35
N ASP D 337 2.07 19.01 -45.43
CA ASP D 337 0.70 19.34 -45.05
C ASP D 337 0.60 19.66 -43.55
N THR D 338 0.59 20.94 -43.25
CA THR D 338 0.61 21.43 -41.87
C THR D 338 -0.75 21.33 -41.14
N ALA D 339 -1.77 20.81 -41.82
CA ALA D 339 -3.13 20.72 -41.26
C ALA D 339 -3.17 20.05 -39.89
N GLY D 340 -2.35 19.03 -39.69
CA GLY D 340 -2.32 18.30 -38.43
C GLY D 340 -1.44 18.88 -37.34
N LEU D 341 -0.72 19.95 -37.66
CA LEU D 341 0.23 20.53 -36.70
C LEU D 341 -0.35 21.63 -35.82
N VAL D 342 -0.02 21.56 -34.55
CA VAL D 342 -0.21 22.67 -33.62
C VAL D 342 1.12 22.81 -32.90
N LEU D 343 1.70 23.99 -32.98
CA LEU D 343 3.06 24.18 -32.51
C LEU D 343 3.18 25.31 -31.50
N ASN D 344 3.58 24.95 -30.28
CA ASN D 344 3.72 25.89 -29.18
C ASN D 344 5.18 26.16 -28.83
N ASP D 345 6.08 25.25 -29.21
CA ASP D 345 7.51 25.54 -29.16
C ASP D 345 8.33 24.76 -30.19
N GLY D 346 9.65 24.91 -30.10
CA GLY D 346 10.55 24.25 -31.03
C GLY D 346 11.03 22.91 -30.54
N SER D 347 11.12 22.77 -29.21
CA SER D 347 11.63 21.55 -28.59
C SER D 347 10.64 20.39 -28.59
N GLY D 348 9.38 20.69 -28.30
CA GLY D 348 8.38 19.66 -28.03
C GLY D 348 8.09 19.58 -26.54
N LEU D 349 8.90 20.26 -25.74
CA LEU D 349 8.75 20.33 -24.28
C LEU D 349 7.38 20.85 -23.86
N SER D 350 6.73 21.63 -24.73
CA SER D 350 5.38 22.15 -24.46
C SER D 350 4.30 21.08 -24.58
N ARG D 351 3.40 21.06 -23.60
CA ARG D 351 2.23 20.19 -23.63
C ARG D 351 1.19 20.67 -24.66
N GLY D 352 1.32 21.94 -25.09
CA GLY D 352 0.44 22.53 -26.09
C GLY D 352 0.80 22.16 -27.53
N ASN D 353 1.75 21.25 -27.68
CA ASN D 353 2.19 20.78 -28.98
C ASN D 353 1.35 19.61 -29.47
N LEU D 354 1.06 19.60 -30.76
CA LEU D 354 0.32 18.48 -31.35
C LEU D 354 0.88 18.10 -32.71
N VAL D 355 1.04 16.79 -32.93
CA VAL D 355 1.47 16.24 -34.23
C VAL D 355 0.64 15.02 -34.62
N THR D 356 0.60 14.71 -35.92
CA THR D 356 -0.02 13.49 -36.41
C THR D 356 1.04 12.64 -37.10
N ALA D 357 1.06 11.36 -36.78
CA ALA D 357 2.07 10.43 -37.30
C ALA D 357 2.10 10.33 -38.83
N ASP D 358 1.03 10.78 -39.48
CA ASP D 358 1.04 10.91 -40.93
C ASP D 358 1.93 12.06 -41.37
N THR D 359 1.89 13.15 -40.60
CA THR D 359 2.71 14.34 -40.85
C THR D 359 4.20 14.03 -40.75
N VAL D 360 4.60 13.38 -39.66
CA VAL D 360 6.01 13.04 -39.43
C VAL D 360 6.54 12.25 -40.62
N VAL D 361 5.79 11.23 -41.03
CA VAL D 361 6.06 10.46 -42.24
C VAL D 361 6.31 11.36 -43.46
N ASP D 362 5.48 12.38 -43.62
CA ASP D 362 5.61 13.33 -44.72
C ASP D 362 6.88 14.16 -44.56
N LEU D 363 7.10 14.70 -43.36
CA LEU D 363 8.29 15.49 -43.05
C LEU D 363 9.58 14.75 -43.38
N LEU D 364 9.62 13.48 -43.00
CA LEU D 364 10.81 12.65 -43.22
C LEU D 364 10.97 12.30 -44.69
N GLY D 365 9.85 12.03 -45.36
CA GLY D 365 9.85 11.78 -46.80
C GLY D 365 10.51 12.92 -47.55
N GLN D 366 10.00 14.14 -47.35
CA GLN D 366 10.50 15.33 -48.04
C GLN D 366 11.95 15.62 -47.68
N ALA D 367 12.24 15.61 -46.37
CA ALA D 367 13.54 15.97 -45.84
C ALA D 367 14.69 15.27 -46.59
N GLY D 368 14.57 13.96 -46.76
CA GLY D 368 15.61 13.16 -47.40
C GLY D 368 15.79 13.32 -48.91
N SER D 369 14.84 14.01 -49.54
CA SER D 369 14.84 14.18 -51.00
C SER D 369 15.18 15.60 -51.44
N ALA D 370 15.60 16.42 -50.48
CA ALA D 370 15.93 17.82 -50.72
C ALA D 370 17.45 18.06 -50.49
N PRO D 371 17.94 19.33 -50.64
CA PRO D 371 19.36 19.67 -50.42
C PRO D 371 20.01 19.10 -49.15
N TRP D 372 19.68 19.66 -47.98
CA TRP D 372 20.36 19.30 -46.72
C TRP D 372 20.08 17.88 -46.17
N ALA D 373 19.61 16.99 -47.04
CA ALA D 373 19.22 15.62 -46.70
C ALA D 373 20.31 14.80 -46.02
N GLN D 374 21.56 15.09 -46.34
CA GLN D 374 22.69 14.33 -45.79
C GLN D 374 23.04 14.76 -44.38
N THR D 375 23.08 16.06 -44.13
CA THR D 375 23.36 16.58 -42.79
C THR D 375 22.15 16.41 -41.87
N TRP D 376 20.99 16.21 -42.50
CA TRP D 376 19.73 15.94 -41.81
C TRP D 376 19.78 14.59 -41.11
N SER D 377 19.91 13.52 -41.89
CA SER D 377 19.89 12.16 -41.36
C SER D 377 21.08 11.90 -40.45
N ALA D 378 22.22 12.52 -40.77
CA ALA D 378 23.42 12.42 -39.95
C ALA D 378 23.23 12.99 -38.54
N SER D 379 22.31 13.93 -38.40
CA SER D 379 22.02 14.53 -37.09
C SER D 379 21.22 13.57 -36.21
N LEU D 380 20.44 12.70 -36.85
CA LEU D 380 19.60 11.72 -36.14
C LEU D 380 20.42 10.68 -35.40
N PRO D 381 20.09 10.47 -34.11
CA PRO D 381 20.60 9.36 -33.30
C PRO D 381 20.61 8.03 -34.07
N VAL D 382 21.67 7.26 -33.86
CA VAL D 382 21.83 5.97 -34.53
C VAL D 382 21.62 4.86 -33.50
N ALA D 383 20.75 3.90 -33.83
CA ALA D 383 20.29 2.87 -32.88
C ALA D 383 21.41 1.98 -32.35
N GLY D 384 21.62 2.06 -31.04
CA GLY D 384 22.55 1.18 -30.35
C GLY D 384 24.00 1.33 -30.77
N GLU D 385 24.50 2.57 -30.70
CA GLU D 385 25.92 2.86 -30.92
C GLU D 385 26.54 3.48 -29.67
N SER D 386 27.60 2.84 -29.17
CA SER D 386 28.25 3.22 -27.92
C SER D 386 28.58 4.70 -27.82
N ASP D 387 29.34 5.21 -28.79
CA ASP D 387 29.78 6.60 -28.84
C ASP D 387 28.56 7.52 -28.85
N PRO D 388 28.35 8.28 -27.75
CA PRO D 388 27.17 9.13 -27.57
C PRO D 388 26.92 10.09 -28.72
N PHE D 389 27.98 10.62 -29.32
CA PHE D 389 27.84 11.53 -30.46
C PHE D 389 27.42 10.84 -31.76
N VAL D 390 27.18 9.53 -31.69
CA VAL D 390 26.64 8.75 -32.81
C VAL D 390 25.30 8.15 -32.40
N GLY D 391 25.28 7.47 -31.26
CA GLY D 391 24.06 6.83 -30.76
C GLY D 391 23.08 7.80 -30.13
N GLY D 392 23.62 8.79 -29.42
CA GLY D 392 22.82 9.79 -28.73
C GLY D 392 22.04 9.21 -27.58
N THR D 393 20.73 9.41 -27.62
CA THR D 393 19.81 8.89 -26.64
C THR D 393 19.41 7.46 -26.98
N LEU D 394 19.56 7.10 -28.25
CA LEU D 394 19.38 5.71 -28.71
C LEU D 394 20.60 4.84 -28.39
N ALA D 395 21.63 5.46 -27.83
CA ALA D 395 22.92 4.81 -27.54
C ALA D 395 22.77 3.48 -26.78
N ASN D 396 22.11 3.52 -25.62
CA ASN D 396 21.92 2.35 -24.76
C ASN D 396 20.63 1.60 -25.11
N ARG D 397 20.33 1.52 -26.40
CA ARG D 397 19.06 0.92 -26.88
C ARG D 397 19.25 0.16 -28.18
N MET D 398 18.44 -0.86 -28.38
CA MET D 398 18.46 -1.70 -29.58
C MET D 398 19.84 -2.30 -29.85
N ARG D 399 20.70 -2.31 -28.84
CA ARG D 399 22.03 -2.90 -28.92
C ARG D 399 21.96 -4.34 -29.44
N GLY D 400 23.04 -4.79 -30.09
CA GLY D 400 23.17 -6.17 -30.55
C GLY D 400 21.92 -6.75 -31.18
N THR D 401 21.24 -5.96 -31.99
CA THR D 401 20.07 -6.42 -32.74
C THR D 401 20.18 -5.98 -34.20
N ALA D 402 19.27 -6.49 -35.04
CA ALA D 402 19.25 -6.14 -36.45
C ALA D 402 19.04 -4.63 -36.66
N ALA D 403 18.92 -3.91 -35.55
CA ALA D 403 18.79 -2.46 -35.56
C ALA D 403 20.13 -1.76 -35.26
N GLU D 404 21.10 -2.51 -34.72
CA GLU D 404 22.40 -1.95 -34.32
C GLU D 404 23.10 -1.23 -35.46
N GLY D 405 23.31 0.08 -35.28
CA GLY D 405 23.99 0.91 -36.27
C GLY D 405 23.20 1.16 -37.55
N VAL D 406 22.06 0.48 -37.70
CA VAL D 406 21.29 0.50 -38.93
C VAL D 406 20.22 1.61 -38.95
N VAL D 407 19.43 1.69 -37.88
CA VAL D 407 18.30 2.61 -37.83
C VAL D 407 18.72 3.99 -37.32
N GLU D 408 18.49 5.00 -38.16
CA GLU D 408 18.58 6.39 -37.75
C GLU D 408 17.18 6.85 -37.38
N ALA D 409 17.01 7.31 -36.15
CA ALA D 409 15.69 7.71 -35.66
C ALA D 409 15.76 8.66 -34.48
N LYS D 410 14.64 9.35 -34.24
CA LYS D 410 14.56 10.42 -33.26
C LYS D 410 13.53 10.06 -32.20
N THR D 411 13.89 10.30 -30.93
CA THR D 411 13.05 9.92 -29.78
C THR D 411 12.36 11.10 -29.11
N GLY D 412 11.17 10.85 -28.58
CA GLY D 412 10.44 11.84 -27.79
C GLY D 412 10.01 11.23 -26.47
N THR D 413 10.28 11.93 -25.37
CA THR D 413 9.99 11.41 -24.05
C THR D 413 9.61 12.45 -22.98
N MET D 414 8.45 12.19 -22.35
CA MET D 414 8.06 12.75 -21.05
C MET D 414 6.82 12.00 -20.56
N SER D 415 6.35 12.31 -19.35
CA SER D 415 5.20 11.61 -18.77
C SER D 415 4.06 11.40 -19.75
N GLY D 416 3.69 10.14 -19.93
CA GLY D 416 2.54 9.78 -20.76
C GLY D 416 2.72 10.02 -22.26
N VAL D 417 3.91 10.43 -22.65
CA VAL D 417 4.22 10.67 -24.06
C VAL D 417 5.56 10.06 -24.47
N SER D 418 5.52 9.20 -25.48
CA SER D 418 6.72 8.58 -26.01
C SER D 418 6.65 8.53 -27.53
N ALA D 419 7.80 8.73 -28.17
CA ALA D 419 7.83 8.77 -29.63
C ALA D 419 9.16 8.31 -30.18
N LEU D 420 9.12 7.75 -31.40
CA LEU D 420 10.33 7.35 -32.13
C LEU D 420 10.04 7.22 -33.62
N SER D 421 10.79 7.97 -34.41
CA SER D 421 10.57 8.04 -35.85
C SER D 421 11.86 8.35 -36.57
N GLY D 422 12.04 7.75 -37.74
CA GLY D 422 13.25 7.95 -38.53
C GLY D 422 13.29 7.06 -39.76
N TYR D 423 14.49 6.65 -40.13
CA TYR D 423 14.70 5.84 -41.33
C TYR D 423 15.36 4.51 -41.06
N VAL D 424 14.96 3.51 -41.85
CA VAL D 424 15.61 2.22 -41.88
C VAL D 424 16.13 1.99 -43.30
N PRO D 425 17.40 2.33 -43.56
CA PRO D 425 18.05 2.08 -44.85
C PRO D 425 18.31 0.58 -45.10
N GLY D 426 18.86 0.24 -46.26
CA GLY D 426 19.12 -1.15 -46.63
C GLY D 426 18.76 -1.45 -48.08
N PRO D 427 19.25 -2.61 -48.60
CA PRO D 427 19.08 -3.00 -50.00
C PRO D 427 17.69 -2.74 -50.59
N GLU D 428 16.65 -3.25 -49.93
CA GLU D 428 15.27 -3.12 -50.44
C GLU D 428 14.59 -1.79 -50.08
N GLY D 429 15.18 -0.69 -50.56
CA GLY D 429 14.65 0.66 -50.35
C GLY D 429 14.82 1.19 -48.95
N GLU D 430 14.81 2.51 -48.80
CA GLU D 430 14.84 3.16 -47.49
C GLU D 430 13.44 3.14 -46.88
N LEU D 431 13.37 2.89 -45.58
CA LEU D 431 12.09 2.85 -44.88
C LEU D 431 11.95 4.03 -43.92
N ALA D 432 10.86 4.79 -44.08
CA ALA D 432 10.57 5.92 -43.20
C ALA D 432 9.37 5.56 -42.32
N PHE D 433 9.49 5.79 -41.03
CA PHE D 433 8.49 5.36 -40.07
C PHE D 433 8.30 6.37 -38.95
N SER D 434 7.11 6.36 -38.35
CA SER D 434 6.81 7.16 -37.17
C SER D 434 6.05 6.35 -36.12
N ILE D 435 6.45 6.49 -34.86
CA ILE D 435 5.79 5.80 -33.75
C ILE D 435 5.58 6.78 -32.58
N VAL D 436 4.32 7.04 -32.26
CA VAL D 436 3.95 8.02 -31.24
C VAL D 436 2.99 7.40 -30.21
N ASN D 437 3.34 7.50 -28.94
CA ASN D 437 2.57 6.90 -27.85
C ASN D 437 2.06 7.93 -26.85
N ASN D 438 0.76 7.88 -26.57
CA ASN D 438 0.13 8.81 -25.62
C ASN D 438 -0.74 8.07 -24.62
N GLY D 439 -0.61 8.42 -23.35
CA GLY D 439 -1.56 7.97 -22.32
C GLY D 439 -1.13 6.86 -21.38
N HIS D 440 -0.16 6.04 -21.80
CA HIS D 440 0.31 4.89 -21.01
C HIS D 440 0.62 5.24 -19.55
N SER D 441 0.30 4.33 -18.65
CA SER D 441 0.39 4.57 -17.20
C SER D 441 1.60 3.90 -16.52
N GLY D 442 2.69 3.77 -17.27
CA GLY D 442 3.91 3.17 -16.74
C GLY D 442 5.14 3.50 -17.57
N PRO D 443 6.03 2.51 -17.77
CA PRO D 443 7.25 2.71 -18.57
C PRO D 443 6.90 3.01 -20.02
N ALA D 444 7.65 3.93 -20.63
CA ALA D 444 7.44 4.26 -22.03
C ALA D 444 7.71 3.01 -22.87
N PRO D 445 6.80 2.71 -23.82
CA PRO D 445 6.89 1.54 -24.71
C PRO D 445 8.12 1.54 -25.64
N LEU D 446 9.29 1.83 -25.08
CA LEU D 446 10.53 1.86 -25.84
C LEU D 446 10.80 0.51 -26.48
N ALA D 447 10.71 -0.54 -25.67
CA ALA D 447 10.91 -1.93 -26.14
C ALA D 447 9.93 -2.31 -27.25
N VAL D 448 8.74 -1.70 -27.22
CA VAL D 448 7.73 -1.88 -28.25
C VAL D 448 8.17 -1.18 -29.53
N GLN D 449 8.56 0.09 -29.42
CA GLN D 449 9.11 0.84 -30.54
C GLN D 449 10.30 0.09 -31.10
N ASP D 450 11.20 -0.32 -30.21
CA ASP D 450 12.37 -1.13 -30.56
C ASP D 450 11.94 -2.27 -31.46
N ALA D 451 11.12 -3.17 -30.91
CA ALA D 451 10.67 -4.36 -31.63
C ALA D 451 10.17 -4.05 -33.05
N ILE D 452 9.30 -3.05 -33.18
CA ILE D 452 8.81 -2.63 -34.49
C ILE D 452 9.98 -2.19 -35.36
N ALA D 453 10.76 -1.24 -34.87
CA ALA D 453 11.94 -0.74 -35.56
C ALA D 453 12.88 -1.89 -35.95
N VAL D 454 13.12 -2.79 -34.99
CA VAL D 454 13.98 -3.95 -35.20
C VAL D 454 13.42 -4.88 -36.28
N ARG D 455 12.10 -5.08 -36.27
CA ARG D 455 11.45 -5.92 -37.28
C ARG D 455 11.42 -5.22 -38.64
N LEU D 456 11.24 -3.90 -38.62
CA LEU D 456 11.34 -3.09 -39.82
C LEU D 456 12.74 -3.24 -40.41
N ALA D 457 13.75 -3.14 -39.54
CA ALA D 457 15.14 -3.32 -39.91
C ALA D 457 15.40 -4.70 -40.50
N GLU D 458 14.57 -5.67 -40.11
CA GLU D 458 14.68 -7.02 -40.65
C GLU D 458 13.97 -7.16 -42.01
N TYR D 459 13.06 -6.25 -42.30
CA TYR D 459 12.42 -6.20 -43.61
C TYR D 459 13.37 -5.57 -44.62
N ALA D 460 14.16 -4.61 -44.15
CA ALA D 460 15.12 -3.88 -44.98
C ALA D 460 16.30 -4.75 -45.43
N GLY D 461 16.51 -5.88 -44.75
CA GLY D 461 17.56 -6.83 -45.10
C GLY D 461 18.77 -6.80 -44.17
N HIS D 462 18.51 -6.90 -42.87
CA HIS D 462 19.56 -6.87 -41.84
C HIS D 462 19.46 -8.02 -40.85
N GLN D 463 20.61 -8.52 -40.40
CA GLN D 463 20.67 -9.62 -39.44
C GLN D 463 21.14 -9.15 -38.06
N ALA D 464 20.80 -9.91 -37.03
CA ALA D 464 21.31 -9.64 -35.69
C ALA D 464 22.68 -10.31 -35.49
N PRO D 465 23.71 -9.51 -35.12
CA PRO D 465 25.06 -10.01 -34.86
C PRO D 465 25.18 -10.82 -33.55
N GLU D 466 26.06 -11.81 -33.55
CA GLU D 466 26.30 -12.64 -32.36
C GLU D 466 27.70 -12.45 -31.80
O6 EWB E . -17.50 -25.79 3.57
C5 EWB E . -16.87 -25.22 2.68
N4 EWB E . -16.84 -25.68 1.42
C3 EWB E . -17.57 -26.91 1.09
C16 EWB E . -16.59 -28.05 1.29
B EWB E . -18.16 -26.92 -0.40
O1 EWB E . -17.08 -26.43 -1.39
O2 EWB E . -19.39 -26.01 -0.45
C7 EWB E . -16.10 -24.00 3.04
C8 EWB E . -16.73 -22.82 3.44
C11 EWB E . -15.95 -21.71 3.77
C12 EWB E . -14.56 -21.79 3.70
C13 EWB E . -13.93 -22.98 3.30
C14 EWB E . -14.71 -24.07 2.97
C9 EWB E . -18.25 -22.71 3.54
C17 EWB E . -18.95 -22.61 2.19
C22 EWB E . -20.28 -23.04 2.11
C21 EWB E . -20.96 -22.95 0.90
C20 EWB E . -20.31 -22.42 -0.22
C19 EWB E . -18.99 -21.97 -0.14
C18 EWB E . -18.32 -22.07 1.08
S SO4 F . -41.21 -40.19 15.84
O1 SO4 F . -40.44 -40.19 14.59
O2 SO4 F . -41.55 -41.58 16.15
O3 SO4 F . -42.42 -39.40 15.65
O4 SO4 F . -40.42 -39.64 16.96
S SO4 G . -21.09 -16.01 10.76
O1 SO4 G . -21.22 -17.25 11.54
O2 SO4 G . -21.83 -14.94 11.45
O3 SO4 G . -21.66 -16.21 9.43
O4 SO4 G . -19.68 -15.67 10.63
S SO4 H . -9.92 -35.47 16.49
O1 SO4 H . -10.22 -35.08 15.10
O2 SO4 H . -10.75 -36.56 16.99
O3 SO4 H . -10.17 -34.30 17.37
O4 SO4 H . -8.51 -35.90 16.50
S SO4 I . -32.61 -21.98 9.53
O1 SO4 I . -33.00 -21.44 8.23
O2 SO4 I . -33.79 -22.05 10.40
O3 SO4 I . -31.59 -21.11 10.09
O4 SO4 I . -32.06 -23.32 9.37
CO CO J . -28.36 -25.06 28.85
CO CO K . -36.78 -22.28 -19.75
O6 EWB L . 8.59 -8.23 13.15
C5 EWB L . 7.47 -7.92 13.53
N4 EWB L . 7.02 -8.28 14.73
C3 EWB L . 7.83 -9.05 15.67
C16 EWB L . 7.01 -10.22 16.18
B EWB L . 8.30 -8.14 16.90
O1 EWB L . 7.10 -7.56 17.65
O2 EWB L . 9.19 -7.00 16.36
C7 EWB L . 6.53 -7.14 12.63
C8 EWB L . 6.92 -6.00 11.91
C11 EWB L . 5.97 -5.35 11.11
C12 EWB L . 4.66 -5.81 11.01
C13 EWB L . 4.28 -6.94 11.72
C14 EWB L . 5.21 -7.59 12.52
C9 EWB L . 8.31 -5.42 11.95
C17 EWB L . 8.56 -4.59 13.20
C22 EWB L . 9.86 -4.43 13.66
C21 EWB L . 10.12 -3.69 14.83
C20 EWB L . 9.06 -3.09 15.52
C19 EWB L . 7.75 -3.25 15.06
C18 EWB L . 7.49 -3.99 13.90
S SO4 M . 38.29 -14.06 12.80
O1 SO4 M . 37.39 -15.15 13.18
O2 SO4 M . 37.73 -13.25 11.71
O3 SO4 M . 39.55 -14.66 12.35
O4 SO4 M . 38.48 -13.21 14.00
S SO4 N . 9.80 -0.64 2.63
O1 SO4 N . 9.01 0.04 3.66
O2 SO4 N . 10.17 0.33 1.59
O3 SO4 N . 8.98 -1.70 2.05
O4 SO4 N . 11.02 -1.22 3.19
S SO4 O . 9.97 -23.70 3.79
O1 SO4 O . 9.42 -23.53 5.15
O2 SO4 O . 11.42 -23.90 3.88
O3 SO4 O . 9.66 -22.50 3.01
O4 SO4 O . 9.37 -24.84 3.11
S SO4 P . 22.54 -0.49 9.39
O1 SO4 P . 23.90 0.06 9.28
O2 SO4 P . 22.51 -1.52 10.41
O3 SO4 P . 22.14 -1.06 8.10
O4 SO4 P . 21.61 0.59 9.75
O6 EWB Q . -4.28 15.96 5.03
C5 EWB Q . -3.08 15.87 5.24
N4 EWB Q . -2.38 16.86 5.79
C3 EWB Q . -3.01 18.11 6.17
C16 EWB Q . -2.86 19.09 5.02
B EWB Q . -2.30 18.68 7.48
O1 EWB Q . -0.78 18.56 7.29
O2 EWB Q . -2.76 17.85 8.69
C7 EWB Q . -2.34 14.62 4.85
C8 EWB Q . -2.69 13.35 5.32
C11 EWB Q . -1.95 12.25 4.91
C12 EWB Q . -0.86 12.41 4.05
C13 EWB Q . -0.51 13.67 3.58
C14 EWB Q . -1.26 14.76 4.00
C9 EWB Q . -3.87 13.08 6.26
C17 EWB Q . -3.65 13.56 7.67
C22 EWB Q . -4.53 14.50 8.23
C21 EWB Q . -4.35 14.95 9.54
C20 EWB Q . -3.30 14.45 10.30
C19 EWB Q . -2.42 13.49 9.76
C18 EWB Q . -2.60 13.04 8.45
S SO4 R . -32.80 24.22 10.16
O1 SO4 R . -31.41 23.89 9.86
O2 SO4 R . -33.17 25.43 9.41
O3 SO4 R . -32.88 24.47 11.61
O4 SO4 R . -33.63 23.07 9.79
S SO4 S . -7.63 3.93 4.47
O1 SO4 S . -6.66 3.02 3.85
O2 SO4 S . -8.58 4.38 3.45
O3 SO4 S . -6.90 5.08 5.04
O4 SO4 S . -8.37 3.21 5.52
S SO4 T . -10.70 20.70 -11.41
O1 SO4 T . -11.75 21.03 -10.47
O2 SO4 T . -9.40 20.82 -10.74
O3 SO4 T . -10.80 21.65 -12.52
O4 SO4 T . -10.88 19.32 -11.87
S SO4 U . -17.19 10.36 12.95
O1 SO4 U . -16.67 9.08 12.46
O2 SO4 U . -18.61 10.19 13.27
O3 SO4 U . -17.02 11.39 11.91
O4 SO4 U . -16.44 10.72 14.14
O6 EWB V . 13.65 17.56 -22.66
C5 EWB V . 12.81 16.71 -22.37
N4 EWB V . 12.10 16.10 -23.32
C3 EWB V . 12.31 16.44 -24.71
C16 EWB V . 11.16 17.37 -25.09
B EWB V . 12.35 15.17 -25.69
O1 EWB V . 11.07 14.34 -25.55
O2 EWB V . 13.60 14.33 -25.38
C7 EWB V . 12.56 16.40 -20.92
C8 EWB V . 13.53 15.88 -20.07
C11 EWB V . 13.21 15.65 -18.73
C12 EWB V . 11.93 15.95 -18.24
C13 EWB V . 10.97 16.48 -19.07
C14 EWB V . 11.30 16.70 -20.41
C9 EWB V . 14.94 15.53 -20.54
C17 EWB V . 14.94 14.33 -21.47
C22 EWB V . 15.79 14.34 -22.59
C21 EWB V . 15.80 13.24 -23.47
C20 EWB V . 14.98 12.14 -23.24
C19 EWB V . 14.14 12.13 -22.11
C18 EWB V . 14.12 13.22 -21.23
S SO4 W . 36.83 33.22 -33.94
O1 SO4 W . 37.21 32.18 -34.90
O2 SO4 W . 35.51 33.75 -34.31
O3 SO4 W . 37.81 34.31 -33.96
O4 SO4 W . 36.80 32.68 -32.59
S SO4 X . 20.30 15.85 -12.91
O1 SO4 X . 19.63 14.97 -13.86
O2 SO4 X . 19.36 16.90 -12.47
O3 SO4 X . 21.47 16.45 -13.55
O4 SO4 X . 20.74 15.10 -11.73
S SO4 Y . 9.07 34.49 -18.64
O1 SO4 Y . 10.01 33.43 -19.00
O2 SO4 Y . 7.76 34.19 -19.23
O3 SO4 Y . 9.56 35.76 -19.17
O4 SO4 Y . 8.96 34.55 -17.19
S SO4 Z . 29.74 16.59 -22.10
O1 SO4 Z . 28.74 17.61 -22.37
O2 SO4 Z . 31.04 17.23 -21.96
O3 SO4 Z . 29.78 15.60 -23.18
O4 SO4 Z . 29.41 15.90 -20.85
CO CO AA . 32.21 33.39 -11.00
CO CO BA . 22.91 -4.57 -40.89
#